data_6HIO
#
_entry.id   6HIO
#
_cell.length_a   1
_cell.length_b   1
_cell.length_c   1
_cell.angle_alpha   90
_cell.angle_beta   90
_cell.angle_gamma   90
#
_symmetry.space_group_name_H-M   'P 1'
#
loop_
_entity.id
_entity.type
_entity.pdbx_description
1 polymer '5-hydroxytryptamine receptor 3A'
2 branched 2-acetamido-2-deoxy-beta-D-glucopyranose-(1-4)-2-acetamido-2-deoxy-beta-D-glucopyranose
3 non-polymer 2-acetamido-2-deoxy-beta-D-glucopyranose
4 non-polymer SEROTONIN
#
_entity_poly.entity_id   1
_entity_poly.type   'polypeptide(L)'
_entity_poly.pdbx_seq_one_letter_code
;QPALLRLSDHLLANYKKGVRPVRDWRKPTTVSIDVIMYAILNVDEKNQVLTTYIWYRQYWTDEFLQWTPEDFDNVTKLSI
PTDSIWVPDILINEFVDVGKSPNIPYVYVHHRGEVQNYKPLQLVTACSLDIYNFPFDVQNCSLTFTSWLHTIQDINITLW
RSPEEVRSDKSIFINQGEWELLEVFPQFKEFSIDISNSYAEMKFYVIIRRRPLFYAVSLLLPSIFLMVVDIVGFCLPPDS
GERVSFKITLLLGYSVFLIIVSDTLPATAIGTPLIGVYFVVCMALLVISLAETIFIVRLVHKQDLQRPVPDWLRHLVLDR
IAWILCLGEQPMAHRPPATFQANKTDDCSGSDLLPAMGNHCSHVGGPQDLEKTPRGRGSPLPPPREASLAVRGLLQELSS
IRHFLEKRDEMREVARDWLRVGYVLDRLLFRIYLLAVLAYSITLVTLWSIAW
;
_entity_poly.pdbx_strand_id   A,E,B,C,D
#
loop_
_chem_comp.id
_chem_comp.type
_chem_comp.name
_chem_comp.formula
NAG D-saccharide, beta linking 2-acetamido-2-deoxy-beta-D-glucopyranose 'C8 H15 N O6'
SRO non-polymer SEROTONIN 'C10 H12 N2 O'
#
# COMPACT_ATOMS: atom_id res chain seq x y z
N GLN A 1 34.63 53.23 -16.07
CA GLN A 1 34.38 51.79 -16.10
C GLN A 1 33.65 51.32 -14.86
N PRO A 2 32.52 50.63 -15.05
CA PRO A 2 31.87 49.96 -13.92
C PRO A 2 32.77 48.87 -13.36
N ALA A 3 32.90 48.87 -12.04
CA ALA A 3 34.05 48.25 -11.41
C ALA A 3 33.84 46.81 -11.03
N LEU A 4 32.61 46.36 -10.85
CA LEU A 4 32.42 45.03 -10.28
C LEU A 4 32.73 43.95 -11.29
N LEU A 5 32.20 44.08 -12.51
CA LEU A 5 32.53 43.14 -13.55
C LEU A 5 33.94 43.33 -14.06
N ARG A 6 34.55 44.49 -13.78
CA ARG A 6 35.96 44.69 -14.08
C ARG A 6 36.81 43.73 -13.26
N LEU A 7 36.37 43.40 -12.05
CA LEU A 7 37.07 42.39 -11.27
C LEU A 7 36.91 41.01 -11.91
N SER A 8 35.68 40.67 -12.28
CA SER A 8 35.37 39.31 -12.73
C SER A 8 36.08 38.99 -14.03
N ASP A 9 36.18 39.97 -14.92
CA ASP A 9 36.96 39.77 -16.13
C ASP A 9 38.44 39.65 -15.80
N HIS A 10 38.92 40.44 -14.85
CA HIS A 10 40.30 40.32 -14.45
C HIS A 10 40.54 39.04 -13.68
N LEU A 11 39.52 38.54 -13.00
CA LEU A 11 39.76 37.34 -12.21
C LEU A 11 39.64 36.10 -13.07
N LEU A 12 38.53 35.94 -13.78
CA LEU A 12 38.22 34.68 -14.43
C LEU A 12 38.69 34.62 -15.87
N ALA A 13 39.69 35.42 -16.22
CA ALA A 13 40.16 35.42 -17.60
C ALA A 13 40.89 34.14 -17.92
N ASN A 14 41.68 33.63 -16.98
CA ASN A 14 42.51 32.46 -17.24
C ASN A 14 42.34 31.41 -16.17
N TYR A 15 41.25 31.48 -15.41
CA TYR A 15 41.04 30.49 -14.37
C TYR A 15 40.59 29.21 -15.03
N LYS A 16 41.54 28.35 -15.35
CA LYS A 16 41.19 27.05 -15.90
C LYS A 16 40.64 26.19 -14.78
N LYS A 17 39.33 25.97 -14.80
CA LYS A 17 38.63 25.31 -13.70
C LYS A 17 38.95 23.84 -13.57
N GLY A 18 39.72 23.26 -14.48
CA GLY A 18 40.03 21.85 -14.39
C GLY A 18 41.25 21.53 -13.57
N VAL A 19 41.58 22.38 -12.61
CA VAL A 19 42.75 22.22 -11.78
C VAL A 19 42.31 22.31 -10.33
N ARG A 20 42.69 21.34 -9.53
CA ARG A 20 42.63 21.56 -8.10
C ARG A 20 43.62 22.65 -7.76
N PRO A 21 43.17 23.85 -7.39
CA PRO A 21 44.04 25.02 -7.51
C PRO A 21 44.94 25.17 -6.30
N VAL A 22 46.23 25.36 -6.58
CA VAL A 22 47.23 25.54 -5.53
C VAL A 22 48.44 26.18 -6.18
N ARG A 23 49.28 26.82 -5.37
CA ARG A 23 50.54 27.29 -5.90
C ARG A 23 51.56 26.16 -5.97
N ASP A 24 51.63 25.35 -4.92
CA ASP A 24 52.60 24.26 -4.84
C ASP A 24 51.85 22.95 -4.66
N TRP A 25 52.14 21.98 -5.52
CA TRP A 25 51.34 20.78 -5.58
C TRP A 25 51.53 19.85 -4.40
N ARG A 26 52.57 20.05 -3.59
CA ARG A 26 52.68 19.26 -2.38
C ARG A 26 51.65 19.69 -1.33
N LYS A 27 51.18 20.92 -1.40
CA LYS A 27 50.31 21.43 -0.35
C LYS A 27 48.91 20.87 -0.51
N PRO A 28 48.32 20.30 0.54
CA PRO A 28 46.93 19.85 0.47
C PRO A 28 45.99 21.02 0.72
N THR A 29 45.10 21.27 -0.23
CA THR A 29 44.14 22.37 -0.09
C THR A 29 43.06 21.95 0.86
N THR A 30 43.07 22.47 2.07
CA THR A 30 42.20 22.00 3.12
C THR A 30 40.83 22.64 2.99
N VAL A 31 39.81 21.81 2.79
CA VAL A 31 38.45 22.29 2.86
C VAL A 31 38.04 22.24 4.32
N SER A 32 36.93 22.91 4.64
CA SER A 32 36.59 23.20 6.02
C SER A 32 35.11 23.47 6.08
N ILE A 33 34.37 22.64 6.83
CA ILE A 33 32.94 22.51 6.71
C ILE A 33 32.30 22.56 8.09
N ASP A 34 30.98 22.48 8.10
CA ASP A 34 30.21 22.11 9.28
C ASP A 34 28.90 21.51 8.81
N VAL A 35 28.00 21.25 9.74
CA VAL A 35 26.62 21.01 9.41
C VAL A 35 25.79 21.84 10.37
N ILE A 36 24.59 22.17 9.95
CA ILE A 36 23.57 22.78 10.81
C ILE A 36 22.32 21.97 10.52
N MET A 37 22.00 21.03 11.40
CA MET A 37 20.92 20.12 11.08
C MET A 37 19.57 20.78 11.29
N TYR A 38 18.74 20.75 10.25
CA TYR A 38 17.48 21.47 10.25
C TYR A 38 16.35 20.61 10.78
N ALA A 39 16.12 19.46 10.15
CA ALA A 39 14.97 18.65 10.53
C ALA A 39 15.23 17.21 10.18
N ILE A 40 14.44 16.34 10.81
CA ILE A 40 14.43 14.92 10.49
C ILE A 40 13.10 14.62 9.84
N LEU A 41 13.14 14.22 8.57
CA LEU A 41 11.90 14.16 7.81
C LEU A 41 11.14 12.88 8.09
N ASN A 42 11.78 11.74 7.93
CA ASN A 42 11.09 10.47 8.10
C ASN A 42 12.12 9.42 8.46
N VAL A 43 11.72 8.51 9.33
CA VAL A 43 12.50 7.33 9.63
C VAL A 43 11.60 6.14 9.31
N ASP A 44 11.71 5.62 8.11
CA ASP A 44 11.07 4.36 7.76
C ASP A 44 12.03 3.24 8.12
N GLU A 45 11.77 2.61 9.26
CA GLU A 45 12.67 1.62 9.81
C GLU A 45 12.71 0.36 8.96
N LYS A 46 11.60 0.06 8.28
CA LYS A 46 11.54 -1.15 7.46
C LYS A 46 12.45 -1.02 6.26
N ASN A 47 12.67 0.18 5.76
CA ASN A 47 13.58 0.36 4.64
C ASN A 47 15.01 0.59 5.07
N GLN A 48 15.26 0.72 6.38
CA GLN A 48 16.61 0.88 6.95
C GLN A 48 17.26 2.17 6.42
N VAL A 49 16.46 3.19 6.16
CA VAL A 49 16.93 4.41 5.53
C VAL A 49 16.39 5.59 6.31
N LEU A 50 17.01 6.75 6.11
CA LEU A 50 16.77 7.94 6.90
C LEU A 50 16.92 9.17 6.02
N THR A 51 15.90 10.03 6.00
CA THR A 51 15.94 11.26 5.24
C THR A 51 16.10 12.46 6.16
N THR A 52 17.03 13.35 5.79
CA THR A 52 17.47 14.41 6.67
C THR A 52 17.73 15.65 5.85
N TYR A 53 17.28 16.80 6.32
CA TYR A 53 17.46 18.08 5.66
C TYR A 53 18.52 18.86 6.42
N ILE A 54 19.62 19.18 5.75
CA ILE A 54 20.81 19.70 6.44
C ILE A 54 21.26 20.97 5.75
N TRP A 55 21.40 22.05 6.51
CA TRP A 55 22.09 23.21 5.96
C TRP A 55 23.57 23.00 6.08
N TYR A 56 24.32 23.56 5.15
CA TYR A 56 25.68 23.10 4.96
C TYR A 56 26.57 24.22 4.48
N ARG A 57 27.83 24.21 4.91
CA ARG A 57 28.77 25.26 4.57
C ARG A 57 30.12 24.65 4.19
N GLN A 58 30.88 25.41 3.42
CA GLN A 58 32.24 25.07 3.04
C GLN A 58 33.06 26.34 2.95
N TYR A 59 34.35 26.24 3.24
CA TYR A 59 35.28 27.09 2.52
C TYR A 59 36.54 26.30 2.23
N TRP A 60 37.34 26.85 1.33
CA TRP A 60 38.68 26.37 1.12
C TRP A 60 39.51 27.51 0.56
N THR A 61 40.79 27.50 0.87
CA THR A 61 41.68 28.54 0.41
C THR A 61 42.05 28.26 -1.04
N ASP A 62 41.68 29.17 -1.93
CA ASP A 62 42.07 29.08 -3.33
C ASP A 62 43.24 30.01 -3.57
N GLU A 63 44.32 29.46 -4.12
CA GLU A 63 45.47 30.26 -4.48
C GLU A 63 45.14 31.27 -5.58
N PHE A 64 44.40 30.86 -6.59
CA PHE A 64 44.38 31.62 -7.83
C PHE A 64 43.43 32.80 -7.82
N LEU A 65 42.48 32.83 -6.89
CA LEU A 65 41.43 33.83 -6.93
C LEU A 65 41.73 35.00 -6.03
N GLN A 66 42.99 35.30 -5.77
CA GLN A 66 43.34 36.38 -4.88
C GLN A 66 43.39 37.68 -5.65
N TRP A 67 42.92 38.75 -5.03
CA TRP A 67 43.02 40.08 -5.61
C TRP A 67 43.43 41.04 -4.51
N THR A 68 43.48 42.31 -4.84
CA THR A 68 43.64 43.33 -3.84
C THR A 68 42.38 44.19 -3.79
N PRO A 69 41.96 44.61 -2.60
CA PRO A 69 40.84 45.56 -2.52
C PRO A 69 41.15 46.91 -3.13
N GLU A 70 42.42 47.28 -3.23
CA GLU A 70 42.83 48.38 -4.06
C GLU A 70 42.57 48.07 -5.52
N ASP A 71 42.38 49.12 -6.31
CA ASP A 71 42.13 49.12 -7.76
C ASP A 71 40.78 48.49 -8.11
N PHE A 72 39.98 48.12 -7.13
CA PHE A 72 38.63 47.65 -7.40
C PHE A 72 37.66 48.19 -6.38
N ASP A 73 38.02 49.31 -5.76
CA ASP A 73 37.14 50.10 -4.89
C ASP A 73 36.71 49.33 -3.66
N ASN A 74 37.68 48.71 -3.00
CA ASN A 74 37.53 48.13 -1.67
C ASN A 74 36.49 47.02 -1.63
N VAL A 75 36.50 46.15 -2.62
CA VAL A 75 35.57 45.03 -2.66
C VAL A 75 36.27 43.80 -2.10
N THR A 76 35.72 43.27 -1.02
CA THR A 76 36.28 42.09 -0.38
C THR A 76 35.42 40.85 -0.52
N LYS A 77 34.18 40.98 -0.96
CA LYS A 77 33.31 39.84 -1.13
C LYS A 77 32.60 39.96 -2.46
N LEU A 78 32.36 38.81 -3.08
CA LEU A 78 31.94 38.82 -4.47
C LEU A 78 31.29 37.49 -4.78
N SER A 79 30.31 37.52 -5.67
CA SER A 79 29.52 36.34 -6.00
C SER A 79 29.94 35.76 -7.34
N ILE A 80 30.08 34.44 -7.39
CA ILE A 80 30.63 33.75 -8.55
C ILE A 80 29.74 32.56 -8.92
N PRO A 81 29.48 32.34 -10.20
CA PRO A 81 28.82 31.11 -10.64
C PRO A 81 29.65 29.88 -10.32
N THR A 82 29.01 28.89 -9.70
CA THR A 82 29.73 27.73 -9.17
C THR A 82 30.40 26.92 -10.25
N ASP A 83 29.73 26.74 -11.39
CA ASP A 83 30.31 25.91 -12.43
C ASP A 83 31.37 26.64 -13.24
N SER A 84 31.77 27.82 -12.84
CA SER A 84 32.85 28.52 -13.49
C SER A 84 34.15 28.43 -12.71
N ILE A 85 34.15 27.76 -11.56
CA ILE A 85 35.36 27.59 -10.77
C ILE A 85 35.51 26.14 -10.37
N TRP A 86 36.56 25.86 -9.62
CA TRP A 86 36.78 24.55 -9.05
C TRP A 86 35.77 24.29 -7.93
N VAL A 87 35.62 23.03 -7.58
CA VAL A 87 34.76 22.63 -6.47
C VAL A 87 35.40 21.35 -5.93
N PRO A 88 35.34 21.06 -4.63
CA PRO A 88 35.77 19.75 -4.17
C PRO A 88 34.70 18.71 -4.42
N ASP A 89 35.15 17.47 -4.46
CA ASP A 89 34.32 16.35 -4.89
C ASP A 89 33.59 15.67 -3.75
N ILE A 90 33.33 16.39 -2.65
CA ILE A 90 32.87 15.70 -1.46
C ILE A 90 31.42 15.27 -1.61
N LEU A 91 31.11 14.14 -0.99
CA LEU A 91 29.76 13.66 -0.87
C LEU A 91 29.74 12.69 0.30
N ILE A 92 28.58 12.25 0.63
CA ILE A 92 28.43 11.44 1.81
C ILE A 92 28.43 9.97 1.40
N ASN A 93 28.98 9.11 2.24
CA ASN A 93 29.22 7.74 1.82
C ASN A 93 28.00 6.87 1.95
N GLU A 94 26.92 7.38 2.49
CA GLU A 94 25.81 6.54 2.89
C GLU A 94 24.51 6.98 2.24
N PHE A 95 24.61 7.65 1.11
CA PHE A 95 23.42 8.14 0.42
C PHE A 95 22.67 6.98 -0.19
N VAL A 96 21.39 7.22 -0.47
CA VAL A 96 20.63 6.38 -1.35
C VAL A 96 20.29 7.10 -2.64
N ASP A 97 19.90 8.37 -2.56
CA ASP A 97 19.61 9.13 -3.78
C ASP A 97 19.93 10.59 -3.55
N VAL A 98 20.84 11.13 -4.32
CA VAL A 98 21.03 12.57 -4.32
C VAL A 98 20.48 13.13 -5.62
N GLY A 99 19.22 13.52 -5.59
CA GLY A 99 18.64 14.24 -6.71
C GLY A 99 17.62 15.22 -6.20
N LYS A 100 17.52 15.31 -4.89
CA LYS A 100 16.51 16.14 -4.27
C LYS A 100 17.01 17.54 -3.95
N SER A 101 18.31 17.77 -4.04
CA SER A 101 18.73 19.10 -3.68
C SER A 101 18.84 19.97 -4.91
N PRO A 102 18.46 21.24 -4.84
CA PRO A 102 18.72 22.14 -5.96
C PRO A 102 20.18 22.56 -5.94
N ASN A 103 20.68 22.89 -7.11
CA ASN A 103 22.05 23.34 -7.23
C ASN A 103 22.08 24.84 -6.98
N ILE A 104 22.75 25.24 -5.91
CA ILE A 104 22.97 26.65 -5.68
C ILE A 104 23.95 27.15 -6.73
N PRO A 105 23.57 28.13 -7.53
CA PRO A 105 24.45 28.58 -8.60
C PRO A 105 25.58 29.45 -8.12
N TYR A 106 25.55 29.96 -6.91
CA TYR A 106 26.43 31.05 -6.54
C TYR A 106 27.25 30.74 -5.30
N VAL A 107 28.49 31.25 -5.30
CA VAL A 107 29.38 31.16 -4.15
C VAL A 107 30.09 32.50 -3.95
N TYR A 108 30.60 32.69 -2.73
CA TYR A 108 31.38 33.87 -2.41
C TYR A 108 32.86 33.63 -2.57
N VAL A 109 33.60 34.73 -2.68
CA VAL A 109 35.05 34.75 -2.64
C VAL A 109 35.52 35.92 -1.78
N HIS A 110 36.67 35.75 -1.15
CA HIS A 110 37.32 36.86 -0.47
C HIS A 110 38.65 37.18 -1.14
N HIS A 111 39.22 38.30 -0.75
CA HIS A 111 40.43 38.78 -1.40
C HIS A 111 41.66 38.02 -0.95
N ARG A 112 41.52 37.17 0.04
CA ARG A 112 42.59 36.29 0.45
C ARG A 112 42.56 34.98 -0.32
N GLY A 113 41.47 34.71 -1.01
CA GLY A 113 41.29 33.43 -1.67
C GLY A 113 40.43 32.46 -0.93
N GLU A 114 39.73 32.90 0.12
CA GLU A 114 38.78 32.04 0.79
C GLU A 114 37.48 32.09 0.02
N VAL A 115 37.31 31.14 -0.89
CA VAL A 115 36.03 30.97 -1.54
C VAL A 115 35.09 30.24 -0.60
N GLN A 116 33.90 30.80 -0.40
CA GLN A 116 32.95 30.29 0.57
C GLN A 116 31.75 29.75 -0.18
N ASN A 117 31.31 28.56 0.22
CA ASN A 117 30.21 27.86 -0.44
C ASN A 117 29.15 27.52 0.59
N TYR A 118 27.91 27.90 0.32
CA TYR A 118 26.78 27.37 1.06
C TYR A 118 25.91 26.60 0.10
N LYS A 119 25.23 25.59 0.61
CA LYS A 119 24.21 24.89 -0.14
C LYS A 119 23.37 24.11 0.85
N PRO A 120 22.12 23.85 0.53
CA PRO A 120 21.37 22.85 1.28
C PRO A 120 21.55 21.50 0.63
N LEU A 121 21.26 20.48 1.40
CA LEU A 121 21.33 19.11 0.88
C LEU A 121 20.41 18.24 1.72
N GLN A 122 19.61 17.45 1.04
CA GLN A 122 18.79 16.43 1.65
C GLN A 122 19.36 15.12 1.20
N LEU A 123 19.52 14.20 2.11
CA LEU A 123 19.85 12.84 1.68
C LEU A 123 19.03 11.81 2.42
N VAL A 124 18.37 10.98 1.64
CA VAL A 124 17.89 9.71 2.14
C VAL A 124 19.14 8.86 2.40
N THR A 125 19.53 8.76 3.66
CA THR A 125 20.75 8.06 3.98
C THR A 125 20.48 6.79 4.77
N ALA A 126 21.42 5.86 4.68
CA ALA A 126 21.24 4.54 5.27
C ALA A 126 22.26 4.39 6.39
N CYS A 127 21.78 4.40 7.61
CA CYS A 127 22.60 4.07 8.76
C CYS A 127 21.86 3.01 9.57
N SER A 128 22.64 2.17 10.25
CA SER A 128 22.08 1.00 10.89
C SER A 128 21.32 1.44 12.13
N LEU A 129 20.02 1.57 11.99
CA LEU A 129 19.20 2.02 13.08
C LEU A 129 18.98 0.88 14.07
N ASP A 130 18.83 1.24 15.34
CA ASP A 130 18.55 0.27 16.39
C ASP A 130 17.09 0.34 16.77
N ILE A 131 16.46 -0.81 16.91
CA ILE A 131 15.03 -0.88 17.13
C ILE A 131 14.72 -1.66 18.42
N TYR A 132 15.73 -1.90 19.24
CA TYR A 132 15.61 -2.80 20.37
C TYR A 132 14.71 -2.23 21.46
N ASN A 133 15.10 -1.09 22.02
CA ASN A 133 14.25 -0.39 22.96
C ASN A 133 13.33 0.51 22.14
N PHE A 134 12.17 -0.04 21.74
CA PHE A 134 11.42 0.58 20.64
C PHE A 134 10.84 1.96 20.95
N PRO A 135 9.95 2.15 21.92
CA PRO A 135 9.39 3.50 22.08
C PRO A 135 10.33 4.46 22.75
N PHE A 136 11.44 3.99 23.29
CA PHE A 136 12.44 4.84 23.93
C PHE A 136 13.77 4.44 23.30
N ASP A 137 14.10 5.03 22.17
CA ASP A 137 15.32 4.65 21.47
C ASP A 137 16.20 5.85 21.25
N VAL A 138 17.48 5.59 21.06
CA VAL A 138 18.43 6.57 20.58
C VAL A 138 19.10 6.00 19.35
N GLN A 139 19.24 6.81 18.32
CA GLN A 139 19.66 6.33 17.01
C GLN A 139 21.03 6.89 16.71
N ASN A 140 22.06 6.10 16.96
CA ASN A 140 23.43 6.53 16.72
C ASN A 140 23.69 6.45 15.22
N CYS A 141 23.20 7.45 14.51
CA CYS A 141 23.33 7.48 13.06
C CYS A 141 24.55 8.27 12.65
N SER A 142 25.07 7.96 11.46
CA SER A 142 26.38 8.45 11.07
C SER A 142 26.37 8.99 9.65
N LEU A 143 26.92 10.19 9.49
CA LEU A 143 27.13 10.81 8.20
C LEU A 143 28.62 11.04 8.06
N THR A 144 29.25 10.35 7.13
CA THR A 144 30.70 10.36 6.99
C THR A 144 31.03 11.15 5.72
N PHE A 145 31.44 12.40 5.89
CA PHE A 145 31.67 13.23 4.72
C PHE A 145 33.04 12.93 4.18
N THR A 146 33.14 12.78 2.87
CA THR A 146 34.32 12.16 2.30
C THR A 146 34.58 12.77 0.94
N SER A 147 35.82 13.14 0.68
CA SER A 147 36.25 13.30 -0.70
C SER A 147 36.18 11.95 -1.37
N TRP A 148 35.39 11.84 -2.42
CA TRP A 148 35.27 10.54 -3.05
C TRP A 148 36.55 10.16 -3.76
N LEU A 149 37.25 11.12 -4.32
CA LEU A 149 38.41 10.79 -5.10
C LEU A 149 39.72 11.18 -4.42
N HIS A 150 39.83 12.43 -3.99
CA HIS A 150 41.14 12.95 -3.63
C HIS A 150 41.63 12.39 -2.31
N THR A 151 42.94 12.38 -2.17
CA THR A 151 43.58 11.78 -1.02
C THR A 151 44.04 12.88 -0.07
N ILE A 152 44.74 12.46 0.99
CA ILE A 152 45.30 13.38 1.95
C ILE A 152 46.35 14.26 1.32
N GLN A 153 47.05 13.75 0.31
CA GLN A 153 47.98 14.57 -0.43
C GLN A 153 47.29 15.71 -1.16
N ASP A 154 46.07 15.47 -1.62
CA ASP A 154 45.39 16.50 -2.39
C ASP A 154 44.59 17.44 -1.50
N ILE A 155 43.74 16.91 -0.64
CA ILE A 155 42.92 17.74 0.25
C ILE A 155 42.86 17.10 1.61
N ASN A 156 42.68 17.94 2.62
CA ASN A 156 42.30 17.51 3.95
C ASN A 156 40.95 18.14 4.26
N ILE A 157 40.16 17.49 5.12
CA ILE A 157 38.88 18.06 5.51
C ILE A 157 38.95 18.39 6.98
N THR A 158 38.49 19.58 7.34
CA THR A 158 38.45 19.93 8.74
C THR A 158 37.15 20.63 9.07
N LEU A 159 37.00 21.08 10.31
CA LEU A 159 35.78 21.74 10.71
C LEU A 159 35.92 23.24 10.54
N TRP A 160 34.78 23.88 10.28
CA TRP A 160 34.70 25.33 10.36
C TRP A 160 35.03 25.79 11.78
N ARG A 161 34.19 25.41 12.72
CA ARG A 161 34.10 26.03 14.02
C ARG A 161 34.55 25.04 15.09
N SER A 162 34.41 25.46 16.34
CA SER A 162 34.72 24.59 17.46
C SER A 162 33.71 23.45 17.52
N PRO A 163 34.17 22.23 17.77
CA PRO A 163 33.24 21.08 17.82
C PRO A 163 32.28 21.15 18.96
N GLU A 164 32.57 21.94 19.99
CA GLU A 164 31.60 22.17 21.04
C GLU A 164 30.40 22.94 20.51
N GLU A 165 30.65 23.91 19.63
CA GLU A 165 29.53 24.68 19.08
C GLU A 165 28.70 23.85 18.12
N VAL A 166 29.30 22.85 17.49
CA VAL A 166 28.51 21.94 16.68
C VAL A 166 27.65 21.06 17.58
N ARG A 167 28.14 20.77 18.78
CA ARG A 167 27.55 19.73 19.62
C ARG A 167 26.16 20.11 20.11
N SER A 168 26.03 21.27 20.73
CA SER A 168 24.76 21.69 21.30
C SER A 168 24.01 22.66 20.41
N ASP A 169 24.13 22.52 19.09
CA ASP A 169 23.57 23.50 18.18
C ASP A 169 22.15 23.12 17.84
N LYS A 170 21.20 23.86 18.39
CA LYS A 170 19.78 23.73 18.08
C LYS A 170 19.26 25.08 17.67
N SER A 171 20.05 25.82 16.91
CA SER A 171 19.73 27.22 16.62
C SER A 171 18.52 27.31 15.71
N ILE A 172 18.51 26.55 14.62
CA ILE A 172 17.30 26.30 13.87
C ILE A 172 17.04 24.81 13.89
N PHE A 173 15.81 24.45 14.19
CA PHE A 173 15.40 23.05 14.22
C PHE A 173 13.90 22.96 14.22
N ILE A 174 13.35 22.07 13.38
CA ILE A 174 11.94 21.78 13.43
C ILE A 174 11.76 20.62 14.39
N ASN A 175 11.42 20.93 15.62
CA ASN A 175 10.93 19.95 16.57
C ASN A 175 9.42 19.81 16.37
N GLN A 176 8.76 19.17 17.34
CA GLN A 176 7.34 18.77 17.37
C GLN A 176 6.93 17.92 16.16
N GLY A 177 7.89 17.28 15.50
CA GLY A 177 7.55 16.26 14.54
C GLY A 177 7.44 14.96 15.30
N GLU A 178 8.22 13.97 14.92
CA GLU A 178 8.34 12.79 15.75
C GLU A 178 9.60 12.81 16.60
N TRP A 179 10.68 13.32 16.04
CA TRP A 179 12.01 13.10 16.58
C TRP A 179 12.53 14.36 17.25
N GLU A 180 13.64 14.17 17.95
CA GLU A 180 14.34 15.26 18.61
C GLU A 180 15.75 14.79 18.90
N LEU A 181 16.73 15.62 18.56
CA LEU A 181 18.12 15.24 18.73
C LEU A 181 18.65 15.81 20.03
N LEU A 182 19.52 15.05 20.69
CA LEU A 182 20.16 15.59 21.87
C LEU A 182 21.47 16.30 21.55
N GLU A 183 22.24 15.75 20.62
CA GLU A 183 23.46 16.42 20.17
C GLU A 183 23.84 15.87 18.81
N VAL A 184 24.81 16.53 18.21
CA VAL A 184 25.47 16.06 17.00
C VAL A 184 26.94 15.99 17.30
N PHE A 185 27.52 14.80 17.18
CA PHE A 185 28.91 14.62 17.56
C PHE A 185 29.77 14.54 16.32
N PRO A 186 30.64 15.51 16.08
CA PRO A 186 31.61 15.38 15.01
C PRO A 186 32.86 14.68 15.53
N GLN A 187 33.60 14.11 14.60
CA GLN A 187 34.88 13.48 14.90
C GLN A 187 35.64 13.31 13.60
N PHE A 188 36.89 13.74 13.58
CA PHE A 188 37.74 13.41 12.45
C PHE A 188 38.07 11.92 12.48
N LYS A 189 38.29 11.37 11.30
CA LYS A 189 38.85 10.04 11.17
C LYS A 189 39.84 10.09 10.03
N GLU A 190 40.86 9.26 10.08
CA GLU A 190 41.76 9.12 8.96
C GLU A 190 41.48 7.74 8.38
N PHE A 191 41.11 7.69 7.11
CA PHE A 191 40.65 6.47 6.51
C PHE A 191 41.64 5.96 5.48
N SER A 192 41.83 4.64 5.49
CA SER A 192 42.66 3.98 4.49
C SER A 192 42.15 2.57 4.40
N ILE A 193 41.47 2.23 3.30
CA ILE A 193 41.00 0.87 3.14
C ILE A 193 42.14 -0.08 2.84
N ASP A 194 43.25 0.43 2.35
CA ASP A 194 44.33 -0.38 1.80
C ASP A 194 45.64 0.32 2.11
N ILE A 195 46.69 -0.14 1.46
CA ILE A 195 47.98 0.52 1.55
C ILE A 195 48.06 1.53 0.41
N SER A 196 48.96 2.52 0.57
CA SER A 196 49.30 3.53 -0.43
C SER A 196 48.11 4.42 -0.80
N ASN A 197 47.15 4.53 0.11
CA ASN A 197 45.99 5.38 -0.08
C ASN A 197 45.54 5.83 1.29
N SER A 198 44.92 6.99 1.32
CA SER A 198 44.54 7.62 2.57
C SER A 198 43.52 8.69 2.27
N TYR A 199 42.39 8.65 2.95
CA TYR A 199 41.28 9.51 2.62
C TYR A 199 40.79 10.24 3.85
N ALA A 200 40.53 11.53 3.69
CA ALA A 200 39.95 12.30 4.76
C ALA A 200 38.49 11.97 4.91
N GLU A 201 38.08 11.62 6.11
CA GLU A 201 36.68 11.42 6.41
C GLU A 201 36.41 12.09 7.74
N MET A 202 35.25 12.69 7.89
CA MET A 202 34.94 13.30 9.16
C MET A 202 33.48 13.00 9.44
N LYS A 203 33.25 12.09 10.37
CA LYS A 203 31.95 11.55 10.62
C LYS A 203 31.07 12.57 11.32
N PHE A 204 29.81 12.22 11.46
CA PHE A 204 28.87 13.00 12.24
C PHE A 204 27.98 12.01 12.95
N TYR A 205 28.30 11.72 14.20
CA TYR A 205 27.41 10.87 14.97
C TYR A 205 26.22 11.72 15.38
N VAL A 206 25.23 11.76 14.51
CA VAL A 206 23.97 12.40 14.82
C VAL A 206 23.13 11.41 15.62
N ILE A 207 22.74 11.81 16.82
CA ILE A 207 21.90 10.96 17.65
C ILE A 207 20.58 11.66 17.88
N ILE A 208 19.50 10.92 17.70
CA ILE A 208 18.16 11.44 17.87
C ILE A 208 17.42 10.46 18.76
N ARG A 209 16.38 10.97 19.42
CA ARG A 209 15.51 10.10 20.20
C ARG A 209 14.07 10.41 19.85
N ARG A 210 13.21 9.46 20.13
CA ARG A 210 11.82 9.52 19.71
C ARG A 210 10.96 10.00 20.86
N ARG A 211 10.01 10.85 20.56
CA ARG A 211 9.03 11.20 21.58
C ARG A 211 7.99 10.09 21.63
N PRO A 212 7.91 9.34 22.73
CA PRO A 212 7.01 8.19 22.78
C PRO A 212 5.56 8.57 23.04
N LEU A 213 5.28 9.85 23.20
CA LEU A 213 4.01 10.31 23.72
C LEU A 213 2.88 10.15 22.72
N PHE A 214 3.18 9.81 21.48
CA PHE A 214 2.13 9.34 20.58
C PHE A 214 2.01 7.82 20.57
N TYR A 215 3.14 7.11 20.59
CA TYR A 215 3.07 5.66 20.43
C TYR A 215 2.53 4.97 21.67
N ALA A 216 2.57 5.63 22.82
CA ALA A 216 2.01 5.04 24.03
C ALA A 216 0.50 4.94 23.95
N VAL A 217 -0.15 5.93 23.36
CA VAL A 217 -1.60 5.93 23.30
C VAL A 217 -2.05 5.30 21.99
N SER A 218 -1.11 4.77 21.22
CA SER A 218 -1.44 4.01 20.03
C SER A 218 -1.00 2.56 20.10
N LEU A 219 -0.11 2.22 21.01
CA LEU A 219 0.27 0.82 21.08
C LEU A 219 0.13 0.25 22.49
N LEU A 220 0.42 1.04 23.52
CA LEU A 220 0.25 0.52 24.87
C LEU A 220 -1.21 0.56 25.29
N LEU A 221 -1.94 1.57 24.83
CA LEU A 221 -3.36 1.64 25.14
C LEU A 221 -4.19 0.49 24.56
N PRO A 222 -3.92 -0.07 23.37
CA PRO A 222 -4.64 -1.29 23.01
C PRO A 222 -4.32 -2.47 23.90
N SER A 223 -3.11 -2.54 24.44
CA SER A 223 -2.72 -3.74 25.15
C SER A 223 -3.38 -3.86 26.52
N ILE A 224 -3.77 -2.73 27.11
CA ILE A 224 -4.17 -2.78 28.51
C ILE A 224 -5.62 -3.22 28.68
N PHE A 225 -6.51 -2.81 27.77
CA PHE A 225 -7.88 -3.24 27.97
C PHE A 225 -8.12 -4.64 27.43
N LEU A 226 -7.19 -5.14 26.61
CA LEU A 226 -7.22 -6.55 26.26
C LEU A 226 -7.03 -7.44 27.47
N MET A 227 -6.35 -6.95 28.51
CA MET A 227 -6.35 -7.67 29.77
C MET A 227 -7.73 -7.69 30.39
N VAL A 228 -8.33 -6.50 30.55
CA VAL A 228 -9.47 -6.37 31.45
C VAL A 228 -10.75 -6.96 30.86
N VAL A 229 -10.78 -7.19 29.55
CA VAL A 229 -11.91 -7.92 28.97
C VAL A 229 -11.86 -9.38 29.38
N ASP A 230 -10.66 -9.95 29.47
CA ASP A 230 -10.54 -11.30 29.99
C ASP A 230 -10.64 -11.34 31.50
N ILE A 231 -10.17 -10.29 32.18
CA ILE A 231 -10.38 -10.16 33.62
C ILE A 231 -11.86 -10.17 33.94
N VAL A 232 -12.65 -9.42 33.18
CA VAL A 232 -14.10 -9.49 33.35
C VAL A 232 -14.65 -10.74 32.69
N GLY A 233 -13.84 -11.44 31.90
CA GLY A 233 -14.26 -12.72 31.35
C GLY A 233 -14.46 -13.81 32.37
N PHE A 234 -13.70 -13.77 33.47
CA PHE A 234 -13.89 -14.79 34.51
C PHE A 234 -15.17 -14.58 35.29
N CYS A 235 -15.68 -13.34 35.32
CA CYS A 235 -16.95 -13.07 35.97
C CYS A 235 -18.13 -13.66 35.23
N LEU A 236 -17.94 -14.12 34.00
CA LEU A 236 -18.94 -14.96 33.37
C LEU A 236 -19.03 -16.28 34.13
N PRO A 237 -20.24 -16.81 34.31
CA PRO A 237 -20.38 -18.13 34.91
C PRO A 237 -19.86 -19.19 33.96
N PRO A 238 -19.25 -20.25 34.50
CA PRO A 238 -18.62 -21.26 33.64
C PRO A 238 -19.61 -22.08 32.85
N ASP A 239 -20.79 -22.33 33.40
CA ASP A 239 -21.76 -23.24 32.80
C ASP A 239 -22.43 -22.70 31.54
N SER A 240 -22.22 -21.42 31.21
CA SER A 240 -22.88 -20.81 30.07
C SER A 240 -22.39 -21.42 28.75
N GLY A 241 -21.09 -21.68 28.64
CA GLY A 241 -20.52 -22.28 27.47
C GLY A 241 -19.95 -21.30 26.46
N GLU A 242 -20.60 -20.15 26.29
CA GLU A 242 -20.02 -19.11 25.43
C GLU A 242 -18.86 -18.40 26.08
N ARG A 243 -18.66 -18.62 27.40
CA ARG A 243 -17.48 -18.15 28.10
C ARG A 243 -16.21 -18.69 27.47
N VAL A 244 -16.26 -19.90 26.91
CA VAL A 244 -15.16 -20.40 26.11
C VAL A 244 -15.06 -19.62 24.81
N SER A 245 -16.18 -19.47 24.11
CA SER A 245 -16.21 -18.72 22.86
C SER A 245 -15.94 -17.23 23.07
N PHE A 246 -16.18 -16.75 24.29
CA PHE A 246 -15.75 -15.41 24.69
C PHE A 246 -14.25 -15.24 24.49
N LYS A 247 -13.46 -16.11 25.12
CA LYS A 247 -12.01 -15.94 25.15
C LYS A 247 -11.41 -16.07 23.76
N ILE A 248 -11.93 -17.02 22.98
CA ILE A 248 -11.39 -17.31 21.66
C ILE A 248 -11.66 -16.17 20.71
N THR A 249 -12.79 -15.49 20.92
CA THR A 249 -13.07 -14.27 20.18
C THR A 249 -11.99 -13.23 20.46
N LEU A 250 -11.56 -13.12 21.71
CA LEU A 250 -10.44 -12.24 22.02
C LEU A 250 -9.12 -12.85 21.57
N LEU A 251 -9.01 -14.18 21.63
CA LEU A 251 -7.84 -14.82 21.04
C LEU A 251 -7.81 -14.62 19.54
N LEU A 252 -8.98 -14.61 18.91
CA LEU A 252 -9.04 -14.14 17.53
C LEU A 252 -8.71 -12.65 17.45
N GLY A 253 -9.24 -11.87 18.38
CA GLY A 253 -9.02 -10.43 18.34
C GLY A 253 -7.59 -10.03 18.59
N TYR A 254 -6.91 -10.76 19.49
CA TYR A 254 -5.50 -10.48 19.72
C TYR A 254 -4.66 -10.98 18.56
N SER A 255 -5.12 -12.02 17.87
CA SER A 255 -4.43 -12.51 16.69
C SER A 255 -4.45 -11.49 15.57
N VAL A 256 -5.54 -10.73 15.48
CA VAL A 256 -5.62 -9.62 14.52
C VAL A 256 -4.58 -8.57 14.84
N PHE A 257 -4.42 -8.25 16.12
CA PHE A 257 -3.62 -7.11 16.51
C PHE A 257 -2.13 -7.37 16.33
N LEU A 258 -1.69 -8.61 16.57
CA LEU A 258 -0.28 -8.94 16.40
C LEU A 258 0.16 -8.92 14.95
N ILE A 259 -0.77 -9.07 14.02
CA ILE A 259 -0.43 -8.89 12.61
C ILE A 259 -0.24 -7.40 12.31
N ILE A 260 -1.00 -6.55 12.99
CA ILE A 260 -0.90 -5.11 12.76
C ILE A 260 0.45 -4.58 13.24
N VAL A 261 0.96 -5.14 14.34
CA VAL A 261 2.26 -4.69 14.85
C VAL A 261 3.41 -5.36 14.11
N SER A 262 3.12 -6.36 13.28
CA SER A 262 4.19 -7.10 12.61
C SER A 262 4.89 -6.26 11.57
N ASP A 263 4.13 -5.70 10.63
CA ASP A 263 4.73 -4.91 9.57
C ASP A 263 5.15 -3.51 10.01
N THR A 264 4.62 -3.02 11.13
CA THR A 264 4.98 -1.69 11.61
C THR A 264 6.43 -1.66 12.10
N LEU A 265 6.92 -2.79 12.59
CA LEU A 265 8.27 -3.05 13.05
C LEU A 265 9.11 -3.57 11.90
N PRO A 266 10.38 -3.22 11.82
CA PRO A 266 11.21 -3.60 10.67
C PRO A 266 11.64 -5.05 10.77
N ALA A 267 12.42 -5.46 9.78
CA ALA A 267 12.93 -6.82 9.68
C ALA A 267 14.35 -6.94 10.21
N THR A 268 14.66 -6.17 11.24
CA THR A 268 16.03 -6.03 11.72
C THR A 268 16.52 -7.33 12.36
N ALA A 269 17.63 -7.85 11.84
CA ALA A 269 18.13 -9.16 12.24
C ALA A 269 19.07 -9.10 13.44
N ILE A 270 19.00 -8.05 14.26
CA ILE A 270 19.68 -8.07 15.54
C ILE A 270 18.84 -8.71 16.62
N GLY A 271 17.63 -9.12 16.30
CA GLY A 271 16.74 -9.77 17.25
C GLY A 271 15.40 -9.08 17.30
N THR A 272 14.58 -9.58 18.21
CA THR A 272 13.26 -9.02 18.41
C THR A 272 13.38 -7.64 19.05
N PRO A 273 12.59 -6.66 18.59
CA PRO A 273 12.43 -5.43 19.38
C PRO A 273 11.82 -5.76 20.72
N LEU A 274 12.43 -5.21 21.79
CA LEU A 274 12.30 -5.76 23.13
C LEU A 274 10.87 -5.66 23.65
N ILE A 275 10.11 -4.68 23.18
CA ILE A 275 8.70 -4.57 23.55
C ILE A 275 7.89 -5.69 22.92
N GLY A 276 8.41 -6.36 21.88
CA GLY A 276 7.69 -7.46 21.27
C GLY A 276 7.57 -8.67 22.17
N VAL A 277 8.57 -8.90 23.01
CA VAL A 277 8.49 -10.00 23.98
C VAL A 277 7.44 -9.68 25.04
N TYR A 278 7.47 -8.45 25.56
CA TYR A 278 6.41 -7.98 26.46
C TYR A 278 5.06 -7.99 25.76
N PHE A 279 5.05 -7.76 24.46
CA PHE A 279 3.83 -7.97 23.70
C PHE A 279 3.48 -9.44 23.56
N VAL A 280 4.45 -10.29 23.19
CA VAL A 280 4.13 -11.69 22.89
C VAL A 280 3.93 -12.51 24.15
N VAL A 281 4.26 -11.98 25.32
CA VAL A 281 3.95 -12.72 26.54
C VAL A 281 2.44 -12.69 26.80
N CYS A 282 1.72 -11.74 26.21
CA CYS A 282 0.30 -11.56 26.50
C CYS A 282 -0.54 -12.71 25.96
N MET A 283 -0.20 -13.22 24.78
CA MET A 283 -0.98 -14.34 24.22
C MET A 283 -0.81 -15.60 25.04
N ALA A 284 0.41 -15.87 25.51
CA ALA A 284 0.62 -17.05 26.35
C ALA A 284 -0.06 -16.89 27.69
N LEU A 285 -0.16 -15.66 28.18
CA LEU A 285 -1.04 -15.38 29.31
C LEU A 285 -2.49 -15.64 28.96
N LEU A 286 -2.89 -15.30 27.74
CA LEU A 286 -4.25 -15.57 27.31
C LEU A 286 -4.48 -17.05 27.08
N VAL A 287 -3.46 -17.78 26.61
CA VAL A 287 -3.60 -19.22 26.41
C VAL A 287 -3.82 -19.91 27.75
N ILE A 288 -3.04 -19.53 28.76
CA ILE A 288 -3.26 -20.14 30.07
C ILE A 288 -4.53 -19.58 30.71
N SER A 289 -4.93 -18.37 30.33
CA SER A 289 -6.26 -17.91 30.69
C SER A 289 -7.32 -18.75 30.01
N LEU A 290 -7.08 -19.12 28.76
CA LEU A 290 -7.96 -20.05 28.08
C LEU A 290 -7.85 -21.45 28.66
N ALA A 291 -6.63 -21.86 29.03
CA ALA A 291 -6.42 -23.20 29.58
C ALA A 291 -7.12 -23.38 30.92
N GLU A 292 -7.29 -22.28 31.66
CA GLU A 292 -8.15 -22.33 32.83
C GLU A 292 -9.60 -22.55 32.41
N THR A 293 -10.03 -21.86 31.35
CA THR A 293 -11.44 -21.87 30.96
C THR A 293 -11.87 -23.25 30.47
N ILE A 294 -10.98 -23.94 29.77
CA ILE A 294 -11.34 -25.27 29.30
C ILE A 294 -11.34 -26.26 30.47
N PHE A 295 -10.53 -25.98 31.49
CA PHE A 295 -10.28 -26.95 32.55
C PHE A 295 -11.51 -27.13 33.41
N ILE A 296 -12.12 -26.02 33.82
CA ILE A 296 -13.30 -26.08 34.67
C ILE A 296 -14.51 -26.62 33.91
N VAL A 297 -14.60 -26.36 32.61
CA VAL A 297 -15.77 -26.86 31.90
C VAL A 297 -15.56 -28.32 31.53
N ARG A 298 -14.30 -28.76 31.40
CA ARG A 298 -14.03 -30.19 31.40
C ARG A 298 -14.34 -30.79 32.76
N LEU A 299 -14.08 -30.02 33.82
CA LEU A 299 -14.40 -30.46 35.17
C LEU A 299 -15.90 -30.43 35.43
N VAL A 300 -16.58 -29.38 34.98
CA VAL A 300 -17.98 -29.16 35.32
C VAL A 300 -18.79 -29.18 34.03
N HIS A 301 -19.57 -30.24 33.85
CA HIS A 301 -20.63 -30.37 32.86
C HIS A 301 -21.41 -31.62 33.22
N LYS A 302 -22.70 -31.64 32.86
CA LYS A 302 -23.53 -32.81 33.13
C LYS A 302 -23.16 -33.96 32.18
N GLN A 303 -22.27 -34.84 32.63
CA GLN A 303 -21.67 -35.84 31.76
C GLN A 303 -21.86 -37.25 32.28
N ASP A 304 -22.71 -37.43 33.30
CA ASP A 304 -22.90 -38.68 34.03
C ASP A 304 -21.57 -39.19 34.59
N LEU A 305 -21.00 -38.40 35.48
CA LEU A 305 -19.65 -38.62 35.95
C LEU A 305 -19.62 -39.66 37.05
N GLN A 306 -18.44 -39.82 37.64
CA GLN A 306 -18.27 -40.48 38.92
C GLN A 306 -18.38 -39.44 40.03
N ARG A 307 -18.38 -39.93 41.26
CA ARG A 307 -18.51 -39.04 42.39
C ARG A 307 -17.19 -38.31 42.67
N PRO A 308 -17.24 -37.12 43.26
CA PRO A 308 -16.01 -36.50 43.75
C PRO A 308 -15.49 -37.24 44.97
N VAL A 309 -14.20 -37.52 44.96
CA VAL A 309 -13.56 -38.23 46.06
C VAL A 309 -13.40 -37.25 47.20
N PRO A 310 -13.58 -37.69 48.46
CA PRO A 310 -13.65 -36.74 49.58
C PRO A 310 -12.32 -36.09 49.91
N ASP A 311 -11.20 -36.72 49.56
CA ASP A 311 -9.90 -36.12 49.83
C ASP A 311 -9.71 -34.84 49.04
N TRP A 312 -10.18 -34.82 47.80
CA TRP A 312 -10.24 -33.56 47.08
C TRP A 312 -11.43 -32.73 47.53
N LEU A 313 -12.50 -33.37 48.00
CA LEU A 313 -13.66 -32.60 48.45
C LEU A 313 -13.41 -31.96 49.81
N ARG A 314 -12.66 -32.65 50.69
CA ARG A 314 -12.18 -31.96 51.88
C ARG A 314 -11.11 -30.94 51.53
N HIS A 315 -10.34 -31.20 50.48
CA HIS A 315 -9.48 -30.15 49.93
C HIS A 315 -10.30 -29.06 49.29
N LEU A 316 -11.44 -29.40 48.70
CA LEU A 316 -12.39 -28.38 48.29
C LEU A 316 -13.03 -27.71 49.50
N VAL A 317 -13.22 -28.46 50.58
CA VAL A 317 -13.69 -27.85 51.82
C VAL A 317 -12.59 -27.02 52.45
N LEU A 318 -11.33 -27.44 52.28
CA LEU A 318 -10.22 -26.63 52.75
C LEU A 318 -10.05 -25.38 51.91
N ASP A 319 -10.24 -25.49 50.59
CA ASP A 319 -10.13 -24.34 49.72
C ASP A 319 -11.29 -23.38 49.92
N ARG A 320 -12.47 -23.90 50.26
CA ARG A 320 -13.58 -23.04 50.65
C ARG A 320 -13.27 -22.32 51.95
N ILE A 321 -12.60 -23.01 52.87
CA ILE A 321 -12.10 -22.35 54.07
C ILE A 321 -10.88 -21.49 53.78
N ALA A 322 -10.22 -21.70 52.63
CA ALA A 322 -9.11 -20.84 52.24
C ALA A 322 -9.57 -19.64 51.42
N TRP A 323 -10.65 -19.77 50.65
CA TRP A 323 -11.17 -18.67 49.86
C TRP A 323 -12.30 -17.93 50.55
N ILE A 324 -12.78 -18.43 51.69
CA ILE A 324 -13.81 -17.75 52.45
C ILE A 324 -13.59 -18.01 53.93
N ARG A 392 -52.58 -57.02 47.52
CA ARG A 392 -52.24 -56.15 46.41
C ARG A 392 -50.75 -55.89 46.35
N GLY A 393 -50.14 -56.14 45.20
CA GLY A 393 -48.73 -55.88 45.01
C GLY A 393 -48.47 -54.53 44.38
N LEU A 394 -49.23 -53.52 44.80
CA LEU A 394 -49.13 -52.18 44.23
C LEU A 394 -47.87 -51.44 44.64
N LEU A 395 -47.11 -51.99 45.59
CA LEU A 395 -45.89 -51.34 46.06
C LEU A 395 -44.82 -51.32 44.96
N GLN A 396 -44.72 -52.40 44.19
CA GLN A 396 -43.65 -52.51 43.21
C GLN A 396 -43.84 -51.57 42.03
N GLU A 397 -45.07 -51.10 41.80
CA GLU A 397 -45.23 -49.99 40.87
C GLU A 397 -44.78 -48.69 41.50
N LEU A 398 -45.07 -48.51 42.78
CA LEU A 398 -44.62 -47.30 43.47
C LEU A 398 -43.12 -47.31 43.67
N SER A 399 -42.52 -48.49 43.89
CA SER A 399 -41.07 -48.55 43.98
C SER A 399 -40.42 -48.37 42.62
N SER A 400 -41.14 -48.70 41.54
CA SER A 400 -40.63 -48.44 40.21
C SER A 400 -40.60 -46.94 39.92
N ILE A 401 -41.50 -46.18 40.53
CA ILE A 401 -41.53 -44.74 40.36
C ILE A 401 -40.30 -44.10 40.97
N ARG A 402 -39.98 -44.47 42.21
CA ARG A 402 -38.80 -43.91 42.86
C ARG A 402 -37.52 -44.44 42.21
N HIS A 403 -37.55 -45.69 41.74
CA HIS A 403 -36.37 -46.24 41.06
C HIS A 403 -36.07 -45.51 39.77
N PHE A 404 -37.11 -44.95 39.15
CA PHE A 404 -36.90 -44.06 38.02
C PHE A 404 -36.29 -42.74 38.46
N LEU A 405 -36.44 -42.37 39.74
CA LEU A 405 -36.05 -41.06 40.21
C LEU A 405 -35.01 -41.05 41.31
N GLU A 406 -34.78 -42.19 41.98
CA GLU A 406 -33.76 -42.24 43.02
C GLU A 406 -32.37 -42.07 42.46
N LYS A 407 -32.16 -42.40 41.19
CA LYS A 407 -30.92 -42.12 40.51
C LYS A 407 -30.99 -40.85 39.69
N ARG A 408 -32.15 -40.58 39.08
CA ARG A 408 -32.30 -39.42 38.21
C ARG A 408 -32.15 -38.12 38.99
N ASP A 409 -32.73 -38.07 40.19
CA ASP A 409 -32.48 -36.91 41.04
C ASP A 409 -31.06 -36.92 41.57
N GLU A 410 -30.49 -38.10 41.78
CA GLU A 410 -29.15 -38.19 42.34
C GLU A 410 -28.09 -37.83 41.30
N MET A 411 -28.28 -38.26 40.05
CA MET A 411 -27.32 -37.91 39.00
C MET A 411 -27.32 -36.42 38.71
N ARG A 412 -28.44 -35.76 38.96
CA ARG A 412 -28.45 -34.30 38.99
C ARG A 412 -27.59 -33.79 40.13
N GLU A 413 -27.64 -34.46 41.28
CA GLU A 413 -26.90 -33.98 42.43
C GLU A 413 -25.44 -34.39 42.39
N VAL A 414 -25.12 -35.49 41.73
CA VAL A 414 -23.73 -35.81 41.44
C VAL A 414 -23.15 -34.74 40.52
N ALA A 415 -23.96 -34.27 39.57
CA ALA A 415 -23.58 -33.13 38.76
C ALA A 415 -23.52 -31.85 39.59
N ARG A 416 -24.36 -31.76 40.62
CA ARG A 416 -24.29 -30.62 41.52
C ARG A 416 -23.04 -30.67 42.39
N ASP A 417 -22.52 -31.87 42.65
CA ASP A 417 -21.32 -31.99 43.46
C ASP A 417 -20.10 -31.47 42.72
N TRP A 418 -19.93 -31.89 41.47
CA TRP A 418 -18.85 -31.34 40.66
C TRP A 418 -19.09 -29.87 40.36
N LEU A 419 -20.34 -29.43 40.35
CA LEU A 419 -20.67 -28.02 40.18
C LEU A 419 -20.08 -27.18 41.30
N ARG A 420 -20.08 -27.73 42.52
CA ARG A 420 -19.46 -27.05 43.66
C ARG A 420 -17.97 -26.84 43.44
N VAL A 421 -17.33 -27.78 42.74
CA VAL A 421 -15.89 -27.70 42.53
C VAL A 421 -15.56 -26.56 41.57
N GLY A 422 -16.50 -26.22 40.69
CA GLY A 422 -16.23 -25.15 39.73
C GLY A 422 -16.09 -23.78 40.37
N TYR A 423 -16.99 -23.46 41.30
CA TYR A 423 -17.04 -22.09 41.81
C TYR A 423 -15.90 -21.78 42.76
N VAL A 424 -15.46 -22.78 43.53
CA VAL A 424 -14.31 -22.57 44.40
C VAL A 424 -13.05 -22.38 43.56
N LEU A 425 -12.90 -23.14 42.47
CA LEU A 425 -11.83 -22.87 41.54
C LEU A 425 -12.06 -21.57 40.80
N ASP A 426 -13.32 -21.17 40.62
CA ASP A 426 -13.59 -19.88 39.98
C ASP A 426 -13.09 -18.73 40.85
N ARG A 427 -13.22 -18.84 42.17
CA ARG A 427 -12.73 -17.79 43.05
C ARG A 427 -11.20 -17.74 43.06
N LEU A 428 -10.56 -18.88 43.34
CA LEU A 428 -9.13 -18.88 43.63
C LEU A 428 -8.31 -18.65 42.38
N LEU A 429 -8.71 -19.23 41.24
CA LEU A 429 -8.00 -18.97 40.01
C LEU A 429 -8.19 -17.56 39.51
N PHE A 430 -9.27 -16.89 39.93
CA PHE A 430 -9.47 -15.50 39.56
C PHE A 430 -8.43 -14.59 40.21
N ARG A 431 -8.18 -14.80 41.50
CA ARG A 431 -7.17 -14.03 42.21
C ARG A 431 -5.78 -14.30 41.66
N ILE A 432 -5.43 -15.59 41.53
CA ILE A 432 -4.08 -15.94 41.08
C ILE A 432 -3.88 -15.59 39.61
N TYR A 433 -4.96 -15.47 38.84
CA TYR A 433 -4.80 -14.85 37.53
C TYR A 433 -4.59 -13.35 37.69
N LEU A 434 -5.38 -12.71 38.56
CA LEU A 434 -5.29 -11.27 38.72
C LEU A 434 -3.95 -10.88 39.35
N LEU A 435 -3.51 -11.62 40.36
CA LEU A 435 -2.25 -11.29 41.00
C LEU A 435 -1.06 -11.61 40.11
N ALA A 436 -1.20 -12.56 39.18
CA ALA A 436 -0.15 -12.77 38.19
C ALA A 436 -0.01 -11.57 37.27
N VAL A 437 -1.13 -11.00 36.85
CA VAL A 437 -1.10 -9.89 35.92
C VAL A 437 -0.65 -8.61 36.61
N LEU A 438 -1.21 -8.34 37.80
CA LEU A 438 -0.95 -7.07 38.48
C LEU A 438 0.49 -6.98 38.96
N ALA A 439 1.05 -8.10 39.42
CA ALA A 439 2.47 -8.10 39.77
C ALA A 439 3.34 -8.00 38.52
N TYR A 440 2.88 -8.54 37.40
CA TYR A 440 3.60 -8.36 36.14
C TYR A 440 3.55 -6.92 35.67
N SER A 441 2.43 -6.23 35.93
CA SER A 441 2.25 -4.87 35.42
C SER A 441 3.17 -3.89 36.12
N ILE A 442 3.39 -4.06 37.43
CA ILE A 442 4.24 -3.15 38.19
C ILE A 442 5.70 -3.28 37.78
N THR A 443 6.08 -4.40 37.15
CA THR A 443 7.43 -4.54 36.61
C THR A 443 7.63 -3.61 35.41
N LEU A 444 6.57 -3.42 34.62
CA LEU A 444 6.70 -2.63 33.41
C LEU A 444 6.80 -1.13 33.70
N VAL A 445 6.08 -0.65 34.73
CA VAL A 445 6.14 0.78 35.04
C VAL A 445 7.45 1.14 35.71
N THR A 446 8.14 0.18 36.33
CA THR A 446 9.52 0.42 36.74
C THR A 446 10.42 0.58 35.53
N LEU A 447 10.14 -0.17 34.46
CA LEU A 447 10.87 0.01 33.22
C LEU A 447 10.51 1.29 32.51
N TRP A 448 9.37 1.90 32.86
CA TRP A 448 9.04 3.21 32.32
C TRP A 448 9.99 4.27 32.86
N SER A 449 10.14 4.33 34.19
CA SER A 449 10.98 5.35 34.80
C SER A 449 12.47 5.11 34.54
N ILE A 450 12.86 3.88 34.21
CA ILE A 450 14.24 3.65 33.76
C ILE A 450 14.42 4.13 32.33
N ALA A 451 13.45 3.82 31.47
CA ALA A 451 13.47 4.39 30.12
C ALA A 451 13.20 5.88 30.14
N TRP A 452 12.51 6.37 31.16
CA TRP A 452 12.30 7.80 31.32
C TRP A 452 12.91 8.31 32.62
N GLN B 1 55.93 31.12 -13.59
CA GLN B 1 54.69 30.46 -13.99
C GLN B 1 54.25 29.42 -12.98
N PRO B 2 53.01 29.53 -12.50
CA PRO B 2 52.43 28.45 -11.69
C PRO B 2 52.32 27.18 -12.51
N ALA B 3 52.76 26.08 -11.92
CA ALA B 3 53.17 24.93 -12.71
C ALA B 3 52.06 23.92 -12.93
N LEU B 4 51.04 23.88 -12.08
CA LEU B 4 50.09 22.78 -12.16
C LEU B 4 49.17 22.95 -13.36
N LEU B 5 48.61 24.14 -13.53
CA LEU B 5 47.80 24.40 -14.71
C LEU B 5 48.64 24.51 -15.96
N ARG B 6 49.95 24.74 -15.82
CA ARG B 6 50.86 24.67 -16.96
C ARG B 6 50.87 23.28 -17.56
N LEU B 7 50.70 22.26 -16.73
CA LEU B 7 50.58 20.92 -17.26
C LEU B 7 49.28 20.74 -18.01
N SER B 8 48.17 21.20 -17.42
CA SER B 8 46.84 20.94 -17.96
C SER B 8 46.64 21.63 -19.29
N ASP B 9 47.18 22.82 -19.44
CA ASP B 9 47.15 23.47 -20.74
C ASP B 9 48.03 22.74 -21.73
N HIS B 10 49.18 22.26 -21.29
CA HIS B 10 50.03 21.48 -22.17
C HIS B 10 49.42 20.13 -22.47
N LEU B 11 48.65 19.60 -21.54
CA LEU B 11 48.10 18.27 -21.79
C LEU B 11 46.85 18.34 -22.64
N LEU B 12 45.87 19.13 -22.23
CA LEU B 12 44.54 19.09 -22.84
C LEU B 12 44.37 20.08 -23.96
N ALA B 13 45.47 20.51 -24.58
CA ALA B 13 45.36 21.49 -25.65
C ALA B 13 44.73 20.87 -26.89
N ASN B 14 45.08 19.63 -27.20
CA ASN B 14 44.63 19.01 -28.42
C ASN B 14 44.03 17.63 -28.15
N TYR B 15 43.66 17.36 -26.92
CA TYR B 15 43.09 16.05 -26.60
C TYR B 15 41.65 16.05 -27.11
N LYS B 16 41.49 15.59 -28.34
CA LYS B 16 40.15 15.45 -28.89
C LYS B 16 39.49 14.25 -28.22
N LYS B 17 38.54 14.51 -27.34
CA LYS B 17 37.95 13.48 -26.49
C LYS B 17 37.07 12.51 -27.25
N GLY B 18 36.83 12.73 -28.54
CA GLY B 18 35.97 11.84 -29.28
C GLY B 18 36.69 10.67 -29.91
N VAL B 19 37.80 10.25 -29.33
CA VAL B 19 38.61 9.17 -29.84
C VAL B 19 38.82 8.18 -28.72
N ARG B 20 38.56 6.91 -28.98
CA ARG B 20 39.09 5.89 -28.10
C ARG B 20 40.60 5.91 -28.23
N PRO B 21 41.33 6.37 -27.23
CA PRO B 21 42.70 6.84 -27.48
C PRO B 21 43.69 5.70 -27.48
N VAL B 22 44.52 5.66 -28.52
CA VAL B 22 45.54 4.63 -28.66
C VAL B 22 46.56 5.15 -29.66
N ARG B 23 47.77 4.61 -29.61
CA ARG B 23 48.72 4.93 -30.66
C ARG B 23 48.46 4.10 -31.92
N ASP B 24 48.20 2.82 -31.75
CA ASP B 24 47.96 1.92 -32.88
C ASP B 24 46.59 1.29 -32.73
N TRP B 25 45.78 1.39 -33.79
CA TRP B 25 44.38 1.04 -33.69
C TRP B 25 44.15 -0.46 -33.59
N ARG B 26 45.14 -1.28 -33.89
CA ARG B 26 44.96 -2.71 -33.63
C ARG B 26 44.97 -3.03 -32.16
N LYS B 27 45.60 -2.20 -31.34
CA LYS B 27 45.76 -2.54 -29.93
C LYS B 27 44.46 -2.32 -29.18
N PRO B 28 43.99 -3.30 -28.41
CA PRO B 28 42.81 -3.10 -27.58
C PRO B 28 43.20 -2.43 -26.28
N THR B 29 42.60 -1.28 -25.99
CA THR B 29 42.89 -0.55 -24.77
C THR B 29 42.19 -1.23 -23.61
N THR B 30 42.96 -1.94 -22.79
CA THR B 30 42.38 -2.79 -21.77
C THR B 30 42.00 -1.97 -20.55
N VAL B 31 40.72 -1.96 -20.22
CA VAL B 31 40.29 -1.38 -18.95
C VAL B 31 40.44 -2.48 -17.91
N SER B 32 40.38 -2.08 -16.65
CA SER B 32 40.79 -2.95 -15.55
C SER B 32 40.12 -2.43 -14.29
N ILE B 33 39.29 -3.27 -13.68
CA ILE B 33 38.31 -2.84 -12.70
C ILE B 33 38.35 -3.75 -11.49
N ASP B 34 37.51 -3.44 -10.51
CA ASP B 34 37.12 -4.37 -9.47
C ASP B 34 35.75 -3.93 -8.96
N VAL B 35 35.30 -4.58 -7.91
CA VAL B 35 34.19 -4.05 -7.12
C VAL B 35 34.60 -4.16 -5.66
N ILE B 36 34.02 -3.31 -4.83
CA ILE B 36 34.12 -3.41 -3.39
C ILE B 36 32.69 -3.26 -2.91
N MET B 37 32.04 -4.37 -2.58
CA MET B 37 30.62 -4.28 -2.29
C MET B 37 30.39 -3.73 -0.90
N TYR B 38 29.58 -2.68 -0.83
CA TYR B 38 29.37 -1.95 0.42
C TYR B 38 28.19 -2.51 1.20
N ALA B 39 27.01 -2.55 0.58
CA ALA B 39 25.84 -2.96 1.33
C ALA B 39 24.80 -3.52 0.38
N ILE B 40 23.86 -4.24 0.96
CA ILE B 40 22.69 -4.73 0.23
C ILE B 40 21.49 -3.99 0.78
N LEU B 41 20.85 -3.19 -0.06
CA LEU B 41 19.86 -2.27 0.45
C LEU B 41 18.52 -2.96 0.68
N ASN B 42 18.00 -3.60 -0.36
CA ASN B 42 16.69 -4.21 -0.25
C ASN B 42 16.60 -5.34 -1.26
N VAL B 43 15.92 -6.40 -0.86
CA VAL B 43 15.58 -7.48 -1.77
C VAL B 43 14.07 -7.60 -1.72
N ASP B 44 13.39 -6.94 -2.65
CA ASP B 44 11.97 -7.14 -2.84
C ASP B 44 11.81 -8.28 -3.83
N GLU B 45 11.50 -9.45 -3.29
CA GLU B 45 11.44 -10.66 -4.08
C GLU B 45 10.27 -10.65 -5.05
N LYS B 46 9.19 -9.96 -4.68
CA LYS B 46 8.02 -9.91 -5.55
C LYS B 46 8.31 -9.12 -6.82
N ASN B 47 9.20 -8.16 -6.76
CA ASN B 47 9.55 -7.42 -7.95
C ASN B 47 10.70 -8.04 -8.72
N GLN B 48 11.32 -9.10 -8.19
CA GLN B 48 12.41 -9.84 -8.83
C GLN B 48 13.61 -8.92 -9.10
N VAL B 49 13.82 -7.96 -8.22
CA VAL B 49 14.85 -6.94 -8.43
C VAL B 49 15.63 -6.80 -7.13
N LEU B 50 16.82 -6.20 -7.25
CA LEU B 50 17.80 -6.14 -6.18
C LEU B 50 18.56 -4.84 -6.26
N THR B 51 18.60 -4.09 -5.17
CA THR B 51 19.33 -2.84 -5.08
C THR B 51 20.60 -2.99 -4.26
N THR B 52 21.70 -2.49 -4.80
CA THR B 52 23.02 -2.76 -4.25
C THR B 52 23.87 -1.52 -4.39
N TYR B 53 24.61 -1.18 -3.33
CA TYR B 53 25.49 -0.02 -3.31
C TYR B 53 26.92 -0.52 -3.40
N ILE B 54 27.63 -0.13 -4.45
CA ILE B 54 28.91 -0.74 -4.79
C ILE B 54 29.94 0.36 -4.99
N TRP B 55 31.06 0.28 -4.27
CA TRP B 55 32.17 1.13 -4.61
C TRP B 55 32.94 0.52 -5.75
N TYR B 56 33.54 1.36 -6.57
CA TYR B 56 33.94 0.88 -7.89
C TYR B 56 35.18 1.61 -8.37
N ARG B 57 36.04 0.91 -9.10
CA ARG B 57 37.29 1.48 -9.57
C ARG B 57 37.52 1.09 -11.02
N GLN B 58 38.33 1.89 -11.70
CA GLN B 58 38.76 1.64 -13.06
C GLN B 58 40.18 2.16 -13.23
N TYR B 59 40.95 1.52 -14.09
CA TYR B 59 41.94 2.27 -14.83
C TYR B 59 42.01 1.75 -16.24
N TRP B 60 42.65 2.54 -17.10
CA TRP B 60 43.01 2.08 -18.42
C TRP B 60 44.20 2.90 -18.87
N THR B 61 45.04 2.28 -19.69
CA THR B 61 46.23 2.96 -20.19
C THR B 61 45.81 3.88 -21.33
N ASP B 62 46.02 5.17 -21.15
CA ASP B 62 45.79 6.15 -22.21
C ASP B 62 47.11 6.50 -22.84
N GLU B 63 47.17 6.36 -24.16
CA GLU B 63 48.36 6.76 -24.91
C GLU B 63 48.62 8.24 -24.82
N PHE B 64 47.57 9.07 -24.95
CA PHE B 64 47.79 10.46 -25.27
C PHE B 64 48.11 11.33 -24.08
N LEU B 65 47.84 10.86 -22.87
CA LEU B 65 47.96 11.71 -21.70
C LEU B 65 49.28 11.52 -20.99
N GLN B 66 50.32 11.11 -21.70
CA GLN B 66 51.59 10.87 -21.06
C GLN B 66 52.39 12.16 -20.99
N TRP B 67 53.09 12.35 -19.88
CA TRP B 67 53.98 13.48 -19.74
C TRP B 67 55.26 12.99 -19.09
N THR B 68 56.16 13.91 -18.79
CA THR B 68 57.31 13.59 -17.99
C THR B 68 57.21 14.34 -16.67
N PRO B 69 57.62 13.73 -15.56
CA PRO B 69 57.70 14.48 -14.30
C PRO B 69 58.72 15.59 -14.32
N GLU B 70 59.73 15.49 -15.18
CA GLU B 70 60.57 16.65 -15.48
C GLU B 70 59.75 17.72 -16.17
N ASP B 71 60.21 18.97 -16.01
CA ASP B 71 59.65 20.20 -16.58
C ASP B 71 58.28 20.52 -15.99
N PHE B 72 57.80 19.76 -15.03
CA PHE B 72 56.57 20.12 -14.33
C PHE B 72 56.70 19.84 -12.85
N ASP B 73 57.94 19.83 -12.35
CA ASP B 73 58.25 19.79 -10.92
C ASP B 73 57.76 18.51 -10.27
N ASN B 74 58.06 17.39 -10.91
CA ASN B 74 57.92 16.05 -10.33
C ASN B 74 56.47 15.72 -9.96
N VAL B 75 55.55 16.06 -10.84
CA VAL B 75 54.14 15.77 -10.60
C VAL B 75 53.79 14.48 -11.32
N THR B 76 53.37 13.49 -10.56
CA THR B 76 53.01 12.19 -11.12
C THR B 76 51.52 11.90 -11.03
N LYS B 77 50.76 12.66 -10.28
CA LYS B 77 49.33 12.44 -10.16
C LYS B 77 48.62 13.77 -10.27
N LEU B 78 47.44 13.74 -10.86
CA LEU B 78 46.80 14.97 -11.26
C LEU B 78 45.32 14.72 -11.47
N SER B 79 44.50 15.71 -11.18
CA SER B 79 43.05 15.59 -11.21
C SER B 79 42.48 16.23 -12.46
N ILE B 80 41.56 15.55 -13.12
CA ILE B 80 41.03 15.97 -14.40
C ILE B 80 39.51 15.89 -14.40
N PRO B 81 38.82 16.88 -14.97
CA PRO B 81 37.37 16.78 -15.18
C PRO B 81 37.04 15.64 -16.12
N THR B 82 36.08 14.80 -15.71
CA THR B 82 35.79 13.57 -16.45
C THR B 82 35.27 13.83 -17.84
N ASP B 83 34.42 14.83 -17.99
CA ASP B 83 33.84 15.08 -19.30
C ASP B 83 34.77 15.82 -20.24
N SER B 84 36.02 16.01 -19.86
CA SER B 84 37.00 16.59 -20.74
C SER B 84 37.92 15.56 -21.35
N ILE B 85 37.75 14.29 -21.02
CA ILE B 85 38.56 13.22 -21.59
C ILE B 85 37.67 12.10 -22.08
N TRP B 86 38.31 11.05 -22.59
CA TRP B 86 37.62 9.84 -22.98
C TRP B 86 37.14 9.09 -21.73
N VAL B 87 36.20 8.19 -21.94
CA VAL B 87 35.71 7.32 -20.88
C VAL B 87 35.28 6.04 -21.59
N PRO B 88 35.39 4.87 -20.98
CA PRO B 88 34.79 3.69 -21.59
C PRO B 88 33.30 3.64 -21.33
N ASP B 89 32.61 2.88 -22.18
CA ASP B 89 31.17 2.88 -22.22
C ASP B 89 30.55 1.81 -21.35
N ILE B 90 31.24 1.38 -20.30
CA ILE B 90 30.79 0.18 -19.61
C ILE B 90 29.57 0.47 -18.76
N LEU B 91 28.72 -0.52 -18.65
CA LEU B 91 27.58 -0.49 -17.75
C LEU B 91 27.18 -1.93 -17.53
N ILE B 92 26.25 -2.12 -16.65
CA ILE B 92 25.89 -3.45 -16.25
C ILE B 92 24.68 -3.88 -17.05
N ASN B 93 24.58 -5.18 -17.36
CA ASN B 93 23.57 -5.61 -18.31
C ASN B 93 22.23 -5.84 -17.67
N GLU B 94 22.14 -5.70 -16.36
CA GLU B 94 20.95 -6.16 -15.65
C GLU B 94 20.33 -5.04 -14.84
N PHE B 95 20.57 -3.81 -15.23
CA PHE B 95 20.03 -2.68 -14.49
C PHE B 95 18.53 -2.58 -14.70
N VAL B 96 17.89 -1.88 -13.79
CA VAL B 96 16.55 -1.39 -14.00
C VAL B 96 16.52 0.13 -14.12
N ASP B 97 17.28 0.83 -13.29
CA ASP B 97 17.32 2.29 -13.40
C ASP B 97 18.67 2.78 -12.93
N VAL B 98 19.42 3.43 -13.82
CA VAL B 98 20.61 4.12 -13.38
C VAL B 98 20.33 5.62 -13.42
N GLY B 99 19.88 6.16 -12.29
CA GLY B 99 19.76 7.59 -12.16
C GLY B 99 20.04 7.98 -10.73
N LYS B 100 20.42 7.00 -9.93
CA LYS B 100 20.63 7.22 -8.52
C LYS B 100 22.07 7.55 -8.18
N SER B 101 22.98 7.38 -9.11
CA SER B 101 24.34 7.67 -8.70
C SER B 101 24.71 9.10 -9.09
N PRO B 102 25.46 9.81 -8.26
CA PRO B 102 25.98 11.10 -8.68
C PRO B 102 27.15 10.91 -9.61
N ASN B 103 27.37 11.88 -10.46
CA ASN B 103 28.49 11.84 -11.38
C ASN B 103 29.70 12.41 -10.68
N ILE B 104 30.71 11.58 -10.47
CA ILE B 104 31.97 12.07 -9.95
C ILE B 104 32.63 12.90 -11.04
N PRO B 105 32.90 14.17 -10.78
CA PRO B 105 33.46 15.02 -11.82
C PRO B 105 34.92 14.78 -12.09
N TYR B 106 35.64 14.06 -11.22
CA TYR B 106 37.09 14.11 -11.25
C TYR B 106 37.69 12.72 -11.37
N VAL B 107 38.82 12.64 -12.09
CA VAL B 107 39.60 11.41 -12.21
C VAL B 107 41.08 11.76 -12.11
N TYR B 108 41.88 10.75 -11.79
CA TYR B 108 43.32 10.88 -11.74
C TYR B 108 43.97 10.48 -13.04
N VAL B 109 45.21 10.93 -13.21
CA VAL B 109 46.09 10.50 -14.29
C VAL B 109 47.49 10.31 -13.72
N HIS B 110 48.24 9.39 -14.33
CA HIS B 110 49.65 9.23 -14.04
C HIS B 110 50.49 9.57 -15.26
N HIS B 111 51.78 9.69 -15.04
CA HIS B 111 52.67 10.14 -16.10
C HIS B 111 52.96 9.04 -17.10
N ARG B 112 52.52 7.83 -16.82
CA ARG B 112 52.60 6.74 -17.77
C ARG B 112 51.39 6.68 -18.67
N GLY B 113 50.33 7.40 -18.31
CA GLY B 113 49.08 7.31 -19.03
C GLY B 113 48.05 6.44 -18.37
N GLU B 114 48.26 6.02 -17.13
CA GLU B 114 47.25 5.29 -16.41
C GLU B 114 46.29 6.31 -15.81
N VAL B 115 45.22 6.58 -16.51
CA VAL B 115 44.15 7.37 -15.96
C VAL B 115 43.31 6.49 -15.05
N GLN B 116 43.08 6.96 -13.84
CA GLN B 116 42.41 6.18 -12.82
C GLN B 116 41.08 6.82 -12.50
N ASN B 117 40.03 6.00 -12.43
CA ASN B 117 38.67 6.47 -12.22
C ASN B 117 38.07 5.77 -11.02
N TYR B 118 37.55 6.53 -10.08
CA TYR B 118 36.70 5.96 -9.05
C TYR B 118 35.33 6.57 -9.20
N LYS B 119 34.31 5.81 -8.82
CA LYS B 119 32.95 6.33 -8.71
C LYS B 119 32.15 5.37 -7.87
N PRO B 120 31.12 5.83 -7.20
CA PRO B 120 30.14 4.92 -6.64
C PRO B 120 29.05 4.68 -7.67
N LEU B 121 28.32 3.61 -7.45
CA LEU B 121 27.19 3.29 -8.30
C LEU B 121 26.24 2.41 -7.53
N GLN B 122 24.96 2.77 -7.58
CA GLN B 122 23.89 1.97 -7.05
C GLN B 122 23.10 1.48 -8.24
N LEU B 123 22.77 0.23 -8.25
CA LEU B 123 21.82 -0.23 -9.27
C LEU B 123 20.77 -1.14 -8.67
N VAL B 124 19.53 -0.76 -8.91
CA VAL B 124 18.43 -1.70 -8.79
C VAL B 124 18.61 -2.70 -9.94
N THR B 125 19.12 -3.87 -9.62
CA THR B 125 19.42 -4.83 -10.66
C THR B 125 18.53 -6.06 -10.55
N ALA B 126 18.36 -6.74 -11.67
CA ALA B 126 17.42 -7.86 -11.76
C ALA B 126 18.23 -9.11 -12.00
N CYS B 127 18.31 -9.97 -11.00
CA CYS B 127 18.87 -11.30 -11.16
C CYS B 127 17.87 -12.29 -10.60
N SER B 128 17.88 -13.49 -11.17
CA SER B 128 16.86 -14.48 -10.88
C SER B 128 17.10 -15.03 -9.49
N LEU B 129 16.39 -14.48 -8.53
CA LEU B 129 16.55 -14.91 -7.15
C LEU B 129 15.84 -16.24 -6.93
N ASP B 130 16.38 -17.03 -6.01
CA ASP B 130 15.80 -18.30 -5.65
C ASP B 130 15.08 -18.16 -4.30
N ILE B 131 13.88 -18.70 -4.23
CA ILE B 131 13.04 -18.53 -3.06
C ILE B 131 12.65 -19.88 -2.46
N TYR B 132 13.31 -20.95 -2.90
CA TYR B 132 12.87 -22.31 -2.58
C TYR B 132 13.09 -22.63 -1.10
N ASN B 133 14.33 -22.59 -0.65
CA ASN B 133 14.63 -22.75 0.76
C ASN B 133 14.51 -21.36 1.38
N PHE B 134 13.30 -21.00 1.84
CA PHE B 134 13.01 -19.58 2.07
C PHE B 134 13.79 -18.95 3.22
N PRO B 135 13.70 -19.39 4.48
CA PRO B 135 14.41 -18.65 5.52
C PRO B 135 15.89 -18.95 5.55
N PHE B 136 16.35 -19.94 4.80
CA PHE B 136 17.77 -20.29 4.71
C PHE B 136 18.07 -20.35 3.22
N ASP B 137 18.39 -19.23 2.61
CA ASP B 137 18.62 -19.20 1.19
C ASP B 137 20.00 -18.64 0.87
N VAL B 138 20.49 -18.99 -0.30
CA VAL B 138 21.66 -18.34 -0.87
C VAL B 138 21.27 -17.84 -2.25
N GLN B 139 21.68 -16.63 -2.56
CA GLN B 139 21.19 -15.95 -3.74
C GLN B 139 22.33 -15.78 -4.72
N ASN B 140 22.42 -16.68 -5.69
CA ASN B 140 23.49 -16.64 -6.66
C ASN B 140 23.15 -15.55 -7.68
N CYS B 141 23.40 -14.31 -7.28
CA CYS B 141 23.10 -13.17 -8.12
C CYS B 141 24.30 -12.77 -8.94
N SER B 142 24.04 -12.12 -10.07
CA SER B 142 25.07 -11.91 -11.07
C SER B 142 25.07 -10.48 -11.59
N LEU B 143 26.25 -9.88 -11.61
CA LEU B 143 26.47 -8.56 -12.19
C LEU B 143 27.49 -8.74 -13.31
N THR B 144 27.06 -8.53 -14.53
CA THR B 144 27.90 -8.81 -15.70
C THR B 144 28.33 -7.48 -16.30
N PHE B 145 29.57 -7.07 -16.03
CA PHE B 145 29.99 -5.75 -16.47
C PHE B 145 30.42 -5.86 -17.91
N THR B 146 29.99 -4.91 -18.72
CA THR B 146 30.07 -5.10 -20.16
C THR B 146 30.29 -3.75 -20.81
N SER B 147 31.23 -3.69 -21.74
CA SER B 147 31.21 -2.62 -22.72
C SER B 147 29.96 -2.78 -23.55
N TRP B 148 29.11 -1.77 -23.54
CA TRP B 148 27.88 -1.91 -24.31
C TRP B 148 28.14 -1.88 -25.79
N LEU B 149 29.13 -1.12 -26.22
CA LEU B 149 29.35 -1.00 -27.64
C LEU B 149 30.61 -1.70 -28.12
N HIS B 150 31.74 -1.43 -27.49
CA HIS B 150 33.00 -1.80 -28.08
C HIS B 150 33.25 -3.30 -28.00
N THR B 151 34.05 -3.78 -28.91
CA THR B 151 34.32 -5.19 -29.03
C THR B 151 35.69 -5.52 -28.45
N ILE B 152 36.09 -6.78 -28.60
CA ILE B 152 37.39 -7.23 -28.15
C ILE B 152 38.50 -6.55 -28.92
N GLN B 153 38.23 -6.20 -30.18
CA GLN B 153 39.20 -5.43 -30.95
C GLN B 153 39.43 -4.06 -30.34
N ASP B 154 38.40 -3.46 -29.76
CA ASP B 154 38.55 -2.11 -29.23
C ASP B 154 39.04 -2.12 -27.80
N ILE B 155 38.38 -2.87 -26.91
CA ILE B 155 38.78 -2.90 -25.51
C ILE B 155 38.65 -4.33 -25.00
N ASN B 156 39.46 -4.66 -24.01
CA ASN B 156 39.29 -5.84 -23.20
C ASN B 156 39.06 -5.39 -21.77
N ILE B 157 38.35 -6.20 -20.99
CA ILE B 157 38.13 -5.85 -19.59
C ILE B 157 38.84 -6.90 -18.75
N THR B 158 39.57 -6.43 -17.75
CA THR B 158 40.21 -7.37 -16.84
C THR B 158 40.05 -6.90 -15.41
N LEU B 159 40.66 -7.62 -14.47
CA LEU B 159 40.54 -7.25 -13.08
C LEU B 159 41.70 -6.37 -12.68
N TRP B 160 41.45 -5.51 -11.69
CA TRP B 160 42.52 -4.80 -11.01
C TRP B 160 43.46 -5.78 -10.34
N ARG B 161 42.94 -6.52 -9.37
CA ARG B 161 43.73 -7.21 -8.38
C ARG B 161 43.56 -8.71 -8.56
N SER B 162 44.15 -9.46 -7.64
CA SER B 162 43.99 -10.90 -7.63
C SER B 162 42.55 -11.27 -7.30
N PRO B 163 41.98 -12.24 -7.99
CA PRO B 163 40.58 -12.62 -7.74
C PRO B 163 40.38 -13.24 -6.37
N GLU B 164 41.45 -13.75 -5.76
CA GLU B 164 41.35 -14.20 -4.38
C GLU B 164 41.07 -13.03 -3.44
N GLU B 165 41.69 -11.88 -3.70
CA GLU B 165 41.45 -10.73 -2.84
C GLU B 165 40.06 -10.16 -3.04
N VAL B 166 39.48 -10.34 -4.22
CA VAL B 166 38.09 -9.94 -4.41
C VAL B 166 37.18 -10.88 -3.64
N ARG B 167 37.59 -12.14 -3.50
CA ARG B 167 36.70 -13.20 -3.03
C ARG B 167 36.31 -13.01 -1.57
N SER B 168 37.28 -12.85 -0.68
CA SER B 168 37.00 -12.76 0.73
C SER B 168 37.04 -11.32 1.23
N ASP B 169 36.63 -10.37 0.40
CA ASP B 169 36.78 -8.96 0.73
C ASP B 169 35.54 -8.50 1.48
N LYS B 170 35.69 -8.29 2.78
CA LYS B 170 34.68 -7.72 3.64
C LYS B 170 35.25 -6.53 4.36
N SER B 171 36.07 -5.75 3.66
CA SER B 171 36.84 -4.69 4.31
C SER B 171 35.94 -3.58 4.79
N ILE B 172 35.05 -3.10 3.93
CA ILE B 172 33.93 -2.29 4.35
C ILE B 172 32.66 -3.02 3.96
N PHE B 173 31.74 -3.10 4.91
CA PHE B 173 30.46 -3.74 4.67
C PHE B 173 29.49 -3.38 5.77
N ILE B 174 28.27 -3.01 5.40
CA ILE B 174 27.22 -2.80 6.38
C ILE B 174 26.51 -4.15 6.55
N ASN B 175 26.91 -4.88 7.56
CA ASN B 175 26.15 -6.02 8.04
C ASN B 175 25.10 -5.52 9.02
N GLN B 176 24.49 -6.45 9.76
CA GLN B 176 23.36 -6.29 10.69
C GLN B 176 22.13 -5.64 10.04
N GLY B 177 22.02 -5.72 8.72
CA GLY B 177 20.78 -5.38 8.08
C GLY B 177 19.95 -6.64 8.04
N GLU B 178 19.56 -7.08 6.85
CA GLU B 178 18.98 -8.40 6.73
C GLU B 178 19.98 -9.41 6.22
N TRP B 179 20.85 -9.00 5.32
CA TRP B 179 21.63 -9.91 4.52
C TRP B 179 23.08 -9.94 4.96
N GLU B 180 23.80 -10.91 4.41
CA GLU B 180 25.22 -11.07 4.66
C GLU B 180 25.79 -11.93 3.55
N LEU B 181 26.89 -11.51 2.96
CA LEU B 181 27.48 -12.22 1.85
C LEU B 181 28.59 -13.12 2.35
N LEU B 182 28.72 -14.29 1.74
CA LEU B 182 29.85 -15.13 2.09
C LEU B 182 31.06 -14.87 1.20
N GLU B 183 30.84 -14.63 -0.08
CA GLU B 183 31.94 -14.25 -0.96
C GLU B 183 31.35 -13.54 -2.17
N VAL B 184 32.25 -12.98 -2.97
CA VAL B 184 31.95 -12.43 -4.27
C VAL B 184 32.86 -13.13 -5.26
N PHE B 185 32.27 -13.81 -6.23
CA PHE B 185 33.06 -14.61 -7.17
C PHE B 185 33.16 -13.89 -8.49
N PRO B 186 34.33 -13.42 -8.88
CA PRO B 186 34.52 -12.90 -10.24
C PRO B 186 34.87 -14.03 -11.18
N GLN B 187 34.62 -13.79 -12.45
CA GLN B 187 35.00 -14.70 -13.51
C GLN B 187 34.94 -13.96 -14.83
N PHE B 188 36.00 -14.07 -15.61
CA PHE B 188 35.93 -13.57 -16.98
C PHE B 188 35.01 -14.46 -17.80
N LYS B 189 34.39 -13.86 -18.80
CA LYS B 189 33.69 -14.62 -19.81
C LYS B 189 33.98 -13.94 -21.13
N GLU B 190 33.98 -14.70 -22.21
CA GLU B 190 34.08 -14.12 -23.53
C GLU B 190 32.72 -14.30 -24.18
N PHE B 191 32.11 -13.19 -24.57
CA PHE B 191 30.73 -13.22 -25.03
C PHE B 191 30.64 -12.95 -26.51
N SER B 192 29.77 -13.69 -27.17
CA SER B 192 29.48 -13.46 -28.57
C SER B 192 28.08 -14.00 -28.80
N ILE B 193 27.11 -13.10 -29.01
CA ILE B 193 25.76 -13.55 -29.26
C ILE B 193 25.63 -14.12 -30.66
N ASP B 194 26.54 -13.76 -31.55
CA ASP B 194 26.41 -14.05 -32.97
C ASP B 194 27.80 -14.29 -33.54
N ILE B 195 27.90 -14.31 -34.84
CA ILE B 195 29.18 -14.39 -35.50
C ILE B 195 29.67 -12.96 -35.76
N SER B 196 30.99 -12.82 -35.96
CA SER B 196 31.66 -11.57 -36.33
C SER B 196 31.52 -10.49 -35.28
N ASN B 197 31.29 -10.89 -34.03
CA ASN B 197 31.19 -9.97 -32.92
C ASN B 197 31.65 -10.71 -31.68
N SER B 198 32.17 -9.96 -30.73
CA SER B 198 32.78 -10.53 -29.55
C SER B 198 32.90 -9.45 -28.52
N TYR B 199 32.38 -9.70 -27.33
CA TYR B 199 32.29 -8.68 -26.30
C TYR B 199 32.90 -9.15 -25.01
N ALA B 200 33.66 -8.27 -24.38
CA ALA B 200 34.22 -8.58 -23.08
C ALA B 200 33.13 -8.45 -22.03
N GLU B 201 32.97 -9.49 -21.23
CA GLU B 201 32.07 -9.46 -20.09
C GLU B 201 32.81 -10.09 -18.94
N MET B 202 32.61 -9.57 -17.75
CA MET B 202 33.25 -10.20 -16.60
C MET B 202 32.24 -10.17 -15.47
N LYS B 203 31.69 -11.34 -15.18
CA LYS B 203 30.57 -11.46 -14.28
C LYS B 203 31.02 -11.25 -12.85
N PHE B 204 30.05 -11.20 -11.96
CA PHE B 204 30.31 -11.16 -10.54
C PHE B 204 29.23 -12.00 -9.89
N TYR B 205 29.57 -13.24 -9.60
CA TYR B 205 28.62 -14.06 -8.87
C TYR B 205 28.67 -13.62 -7.41
N VAL B 206 27.86 -12.61 -7.10
CA VAL B 206 27.69 -12.18 -5.72
C VAL B 206 26.68 -13.11 -5.07
N ILE B 207 27.08 -13.76 -4.00
CA ILE B 207 26.19 -14.65 -3.26
C ILE B 207 26.00 -14.09 -1.86
N ILE B 208 24.75 -14.03 -1.44
CA ILE B 208 24.39 -13.54 -0.13
C ILE B 208 23.46 -14.56 0.50
N ARG B 209 23.42 -14.54 1.83
CA ARG B 209 22.48 -15.37 2.54
C ARG B 209 21.76 -14.53 3.57
N ARG B 210 20.61 -15.02 3.99
CA ARG B 210 19.72 -14.27 4.84
C ARG B 210 19.90 -14.70 6.29
N ARG B 211 19.89 -13.74 7.20
CA ARG B 211 19.87 -14.11 8.60
C ARG B 211 18.43 -14.45 8.98
N PRO B 212 18.12 -15.71 9.30
CA PRO B 212 16.74 -16.10 9.56
C PRO B 212 16.24 -15.70 10.93
N LEU B 213 17.09 -15.09 11.73
CA LEU B 213 16.83 -14.91 13.16
C LEU B 213 15.75 -13.88 13.43
N PHE B 214 15.31 -13.14 12.42
CA PHE B 214 14.09 -12.38 12.55
C PHE B 214 12.87 -13.12 12.04
N TYR B 215 13.01 -13.83 10.91
CA TYR B 215 11.84 -14.44 10.30
C TYR B 215 11.34 -15.64 11.08
N ALA B 216 12.19 -16.24 11.91
CA ALA B 216 11.77 -17.36 12.73
C ALA B 216 10.77 -16.93 13.78
N VAL B 217 10.97 -15.76 14.37
CA VAL B 217 10.08 -15.32 15.43
C VAL B 217 8.97 -14.46 14.84
N SER B 218 8.91 -14.38 13.51
CA SER B 218 7.79 -13.73 12.85
C SER B 218 7.00 -14.67 11.97
N LEU B 219 7.52 -15.82 11.63
CA LEU B 219 6.71 -16.72 10.84
C LEU B 219 6.61 -18.11 11.45
N LEU B 220 7.66 -18.61 12.07
CA LEU B 220 7.56 -19.92 12.69
C LEU B 220 6.86 -19.83 14.03
N LEU B 221 7.04 -18.73 14.75
CA LEU B 221 6.33 -18.55 16.02
C LEU B 221 4.81 -18.46 15.88
N PRO B 222 4.21 -17.87 14.84
CA PRO B 222 2.76 -18.02 14.70
C PRO B 222 2.32 -19.44 14.46
N SER B 223 3.13 -20.25 13.79
CA SER B 223 2.66 -21.57 13.39
C SER B 223 2.59 -22.54 14.55
N ILE B 224 3.36 -22.32 15.61
CA ILE B 224 3.50 -23.36 16.62
C ILE B 224 2.35 -23.32 17.62
N PHE B 225 1.87 -22.13 17.99
CA PHE B 225 0.79 -22.13 18.96
C PHE B 225 -0.55 -22.37 18.30
N LEU B 226 -0.61 -22.23 16.97
CA LEU B 226 -1.80 -22.67 16.25
C LEU B 226 -2.00 -24.17 16.38
N MET B 227 -0.94 -24.93 16.60
CA MET B 227 -1.13 -26.33 16.96
C MET B 227 -1.77 -26.46 18.34
N VAL B 228 -1.20 -25.80 19.34
CA VAL B 228 -1.52 -26.14 20.72
C VAL B 228 -2.88 -25.62 21.14
N VAL B 229 -3.46 -24.67 20.40
CA VAL B 229 -4.83 -24.27 20.66
C VAL B 229 -5.79 -25.38 20.26
N ASP B 230 -5.48 -26.09 19.17
CA ASP B 230 -6.27 -27.25 18.81
C ASP B 230 -5.93 -28.46 19.65
N ILE B 231 -4.67 -28.58 20.07
CA ILE B 231 -4.28 -29.61 21.03
C ILE B 231 -5.08 -29.47 22.31
N VAL B 232 -5.20 -28.24 22.81
CA VAL B 232 -6.06 -28.02 23.96
C VAL B 232 -7.52 -27.99 23.55
N GLY B 233 -7.80 -27.94 22.24
CA GLY B 233 -9.17 -28.05 21.77
C GLY B 233 -9.81 -29.40 22.01
N PHE B 234 -9.01 -30.47 22.03
CA PHE B 234 -9.60 -31.78 22.30
C PHE B 234 -9.97 -31.94 23.76
N CYS B 235 -9.33 -31.18 24.65
CA CYS B 235 -9.69 -31.21 26.06
C CYS B 235 -11.05 -30.60 26.34
N LEU B 236 -11.64 -29.90 25.37
CA LEU B 236 -13.04 -29.55 25.45
C LEU B 236 -13.88 -30.83 25.40
N PRO B 237 -14.94 -30.91 26.20
CA PRO B 237 -15.84 -32.05 26.08
C PRO B 237 -16.61 -31.99 24.78
N PRO B 238 -16.88 -33.16 24.18
CA PRO B 238 -17.52 -33.16 22.86
C PRO B 238 -18.95 -32.68 22.86
N ASP B 239 -19.69 -32.92 23.94
CA ASP B 239 -21.12 -32.65 24.01
C ASP B 239 -21.46 -31.17 24.07
N SER B 240 -20.47 -30.30 24.25
CA SER B 240 -20.73 -28.87 24.39
C SER B 240 -21.28 -28.27 23.10
N GLY B 241 -20.73 -28.67 21.95
CA GLY B 241 -21.18 -28.21 20.67
C GLY B 241 -20.39 -27.04 20.12
N GLU B 242 -19.95 -26.11 20.96
CA GLU B 242 -19.09 -25.05 20.50
C GLU B 242 -17.67 -25.52 20.25
N ARG B 243 -17.35 -26.73 20.69
CA ARG B 243 -16.09 -27.39 20.35
C ARG B 243 -15.93 -27.52 18.85
N VAL B 244 -17.02 -27.69 18.12
CA VAL B 244 -16.97 -27.61 16.66
C VAL B 244 -16.69 -26.18 16.22
N SER B 245 -17.45 -25.23 16.78
CA SER B 245 -17.26 -23.81 16.44
C SER B 245 -15.93 -23.29 16.94
N PHE B 246 -15.35 -23.95 17.95
CA PHE B 246 -13.98 -23.69 18.36
C PHE B 246 -13.01 -23.85 17.20
N LYS B 247 -13.03 -25.04 16.57
CA LYS B 247 -12.03 -25.37 15.56
C LYS B 247 -12.18 -24.48 14.34
N ILE B 248 -13.42 -24.22 13.93
CA ILE B 248 -13.68 -23.46 12.72
C ILE B 248 -13.27 -22.01 12.90
N THR B 249 -13.36 -21.51 14.13
CA THR B 249 -12.81 -20.20 14.45
C THR B 249 -11.32 -20.17 14.18
N LEU B 250 -10.63 -21.24 14.56
CA LEU B 250 -9.21 -21.34 14.22
C LEU B 250 -9.01 -21.67 12.76
N LEU B 251 -9.92 -22.45 12.16
CA LEU B 251 -9.88 -22.63 10.72
C LEU B 251 -10.15 -21.34 10.00
N LEU B 252 -11.01 -20.48 10.56
CA LEU B 252 -11.09 -19.12 10.08
C LEU B 252 -9.80 -18.37 10.37
N GLY B 253 -9.25 -18.55 11.57
CA GLY B 253 -8.05 -17.82 11.96
C GLY B 253 -6.83 -18.22 11.16
N TYR B 254 -6.71 -19.50 10.83
CA TYR B 254 -5.60 -19.94 9.99
C TYR B 254 -5.82 -19.50 8.55
N SER B 255 -7.07 -19.36 8.13
CA SER B 255 -7.37 -18.87 6.80
C SER B 255 -6.93 -17.42 6.64
N VAL B 256 -7.03 -16.64 7.73
CA VAL B 256 -6.52 -15.27 7.73
C VAL B 256 -5.02 -15.27 7.53
N PHE B 257 -4.32 -16.17 8.19
CA PHE B 257 -2.87 -16.11 8.25
C PHE B 257 -2.24 -16.52 6.92
N LEU B 258 -2.84 -17.48 6.21
CA LEU B 258 -2.30 -17.92 4.93
C LEU B 258 -2.44 -16.86 3.85
N ILE B 259 -3.37 -15.92 4.01
CA ILE B 259 -3.43 -14.78 3.10
C ILE B 259 -2.30 -13.82 3.39
N ILE B 260 -1.90 -13.70 4.66
CA ILE B 260 -0.82 -12.80 5.04
C ILE B 260 0.51 -13.29 4.47
N VAL B 261 0.72 -14.61 4.43
CA VAL B 261 1.95 -15.15 3.90
C VAL B 261 1.92 -15.22 2.38
N SER B 262 0.76 -14.99 1.77
CA SER B 262 0.64 -15.14 0.32
C SER B 262 1.40 -14.04 -0.42
N ASP B 263 1.11 -12.79 -0.11
CA ASP B 263 1.75 -11.68 -0.81
C ASP B 263 3.18 -11.42 -0.34
N THR B 264 3.56 -11.93 0.84
CA THR B 264 4.91 -11.72 1.35
C THR B 264 5.92 -12.50 0.53
N LEU B 265 5.50 -13.62 -0.04
CA LEU B 265 6.24 -14.51 -0.93
C LEU B 265 6.02 -14.08 -2.38
N PRO B 266 7.02 -14.19 -3.23
CA PRO B 266 6.89 -13.69 -4.60
C PRO B 266 6.08 -14.65 -5.45
N ALA B 267 5.95 -14.28 -6.73
CA ALA B 267 5.20 -15.06 -7.70
C ALA B 267 6.10 -15.94 -8.55
N THR B 268 7.16 -16.46 -7.95
CA THR B 268 8.22 -17.15 -8.68
C THR B 268 7.71 -18.47 -9.23
N ALA B 269 7.83 -18.64 -10.54
CA ALA B 269 7.26 -19.78 -11.23
C ALA B 269 8.19 -20.98 -11.29
N ILE B 270 9.18 -21.07 -10.40
CA ILE B 270 9.95 -22.30 -10.26
C ILE B 270 9.27 -23.28 -9.31
N GLY B 271 8.14 -22.89 -8.73
CA GLY B 271 7.41 -23.75 -7.84
C GLY B 271 7.14 -23.06 -6.52
N THR B 272 6.54 -23.82 -5.62
CA THR B 272 6.24 -23.34 -4.28
C THR B 272 7.53 -23.15 -3.50
N PRO B 273 7.68 -22.06 -2.76
CA PRO B 273 8.73 -22.00 -1.73
C PRO B 273 8.49 -23.09 -0.70
N LEU B 274 9.58 -23.82 -0.40
CA LEU B 274 9.47 -25.15 0.19
C LEU B 274 8.85 -25.13 1.58
N ILE B 275 9.00 -24.03 2.30
CA ILE B 275 8.35 -23.87 3.59
C ILE B 275 6.84 -23.73 3.44
N GLY B 276 6.36 -23.39 2.24
CA GLY B 276 4.92 -23.26 2.04
C GLY B 276 4.21 -24.59 2.10
N VAL B 277 4.86 -25.67 1.68
CA VAL B 277 4.27 -27.00 1.82
C VAL B 277 4.19 -27.40 3.28
N TYR B 278 5.27 -27.18 4.03
CA TYR B 278 5.27 -27.36 5.48
C TYR B 278 4.26 -26.44 6.14
N PHE B 279 4.04 -25.26 5.55
CA PHE B 279 2.96 -24.42 6.00
C PHE B 279 1.60 -24.99 5.61
N VAL B 280 1.42 -25.39 4.35
CA VAL B 280 0.10 -25.80 3.88
C VAL B 280 -0.28 -27.20 4.36
N VAL B 281 0.66 -27.95 4.92
CA VAL B 281 0.26 -29.23 5.50
C VAL B 281 -0.55 -29.02 6.78
N CYS B 282 -0.43 -27.84 7.39
CA CYS B 282 -1.05 -27.58 8.69
C CYS B 282 -2.56 -27.52 8.59
N MET B 283 -3.09 -26.92 7.52
CA MET B 283 -4.54 -26.85 7.37
C MET B 283 -5.16 -28.21 7.17
N ALA B 284 -4.51 -29.08 6.38
CA ALA B 284 -5.04 -30.42 6.18
C ALA B 284 -4.94 -31.23 7.46
N LEU B 285 -3.93 -30.95 8.29
CA LEU B 285 -3.91 -31.47 9.64
C LEU B 285 -5.07 -30.93 10.46
N LEU B 286 -5.40 -29.65 10.27
CA LEU B 286 -6.53 -29.07 10.96
C LEU B 286 -7.86 -29.59 10.43
N VAL B 287 -7.93 -29.88 9.14
CA VAL B 287 -9.14 -30.43 8.56
C VAL B 287 -9.42 -31.82 9.14
N ILE B 288 -8.39 -32.66 9.23
CA ILE B 288 -8.60 -33.97 9.83
C ILE B 288 -8.75 -33.83 11.34
N SER B 289 -8.18 -32.78 11.93
CA SER B 289 -8.51 -32.46 13.31
C SER B 289 -9.98 -32.07 13.42
N LEU B 290 -10.47 -31.32 12.44
CA LEU B 290 -11.89 -31.00 12.39
C LEU B 290 -12.71 -32.25 12.04
N ALA B 291 -12.19 -33.09 11.15
CA ALA B 291 -12.91 -34.29 10.75
C ALA B 291 -13.08 -35.27 11.90
N GLU B 292 -12.14 -35.24 12.85
CA GLU B 292 -12.35 -35.97 14.09
C GLU B 292 -13.50 -35.36 14.88
N THR B 293 -13.54 -34.03 14.93
CA THR B 293 -14.49 -33.32 15.79
C THR B 293 -15.92 -33.52 15.31
N ILE B 294 -16.12 -33.57 14.00
CA ILE B 294 -17.47 -33.80 13.49
C ILE B 294 -17.88 -35.25 13.71
N PHE B 295 -16.90 -36.16 13.74
CA PHE B 295 -17.17 -37.58 13.72
C PHE B 295 -17.79 -38.02 15.02
N ILE B 296 -17.20 -37.60 16.14
CA ILE B 296 -17.70 -37.99 17.44
C ILE B 296 -19.03 -37.33 17.75
N VAL B 297 -19.28 -36.12 17.26
CA VAL B 297 -20.56 -35.49 17.55
C VAL B 297 -21.63 -36.01 16.63
N ARG B 298 -21.26 -36.49 15.44
CA ARG B 298 -22.17 -37.31 14.66
C ARG B 298 -22.41 -38.64 15.36
N LEU B 299 -21.39 -39.15 16.03
CA LEU B 299 -21.52 -40.39 16.79
C LEU B 299 -22.31 -40.16 18.08
N VAL B 300 -22.05 -39.06 18.78
CA VAL B 300 -22.61 -38.82 20.10
C VAL B 300 -23.48 -37.58 20.03
N HIS B 301 -24.79 -37.78 20.11
CA HIS B 301 -25.80 -36.76 20.34
C HIS B 301 -27.10 -37.47 20.61
N LYS B 302 -27.98 -36.84 21.40
CA LYS B 302 -29.28 -37.44 21.69
C LYS B 302 -30.19 -37.38 20.48
N GLN B 303 -30.20 -38.44 19.69
CA GLN B 303 -30.84 -38.44 18.38
C GLN B 303 -31.87 -39.55 18.23
N ASP B 304 -32.22 -40.22 19.33
CA ASP B 304 -33.07 -41.42 19.36
C ASP B 304 -32.51 -42.51 18.44
N LEU B 305 -31.32 -42.97 18.79
CA LEU B 305 -30.54 -43.83 17.92
C LEU B 305 -31.00 -45.28 18.05
N GLN B 306 -30.25 -46.16 17.40
CA GLN B 306 -30.28 -47.58 17.68
C GLN B 306 -29.25 -47.91 18.76
N ARG B 307 -29.26 -49.14 19.20
CA ARG B 307 -28.35 -49.55 20.24
C ARG B 307 -26.94 -49.77 19.67
N PRO B 308 -25.90 -49.60 20.50
CA PRO B 308 -24.56 -50.01 20.08
C PRO B 308 -24.47 -51.53 20.01
N VAL B 309 -23.91 -52.03 18.92
CA VAL B 309 -23.76 -53.46 18.73
C VAL B 309 -22.60 -53.92 19.59
N PRO B 310 -22.68 -55.11 20.20
CA PRO B 310 -21.67 -55.49 21.21
C PRO B 310 -20.31 -55.79 20.64
N ASP B 311 -20.21 -56.13 19.36
CA ASP B 311 -18.91 -56.41 18.75
C ASP B 311 -18.07 -55.15 18.71
N TRP B 312 -18.69 -54.01 18.43
CA TRP B 312 -17.98 -52.76 18.60
C TRP B 312 -17.93 -52.35 20.06
N LEU B 313 -18.91 -52.77 20.87
CA LEU B 313 -18.90 -52.42 22.29
C LEU B 313 -17.87 -53.24 23.04
N ARG B 314 -17.69 -54.51 22.66
CA ARG B 314 -16.55 -55.25 23.20
C ARG B 314 -15.25 -54.72 22.62
N HIS B 315 -15.29 -54.22 21.38
CA HIS B 315 -14.15 -53.48 20.86
C HIS B 315 -13.99 -52.15 21.59
N LEU B 316 -15.10 -51.55 22.01
CA LEU B 316 -15.01 -50.43 22.92
C LEU B 316 -14.53 -50.87 24.29
N VAL B 317 -14.91 -52.07 24.71
CA VAL B 317 -14.36 -52.62 25.95
C VAL B 317 -12.91 -53.00 25.77
N LEU B 318 -12.52 -53.42 24.56
CA LEU B 318 -11.13 -53.69 24.30
C LEU B 318 -10.33 -52.41 24.23
N ASP B 319 -10.90 -51.35 23.63
CA ASP B 319 -10.21 -50.08 23.56
C ASP B 319 -10.12 -49.41 24.92
N ARG B 320 -11.12 -49.64 25.78
CA ARG B 320 -11.01 -49.19 27.17
C ARG B 320 -9.92 -49.95 27.90
N ILE B 321 -9.77 -51.24 27.60
CA ILE B 321 -8.64 -52.00 28.11
C ILE B 321 -7.35 -51.65 27.37
N ALA B 322 -7.45 -51.01 26.19
CA ALA B 322 -6.26 -50.55 25.49
C ALA B 322 -5.86 -49.14 25.89
N TRP B 323 -6.82 -48.29 26.26
CA TRP B 323 -6.52 -46.92 26.68
C TRP B 323 -6.44 -46.79 28.19
N ILE B 324 -6.77 -47.83 28.93
CA ILE B 324 -6.65 -47.81 30.38
C ILE B 324 -6.29 -49.19 30.88
N ARG B 392 -60.62 -53.66 41.51
CA ARG B 392 -60.08 -52.39 41.02
C ARG B 392 -59.01 -52.63 39.97
N GLY B 393 -59.17 -52.00 38.80
CA GLY B 393 -58.20 -52.09 37.75
C GLY B 393 -57.20 -50.96 37.77
N LEU B 394 -56.77 -50.56 38.96
CA LEU B 394 -55.87 -49.42 39.12
C LEU B 394 -54.44 -49.72 38.67
N LEU B 395 -54.13 -50.98 38.38
CA LEU B 395 -52.79 -51.36 37.95
C LEU B 395 -52.45 -50.76 36.59
N GLN B 396 -53.43 -50.74 35.68
CA GLN B 396 -53.16 -50.30 34.31
C GLN B 396 -52.90 -48.80 34.23
N GLU B 397 -53.34 -48.03 35.22
CA GLU B 397 -52.87 -46.65 35.30
C GLU B 397 -51.44 -46.60 35.80
N LEU B 398 -51.10 -47.46 36.76
CA LEU B 398 -49.73 -47.51 37.25
C LEU B 398 -48.79 -48.09 36.22
N SER B 399 -49.26 -49.04 35.41
CA SER B 399 -48.42 -49.56 34.34
C SER B 399 -48.30 -48.55 33.21
N SER B 400 -49.28 -47.66 33.07
CA SER B 400 -49.15 -46.58 32.09
C SER B 400 -48.09 -45.58 32.51
N ILE B 401 -47.88 -45.43 33.82
CA ILE B 401 -46.86 -44.52 34.32
C ILE B 401 -45.48 -45.02 33.96
N ARG B 402 -45.20 -46.30 34.23
CA ARG B 402 -43.91 -46.85 33.89
C ARG B 402 -43.73 -46.97 32.38
N HIS B 403 -44.82 -47.23 31.64
CA HIS B 403 -44.74 -47.31 30.19
C HIS B 403 -44.37 -45.96 29.59
N PHE B 404 -44.75 -44.88 30.26
CA PHE B 404 -44.28 -43.57 29.88
C PHE B 404 -42.79 -43.40 30.18
N LEU B 405 -42.24 -44.19 31.09
CA LEU B 405 -40.88 -43.98 31.57
C LEU B 405 -39.95 -45.16 31.35
N GLU B 406 -40.48 -46.37 31.08
CA GLU B 406 -39.61 -47.52 30.82
C GLU B 406 -38.82 -47.36 29.54
N LYS B 407 -39.31 -46.56 28.61
CA LYS B 407 -38.56 -46.21 27.41
C LYS B 407 -37.88 -44.87 27.56
N ARG B 408 -38.54 -43.91 28.22
CA ARG B 408 -38.00 -42.56 28.35
C ARG B 408 -36.71 -42.55 29.16
N ASP B 409 -36.67 -43.33 30.24
CA ASP B 409 -35.41 -43.48 30.94
C ASP B 409 -34.42 -44.30 30.15
N GLU B 410 -34.91 -45.25 29.35
CA GLU B 410 -34.02 -46.11 28.60
C GLU B 410 -33.43 -45.39 27.39
N MET B 411 -34.22 -44.55 26.72
CA MET B 411 -33.69 -43.79 25.59
C MET B 411 -32.65 -42.78 26.03
N ARG B 412 -32.74 -42.32 27.28
CA ARG B 412 -31.65 -41.58 27.88
C ARG B 412 -30.42 -42.47 28.02
N GLU B 413 -30.62 -43.73 28.38
CA GLU B 413 -29.50 -44.61 28.61
C GLU B 413 -28.95 -45.20 27.34
N VAL B 414 -29.78 -45.33 26.30
CA VAL B 414 -29.27 -45.64 24.97
C VAL B 414 -28.40 -44.51 24.50
N ALA B 415 -28.79 -43.27 24.79
CA ALA B 415 -27.93 -42.13 24.54
C ALA B 415 -26.71 -42.15 25.44
N ARG B 416 -26.84 -42.69 26.65
CA ARG B 416 -25.68 -42.84 27.51
C ARG B 416 -24.73 -43.91 27.00
N ASP B 417 -25.24 -44.89 26.26
CA ASP B 417 -24.40 -45.95 25.72
C ASP B 417 -23.50 -45.42 24.62
N TRP B 418 -24.07 -44.66 23.68
CA TRP B 418 -23.24 -44.04 22.66
C TRP B 418 -22.36 -42.96 23.27
N LEU B 419 -22.79 -42.37 24.39
CA LEU B 419 -21.96 -41.40 25.11
C LEU B 419 -20.66 -42.04 25.59
N ARG B 420 -20.72 -43.31 26.00
CA ARG B 420 -19.52 -44.03 26.39
C ARG B 420 -18.54 -44.16 25.23
N VAL B 421 -19.06 -44.27 24.01
CA VAL B 421 -18.22 -44.45 22.84
C VAL B 421 -17.44 -43.18 22.55
N GLY B 422 -17.99 -42.02 22.93
CA GLY B 422 -17.30 -40.77 22.66
C GLY B 422 -16.00 -40.60 23.44
N TYR B 423 -16.02 -40.93 24.71
CA TYR B 423 -14.88 -40.61 25.58
C TYR B 423 -13.70 -41.53 25.33
N VAL B 424 -13.97 -42.80 25.00
CA VAL B 424 -12.88 -43.70 24.67
C VAL B 424 -12.23 -43.28 23.35
N LEU B 425 -13.03 -42.84 22.37
CA LEU B 425 -12.45 -42.25 21.19
C LEU B 425 -11.82 -40.91 21.49
N ASP B 426 -12.31 -40.20 22.51
CA ASP B 426 -11.68 -38.94 22.89
C ASP B 426 -10.28 -39.18 23.43
N ARG B 427 -10.07 -40.26 24.16
CA ARG B 427 -8.72 -40.55 24.67
C ARG B 427 -7.79 -40.97 23.54
N LEU B 428 -8.19 -41.96 22.75
CA LEU B 428 -7.25 -42.59 21.82
C LEU B 428 -6.95 -41.69 20.63
N LEU B 429 -7.95 -40.97 20.12
CA LEU B 429 -7.69 -40.04 19.03
C LEU B 429 -6.88 -38.85 19.49
N PHE B 430 -6.89 -38.53 20.79
CA PHE B 430 -6.07 -37.45 21.30
C PHE B 430 -4.59 -37.79 21.22
N ARG B 431 -4.23 -39.01 21.61
CA ARG B 431 -2.84 -39.46 21.52
C ARG B 431 -2.39 -39.54 20.08
N ILE B 432 -3.18 -40.20 19.23
CA ILE B 432 -2.78 -40.40 17.84
C ILE B 432 -2.82 -39.09 17.06
N TYR B 433 -3.59 -38.11 17.53
CA TYR B 433 -3.39 -36.77 16.98
C TYR B 433 -2.10 -36.17 17.50
N LEU B 434 -1.83 -36.32 18.80
CA LEU B 434 -0.65 -35.72 19.38
C LEU B 434 0.61 -36.38 18.86
N LEU B 435 0.61 -37.71 18.76
CA LEU B 435 1.79 -38.41 18.27
C LEU B 435 2.00 -38.19 16.78
N ALA B 436 0.93 -37.89 16.02
CA ALA B 436 1.12 -37.51 14.62
C ALA B 436 1.84 -36.17 14.52
N VAL B 437 1.48 -35.23 15.38
CA VAL B 437 2.08 -33.90 15.31
C VAL B 437 3.50 -33.92 15.84
N LEU B 438 3.71 -34.57 16.99
CA LEU B 438 5.01 -34.53 17.65
C LEU B 438 6.07 -35.26 16.84
N ALA B 439 5.71 -36.39 16.22
CA ALA B 439 6.64 -37.06 15.32
C ALA B 439 6.88 -36.24 14.06
N TYR B 440 5.87 -35.48 13.62
CA TYR B 440 6.08 -34.58 12.49
C TYR B 440 6.99 -33.42 12.85
N SER B 441 6.93 -32.96 14.10
CA SER B 441 7.70 -31.80 14.52
C SER B 441 9.19 -32.10 14.58
N ILE B 442 9.55 -33.30 15.03
CA ILE B 442 10.96 -33.67 15.14
C ILE B 442 11.61 -33.83 13.77
N THR B 443 10.82 -34.00 12.71
CA THR B 443 11.35 -34.02 11.36
C THR B 443 11.83 -32.63 10.96
N LEU B 444 11.13 -31.59 11.41
CA LEU B 444 11.45 -30.24 11.00
C LEU B 444 12.72 -29.71 11.68
N VAL B 445 12.94 -30.09 12.94
CA VAL B 445 14.14 -29.61 13.63
C VAL B 445 15.39 -30.33 13.12
N THR B 446 15.25 -31.52 12.55
CA THR B 446 16.36 -32.11 11.82
C THR B 446 16.67 -31.30 10.57
N LEU B 447 15.64 -30.75 9.93
CA LEU B 447 15.84 -29.87 8.80
C LEU B 447 16.41 -28.52 9.22
N TRP B 448 16.28 -28.17 10.50
CA TRP B 448 16.92 -26.95 10.99
C TRP B 448 18.43 -27.10 10.98
N SER B 449 18.95 -28.17 11.58
CA SER B 449 20.39 -28.37 11.65
C SER B 449 21.02 -28.70 10.31
N ILE B 450 20.23 -29.18 9.35
CA ILE B 450 20.75 -29.33 7.98
C ILE B 450 20.80 -27.97 7.30
N ALA B 451 19.75 -27.16 7.45
CA ALA B 451 19.80 -25.79 6.97
C ALA B 451 20.77 -24.95 7.77
N TRP B 452 21.03 -25.33 9.02
CA TRP B 452 22.02 -24.65 9.83
C TRP B 452 23.15 -25.59 10.25
N GLN C 1 17.61 47.46 -41.54
CA GLN C 1 17.89 46.51 -40.47
C GLN C 1 16.66 46.20 -39.65
N PRO C 2 16.34 44.92 -39.51
CA PRO C 2 15.28 44.52 -38.57
C PRO C 2 15.69 44.86 -37.15
N ALA C 3 14.77 45.47 -36.43
CA ALA C 3 15.14 46.28 -35.28
C ALA C 3 15.13 45.53 -33.97
N LEU C 4 14.40 44.42 -33.86
CA LEU C 4 14.22 43.82 -32.54
C LEU C 4 15.48 43.09 -32.11
N LEU C 5 16.05 42.28 -32.99
CA LEU C 5 17.31 41.63 -32.68
C LEU C 5 18.47 42.61 -32.70
N ARG C 6 18.29 43.78 -33.33
CA ARG C 6 19.28 44.84 -33.23
C ARG C 6 19.43 45.31 -31.80
N LEU C 7 18.35 45.28 -31.03
CA LEU C 7 18.45 45.59 -29.62
C LEU C 7 19.22 44.52 -28.87
N SER C 8 18.88 43.25 -29.13
CA SER C 8 19.44 42.15 -28.36
C SER C 8 20.93 42.00 -28.57
N ASP C 9 21.38 42.23 -29.79
CA ASP C 9 22.82 42.25 -30.04
C ASP C 9 23.46 43.43 -29.36
N HIS C 10 22.80 44.58 -29.38
CA HIS C 10 23.34 45.73 -28.67
C HIS C 10 23.26 45.55 -27.17
N LEU C 11 22.28 44.79 -26.70
CA LEU C 11 22.16 44.66 -25.26
C LEU C 11 23.10 43.59 -24.73
N LEU C 12 23.03 42.39 -25.28
CA LEU C 12 23.70 41.23 -24.70
C LEU C 12 25.08 41.01 -25.25
N ALA C 13 25.71 42.04 -25.81
CA ALA C 13 27.04 41.85 -26.38
C ALA C 13 28.08 41.61 -25.30
N ASN C 14 27.96 42.33 -24.18
CA ASN C 14 28.97 42.25 -23.15
C ASN C 14 28.34 41.99 -21.79
N TYR C 15 27.13 41.50 -21.75
CA TYR C 15 26.49 41.25 -20.47
C TYR C 15 27.08 39.97 -19.92
N LYS C 16 28.12 40.12 -19.12
CA LYS C 16 28.71 38.98 -18.44
C LYS C 16 27.77 38.55 -17.34
N LYS C 17 27.09 37.43 -17.53
CA LYS C 17 26.03 36.99 -16.64
C LYS C 17 26.52 36.53 -15.29
N GLY C 18 27.83 36.46 -15.06
CA GLY C 18 28.34 35.99 -13.79
C GLY C 18 28.53 37.08 -12.77
N VAL C 19 27.75 38.15 -12.87
CA VAL C 19 27.85 39.28 -11.97
C VAL C 19 26.46 39.56 -11.43
N ARG C 20 26.34 39.68 -10.12
CA ARG C 20 25.16 40.30 -9.56
C ARG C 20 25.17 41.75 -10.00
N PRO C 21 24.30 42.17 -10.90
CA PRO C 21 24.56 43.38 -11.66
C PRO C 21 24.13 44.63 -10.91
N VAL C 22 25.04 45.60 -10.83
CA VAL C 22 24.77 46.86 -10.16
C VAL C 22 25.81 47.86 -10.67
N ARG C 23 25.50 49.15 -10.54
CA ARG C 23 26.51 50.14 -10.83
C ARG C 23 27.47 50.30 -9.67
N ASP C 24 26.95 50.36 -8.45
CA ASP C 24 27.77 50.55 -7.26
C ASP C 24 27.56 49.38 -6.32
N TRP C 25 28.65 48.76 -5.89
CA TRP C 25 28.56 47.50 -5.18
C TRP C 25 28.05 47.64 -3.76
N ARG C 26 27.99 48.85 -3.21
CA ARG C 26 27.34 49.00 -1.92
C ARG C 26 25.84 48.86 -2.02
N LYS C 27 25.26 49.10 -3.18
CA LYS C 27 23.80 49.12 -3.29
C LYS C 27 23.26 47.70 -3.31
N PRO C 28 22.28 47.38 -2.48
CA PRO C 28 21.65 46.06 -2.54
C PRO C 28 20.59 46.05 -3.63
N THR C 29 20.71 45.13 -4.57
CA THR C 29 19.74 45.02 -5.66
C THR C 29 18.49 44.34 -5.14
N THR C 30 17.44 45.11 -4.93
CA THR C 30 16.26 44.61 -4.25
C THR C 30 15.38 43.85 -5.22
N VAL C 31 15.17 42.57 -4.94
CA VAL C 31 14.18 41.81 -5.68
C VAL C 31 12.85 42.04 -4.99
N SER C 32 11.77 41.69 -5.68
CA SER C 32 10.43 42.11 -5.30
C SER C 32 9.44 41.14 -5.91
N ILE C 33 8.68 40.46 -5.05
CA ILE C 33 7.96 39.25 -5.42
C ILE C 33 6.53 39.34 -4.92
N ASP C 34 5.78 38.30 -5.22
CA ASP C 34 4.53 37.99 -4.54
C ASP C 34 4.29 36.49 -4.67
N VAL C 35 3.13 36.04 -4.23
CA VAL C 35 2.63 34.73 -4.59
C VAL C 35 1.19 34.91 -5.00
N ILE C 36 0.71 34.00 -5.83
CA ILE C 36 -0.70 33.89 -6.15
C ILE C 36 -1.00 32.40 -6.00
N MET C 37 -1.58 32.01 -4.89
CA MET C 37 -1.73 30.60 -4.61
C MET C 37 -2.86 30.00 -5.43
N TYR C 38 -2.54 28.95 -6.17
CA TYR C 38 -3.48 28.36 -7.11
C TYR C 38 -4.30 27.25 -6.46
N ALA C 39 -3.63 26.24 -5.91
CA ALA C 39 -4.37 25.11 -5.39
C ALA C 39 -3.54 24.41 -4.33
N ILE C 40 -4.23 23.61 -3.53
CA ILE C 40 -3.61 22.74 -2.55
C ILE C 40 -3.79 21.32 -3.03
N LEU C 41 -2.70 20.65 -3.34
CA LEU C 41 -2.83 19.37 -4.04
C LEU C 41 -3.13 18.24 -3.07
N ASN C 42 -2.32 18.08 -2.05
CA ASN C 42 -2.48 16.96 -1.13
C ASN C 42 -1.86 17.35 0.19
N VAL C 43 -2.50 16.91 1.27
CA VAL C 43 -1.94 17.01 2.60
C VAL C 43 -1.89 15.59 3.14
N ASP C 44 -0.76 14.94 2.97
CA ASP C 44 -0.52 13.65 3.63
C ASP C 44 0.09 13.96 4.98
N GLU C 45 -0.76 13.87 6.01
CA GLU C 45 -0.37 14.26 7.35
C GLU C 45 0.65 13.31 7.94
N LYS C 46 0.61 12.05 7.52
CA LYS C 46 1.54 11.06 8.06
C LYS C 46 2.96 11.33 7.58
N ASN C 47 3.11 11.93 6.42
CA ASN C 47 4.44 12.27 5.95
C ASN C 47 4.89 13.65 6.38
N GLN C 48 4.01 14.42 7.03
CA GLN C 48 4.32 15.75 7.58
C GLN C 48 4.75 16.71 6.46
N VAL C 49 4.19 16.52 5.27
CA VAL C 49 4.60 17.26 4.09
C VAL C 49 3.36 17.77 3.38
N LEU C 50 3.55 18.76 2.52
CA LEU C 50 2.47 19.50 1.89
C LEU C 50 2.87 19.91 0.50
N THR C 51 2.06 19.56 -0.50
CA THR C 51 2.31 19.93 -1.88
C THR C 51 1.37 21.04 -2.33
N THR C 52 1.93 22.06 -2.98
CA THR C 52 1.22 23.29 -3.25
C THR C 52 1.66 23.81 -4.61
N TYR C 53 0.70 24.25 -5.42
CA TYR C 53 0.96 24.78 -6.75
C TYR C 53 0.78 26.29 -6.69
N ILE C 54 1.84 27.04 -6.98
CA ILE C 54 1.87 28.47 -6.71
C ILE C 54 2.30 29.20 -7.97
N TRP C 55 1.50 30.16 -8.41
CA TRP C 55 1.98 31.06 -9.43
C TRP C 55 2.82 32.14 -8.78
N TYR C 56 3.81 32.63 -9.50
CA TYR C 56 4.88 33.35 -8.84
C TYR C 56 5.45 34.42 -9.75
N ARG C 57 5.86 35.54 -9.16
CA ARG C 57 6.38 36.66 -9.92
C ARG C 57 7.62 37.22 -9.24
N GLN C 58 8.44 37.90 -10.05
CA GLN C 58 9.62 38.60 -9.58
C GLN C 58 9.82 39.84 -10.41
N TYR C 59 10.38 40.89 -9.82
CA TYR C 59 11.23 41.76 -10.62
C TYR C 59 12.41 42.18 -9.78
N TRP C 60 13.40 42.72 -10.46
CA TRP C 60 14.49 43.41 -9.80
C TRP C 60 15.08 44.41 -10.77
N THR C 61 15.60 45.50 -10.25
CA THR C 61 16.18 46.54 -11.08
C THR C 61 17.57 46.10 -11.51
N ASP C 62 17.78 45.94 -12.79
CA ASP C 62 19.09 45.63 -13.34
C ASP C 62 19.69 46.91 -13.88
N GLU C 63 20.90 47.23 -13.43
CA GLU C 63 21.63 48.38 -13.94
C GLU C 63 21.98 48.22 -15.40
N PHE C 64 22.42 47.04 -15.81
CA PHE C 64 23.14 46.94 -17.08
C PHE C 64 22.24 46.82 -18.28
N LEU C 65 20.97 46.48 -18.09
CA LEU C 65 20.12 46.20 -19.22
C LEU C 65 19.27 47.38 -19.62
N GLN C 66 19.73 48.59 -19.36
CA GLN C 66 18.95 49.77 -19.69
C GLN C 66 19.20 50.18 -21.12
N TRP C 67 18.15 50.61 -21.79
CA TRP C 67 18.28 51.15 -23.14
C TRP C 67 17.41 52.39 -23.22
N THR C 68 17.33 52.96 -24.43
CA THR C 68 16.38 54.01 -24.69
C THR C 68 15.36 53.50 -25.69
N PRO C 69 14.09 53.88 -25.54
CA PRO C 69 13.11 53.54 -26.60
C PRO C 69 13.38 54.24 -27.91
N GLU C 70 14.09 55.36 -27.89
CA GLU C 70 14.66 55.92 -29.11
C GLU C 70 15.69 54.97 -29.68
N ASP C 71 15.89 55.06 -30.99
CA ASP C 71 16.84 54.31 -31.80
C ASP C 71 16.50 52.82 -31.86
N PHE C 72 15.39 52.40 -31.27
CA PHE C 72 14.93 51.03 -31.42
C PHE C 72 13.43 50.97 -31.60
N ASP C 73 12.86 52.06 -32.09
CA ASP C 73 11.47 52.15 -32.53
C ASP C 73 10.49 51.90 -31.39
N ASN C 74 10.74 52.58 -30.26
CA ASN C 74 9.80 52.70 -29.16
C ASN C 74 9.47 51.35 -28.53
N VAL C 75 10.47 50.52 -28.33
CA VAL C 75 10.28 49.21 -27.72
C VAL C 75 10.61 49.32 -26.24
N THR C 76 9.62 49.06 -25.40
CA THR C 76 9.79 49.13 -23.97
C THR C 76 9.74 47.79 -23.27
N LYS C 77 9.32 46.73 -23.96
CA LYS C 77 9.25 45.41 -23.37
C LYS C 77 9.82 44.41 -24.35
N LEU C 78 10.47 43.38 -23.82
CA LEU C 78 11.27 42.52 -24.66
C LEU C 78 11.52 41.22 -23.92
N SER C 79 11.61 40.14 -24.68
CA SER C 79 11.72 38.80 -24.13
C SER C 79 13.16 38.30 -24.23
N ILE C 80 13.64 37.70 -23.15
CA ILE C 80 15.04 37.30 -23.04
C ILE C 80 15.14 35.87 -22.52
N PRO C 81 16.03 35.05 -23.08
CA PRO C 81 16.31 33.74 -22.50
C PRO C 81 16.90 33.86 -21.11
N THR C 82 16.34 33.10 -20.17
CA THR C 82 16.69 33.26 -18.75
C THR C 82 18.14 32.93 -18.47
N ASP C 83 18.65 31.89 -19.09
CA ASP C 83 20.02 31.48 -18.81
C ASP C 83 21.06 32.34 -19.50
N SER C 84 20.64 33.42 -20.15
CA SER C 84 21.58 34.35 -20.74
C SER C 84 21.77 35.59 -19.90
N ILE C 85 21.08 35.70 -18.77
CA ILE C 85 21.23 36.84 -17.88
C ILE C 85 21.43 36.35 -16.46
N TRP C 86 21.56 37.31 -15.55
CA TRP C 86 21.62 37.03 -14.13
C TRP C 86 20.25 36.56 -13.63
N VAL C 87 20.25 35.94 -12.47
CA VAL C 87 19.02 35.52 -11.81
C VAL C 87 19.34 35.55 -10.32
N PRO C 88 18.40 35.86 -9.43
CA PRO C 88 18.67 35.70 -8.02
C PRO C 88 18.53 34.24 -7.61
N ASP C 89 19.17 33.93 -6.49
CA ASP C 89 19.33 32.55 -6.04
C ASP C 89 18.23 32.10 -5.11
N ILE C 90 17.04 32.70 -5.19
CA ILE C 90 16.06 32.47 -4.15
C ILE C 90 15.44 31.09 -4.29
N LEU C 91 15.10 30.51 -3.15
CA LEU C 91 14.36 29.27 -3.08
C LEU C 91 13.74 29.22 -1.71
N ILE C 92 12.93 28.24 -1.50
CA ILE C 92 12.17 28.17 -0.27
C ILE C 92 12.90 27.26 0.70
N ASN C 93 12.82 27.55 1.99
CA ASN C 93 13.67 26.87 2.94
C ASN C 93 13.11 25.53 3.37
N GLU C 94 11.91 25.19 2.93
CA GLU C 94 11.19 24.08 3.50
C GLU C 94 10.81 23.05 2.45
N PHE C 95 11.54 23.03 1.34
CA PHE C 95 11.22 22.11 0.27
C PHE C 95 11.58 20.69 0.67
N VAL C 96 10.98 19.75 -0.03
CA VAL C 96 11.43 18.38 -0.02
C VAL C 96 12.01 17.99 -1.37
N ASP C 97 11.37 18.39 -2.46
CA ASP C 97 11.91 18.08 -3.78
C ASP C 97 11.50 19.16 -4.76
N VAL C 98 12.48 19.83 -5.33
CA VAL C 98 12.18 20.72 -6.44
C VAL C 98 12.69 20.08 -7.72
N GLY C 99 11.82 19.33 -8.38
CA GLY C 99 12.13 18.83 -9.70
C GLY C 99 10.87 18.76 -10.52
N LYS C 100 9.78 19.24 -9.94
CA LYS C 100 8.49 19.15 -10.59
C LYS C 100 8.15 20.38 -11.41
N SER C 101 8.91 21.44 -11.27
CA SER C 101 8.50 22.59 -12.05
C SER C 101 9.26 22.65 -13.35
N PRO C 102 8.63 23.03 -14.44
CA PRO C 102 9.38 23.26 -15.67
C PRO C 102 10.09 24.60 -15.59
N ASN C 103 11.18 24.69 -16.32
CA ASN C 103 11.95 25.92 -16.37
C ASN C 103 11.36 26.82 -17.44
N ILE C 104 10.82 27.95 -17.03
CA ILE C 104 10.39 28.94 -17.98
C ILE C 104 11.61 29.54 -18.65
N PRO C 105 11.72 29.43 -19.97
CA PRO C 105 12.93 29.91 -20.63
C PRO C 105 12.98 31.41 -20.78
N TYR C 106 11.89 32.13 -20.55
CA TYR C 106 11.81 33.51 -21.01
C TYR C 106 11.45 34.46 -19.89
N VAL C 107 12.01 35.67 -19.94
CA VAL C 107 11.70 36.75 -19.03
C VAL C 107 11.58 38.05 -19.79
N TYR C 108 10.91 39.02 -19.18
CA TYR C 108 10.78 40.35 -19.75
C TYR C 108 11.84 41.28 -19.22
N VAL C 109 12.05 42.37 -19.96
CA VAL C 109 12.86 43.51 -19.55
C VAL C 109 12.15 44.80 -19.91
N HIS C 110 12.39 45.84 -19.13
CA HIS C 110 11.94 47.19 -19.48
C HIS C 110 13.13 48.09 -19.71
N HIS C 111 12.86 49.26 -20.26
CA HIS C 111 13.93 50.16 -20.65
C HIS C 111 14.52 50.89 -19.46
N ARG C 112 13.92 50.74 -18.29
CA ARG C 112 14.49 51.25 -17.07
C ARG C 112 15.42 50.24 -16.42
N GLY C 113 15.39 49.00 -16.85
CA GLY C 113 16.14 47.95 -16.22
C GLY C 113 15.35 47.08 -15.30
N GLU C 114 14.02 47.20 -15.30
CA GLU C 114 13.20 46.29 -14.53
C GLU C 114 13.01 45.03 -15.34
N VAL C 115 13.86 44.04 -15.08
CA VAL C 115 13.67 42.73 -15.65
C VAL C 115 12.61 42.01 -14.84
N GLN C 116 11.60 41.47 -15.52
CA GLN C 116 10.45 40.86 -14.88
C GLN C 116 10.47 39.38 -15.16
N ASN C 117 10.24 38.58 -14.13
CA ASN C 117 10.29 37.13 -14.20
C ASN C 117 8.99 36.55 -13.70
N TYR C 118 8.37 35.70 -14.50
CA TYR C 118 7.28 34.87 -14.00
C TYR C 118 7.72 33.43 -14.13
N LYS C 119 7.21 32.58 -13.23
CA LYS C 119 7.39 31.15 -13.33
C LYS C 119 6.37 30.49 -12.44
N PRO C 120 5.95 29.28 -12.74
CA PRO C 120 5.22 28.49 -11.77
C PRO C 120 6.22 27.69 -10.96
N LEU C 121 5.74 27.22 -9.81
CA LEU C 121 6.56 26.38 -8.96
C LEU C 121 5.63 25.56 -8.08
N GLN C 122 5.90 24.27 -8.03
CA GLN C 122 5.24 23.36 -7.12
C GLN C 122 6.29 22.93 -6.12
N LEU C 123 5.96 22.94 -4.86
CA LEU C 123 6.85 22.32 -3.90
C LEU C 123 6.10 21.46 -2.91
N VAL C 124 6.54 20.22 -2.83
CA VAL C 124 6.24 19.39 -1.68
C VAL C 124 7.01 20.00 -0.50
N THR C 125 6.31 20.74 0.34
CA THR C 125 6.98 21.44 1.41
C THR C 125 6.58 20.89 2.77
N ALA C 126 7.46 21.09 3.74
CA ALA C 126 7.27 20.51 5.06
C ALA C 126 7.07 21.64 6.05
N CYS C 127 5.85 21.77 6.53
CA CYS C 127 5.56 22.65 7.63
C CYS C 127 4.81 21.87 8.70
N SER C 128 4.98 22.30 9.94
CA SER C 128 4.49 21.52 11.07
C SER C 128 2.98 21.67 11.13
N LEU C 129 2.29 20.68 10.59
CA LEU C 129 0.84 20.72 10.56
C LEU C 129 0.29 20.35 11.93
N ASP C 130 -0.86 20.92 12.25
CA ASP C 130 -1.55 20.63 13.50
C ASP C 130 -2.71 19.69 13.22
N ILE C 131 -2.85 18.68 14.06
CA ILE C 131 -3.84 17.64 13.82
C ILE C 131 -4.79 17.51 15.03
N TYR C 132 -4.74 18.48 15.93
CA TYR C 132 -5.42 18.37 17.22
C TYR C 132 -6.94 18.41 17.06
N ASN C 133 -7.46 19.51 16.53
CA ASN C 133 -8.88 19.60 16.21
C ASN C 133 -9.04 19.04 14.81
N PHE C 134 -9.26 17.71 14.72
CA PHE C 134 -9.03 17.03 13.43
C PHE C 134 -10.00 17.43 12.32
N PRO C 135 -11.32 17.24 12.42
CA PRO C 135 -12.14 17.56 11.25
C PRO C 135 -12.38 19.05 11.08
N PHE C 136 -12.00 19.86 12.07
CA PHE C 136 -12.13 21.31 11.99
C PHE C 136 -10.77 21.86 12.36
N ASP C 137 -9.88 21.98 11.39
CA ASP C 137 -8.54 22.43 11.68
C ASP C 137 -8.19 23.64 10.84
N VAL C 138 -7.22 24.40 11.32
CA VAL C 138 -6.58 25.44 10.54
C VAL C 138 -5.08 25.17 10.56
N GLN C 139 -4.45 25.30 9.41
CA GLN C 139 -3.08 24.84 9.24
C GLN C 139 -2.20 26.06 9.01
N ASN C 140 -1.56 26.53 10.08
CA ASN C 140 -0.70 27.70 9.99
C ASN C 140 0.61 27.26 9.36
N CYS C 141 0.59 27.12 8.04
CA CYS C 141 1.75 26.67 7.30
C CYS C 141 2.56 27.85 6.80
N SER C 142 3.84 27.62 6.58
CA SER C 142 4.78 28.71 6.36
C SER C 142 5.70 28.43 5.18
N LEU C 143 5.80 29.40 4.29
CA LEU C 143 6.73 29.37 3.16
C LEU C 143 7.65 30.57 3.33
N THR C 144 8.92 30.32 3.58
CA THR C 144 9.87 31.37 3.91
C THR C 144 10.80 31.54 2.72
N PHE C 145 10.57 32.57 1.91
CA PHE C 145 11.34 32.70 0.69
C PHE C 145 12.65 33.37 1.05
N THR C 146 13.74 32.86 0.52
CA THR C 146 15.04 33.22 1.05
C THR C 146 16.06 33.19 -0.07
N SER C 147 16.88 34.23 -0.15
CA SER C 147 18.13 34.09 -0.88
C SER C 147 18.97 33.07 -0.15
N TRP C 148 19.35 32.00 -0.82
CA TRP C 148 20.13 31.00 -0.13
C TRP C 148 21.52 31.49 0.17
N LEU C 149 22.08 32.29 -0.70
CA LEU C 149 23.45 32.71 -0.51
C LEU C 149 23.59 34.17 -0.10
N HIS C 150 22.97 35.07 -0.85
CA HIS C 150 23.31 36.47 -0.73
C HIS C 150 22.77 37.07 0.55
N THR C 151 23.42 38.12 1.00
CA THR C 151 23.09 38.75 2.26
C THR C 151 22.34 40.04 2.00
N ILE C 152 22.06 40.78 3.08
CA ILE C 152 21.39 42.06 2.99
C ILE C 152 22.24 43.07 2.25
N GLN C 153 23.55 42.93 2.34
CA GLN C 153 24.44 43.78 1.55
C GLN C 153 24.26 43.55 0.06
N ASP C 154 23.97 42.31 -0.34
CA ASP C 154 23.86 42.02 -1.76
C ASP C 154 22.46 42.26 -2.29
N ILE C 155 21.45 41.67 -1.64
CA ILE C 155 20.07 41.83 -2.09
C ILE C 155 19.17 41.99 -0.88
N ASN C 156 18.07 42.68 -1.08
CA ASN C 156 16.96 42.70 -0.16
C ASN C 156 15.74 42.12 -0.88
N ILE C 157 14.82 41.52 -0.15
CA ILE C 157 13.61 41.00 -0.77
C ILE C 157 12.44 41.81 -0.25
N THR C 158 11.56 42.21 -1.16
CA THR C 158 10.37 42.91 -0.73
C THR C 158 9.16 42.41 -1.49
N LEU C 159 8.01 43.01 -1.26
CA LEU C 159 6.81 42.59 -1.93
C LEU C 159 6.60 43.40 -3.19
N TRP C 160 5.94 42.77 -4.16
CA TRP C 160 5.43 43.49 -5.31
C TRP C 160 4.41 44.52 -4.87
N ARG C 161 3.31 44.07 -4.30
CA ARG C 161 2.09 44.84 -4.15
C ARG C 161 1.82 45.08 -2.67
N SER C 162 0.68 45.69 -2.40
CA SER C 162 0.25 45.91 -1.04
C SER C 162 -0.06 44.58 -0.37
N PRO C 163 0.35 44.39 0.89
CA PRO C 163 0.10 43.11 1.56
C PRO C 163 -1.36 42.86 1.83
N GLU C 164 -2.18 43.90 1.82
CA GLU C 164 -3.62 43.70 1.89
C GLU C 164 -4.13 42.98 0.66
N GLU C 165 -3.59 43.32 -0.52
CA GLU C 165 -4.04 42.65 -1.72
C GLU C 165 -3.57 41.21 -1.79
N VAL C 166 -2.46 40.90 -1.14
CA VAL C 166 -2.04 39.52 -1.05
C VAL C 166 -2.98 38.76 -0.13
N ARG C 167 -3.52 39.45 0.87
CA ARG C 167 -4.22 38.81 1.98
C ARG C 167 -5.51 38.13 1.54
N SER C 168 -6.39 38.88 0.88
CA SER C 168 -7.69 38.35 0.49
C SER C 168 -7.72 37.94 -0.97
N ASP C 169 -6.61 37.44 -1.51
CA ASP C 169 -6.51 37.16 -2.93
C ASP C 169 -6.99 35.74 -3.19
N LYS C 170 -8.17 35.62 -3.78
CA LYS C 170 -8.73 34.36 -4.23
C LYS C 170 -9.10 34.49 -5.69
N SER C 171 -8.26 35.18 -6.46
CA SER C 171 -8.63 35.54 -7.82
C SER C 171 -8.68 34.32 -8.71
N ILE C 172 -7.64 33.49 -8.66
CA ILE C 172 -7.70 32.14 -9.20
C ILE C 172 -7.46 31.19 -8.05
N PHE C 173 -8.30 30.18 -7.95
CA PHE C 173 -8.16 29.16 -6.91
C PHE C 173 -9.01 27.96 -7.26
N ILE C 174 -8.45 26.77 -7.15
CA ILE C 174 -9.23 25.55 -7.28
C ILE C 174 -9.73 25.19 -5.89
N ASN C 175 -10.95 25.60 -5.60
CA ASN C 175 -11.69 25.09 -4.46
C ASN C 175 -12.38 23.79 -4.88
N GLN C 176 -13.32 23.34 -4.04
CA GLN C 176 -14.05 22.07 -4.10
C GLN C 176 -13.14 20.83 -4.16
N GLY C 177 -11.91 20.96 -3.71
CA GLY C 177 -11.09 19.80 -3.48
C GLY C 177 -11.36 19.34 -2.07
N GLU C 178 -10.34 19.27 -1.24
CA GLU C 178 -10.57 19.08 0.18
C GLU C 178 -10.48 20.38 0.95
N TRP C 179 -9.57 21.25 0.55
CA TRP C 179 -9.14 22.36 1.38
C TRP C 179 -9.69 23.67 0.86
N GLU C 180 -9.53 24.70 1.70
CA GLU C 180 -9.92 26.05 1.35
C GLU C 180 -9.18 26.99 2.27
N LEU C 181 -8.59 28.03 1.71
CA LEU C 181 -7.79 28.96 2.49
C LEU C 181 -8.63 30.17 2.86
N LEU C 182 -8.41 30.69 4.05
CA LEU C 182 -9.09 31.92 4.41
C LEU C 182 -8.28 33.15 4.04
N GLU C 183 -6.96 33.11 4.22
CA GLU C 183 -6.10 34.18 3.80
C GLU C 183 -4.69 33.66 3.64
N VAL C 184 -3.84 34.50 3.07
CA VAL C 184 -2.41 34.28 3.01
C VAL C 184 -1.76 35.49 3.64
N PHE C 185 -0.99 35.27 4.69
CA PHE C 185 -0.42 36.38 5.43
C PHE C 185 1.06 36.50 5.11
N PRO C 186 1.47 37.57 4.44
CA PRO C 186 2.89 37.82 4.27
C PRO C 186 3.42 38.61 5.45
N GLN C 187 4.73 38.52 5.63
CA GLN C 187 5.42 39.29 6.66
C GLN C 187 6.91 39.26 6.35
N PHE C 188 7.53 40.42 6.34
CA PHE C 188 8.98 40.45 6.27
C PHE C 188 9.57 39.95 7.57
N LYS C 189 10.75 39.36 7.47
CA LYS C 189 11.55 39.05 8.63
C LYS C 189 12.99 39.38 8.28
N GLU C 190 13.77 39.75 9.27
CA GLU C 190 15.20 39.91 9.06
C GLU C 190 15.87 38.77 9.79
N PHE C 191 16.63 37.96 9.06
CA PHE C 191 17.16 36.73 9.61
C PHE C 191 18.66 36.83 9.79
N SER C 192 19.14 36.29 10.90
CA SER C 192 20.57 36.18 11.15
C SER C 192 20.74 35.03 12.11
N ILE C 193 21.28 33.91 11.63
CA ILE C 193 21.49 32.78 12.50
C ILE C 193 22.66 33.04 13.44
N ASP C 194 23.54 33.96 13.08
CA ASP C 194 24.82 34.15 13.76
C ASP C 194 25.16 35.62 13.72
N ILE C 195 26.39 35.92 14.06
CA ILE C 195 26.89 37.28 13.93
C ILE C 195 27.52 37.42 12.54
N SER C 196 27.64 38.67 12.09
CA SER C 196 28.32 39.06 10.85
C SER C 196 27.66 38.47 9.60
N ASN C 197 26.38 38.15 9.70
CA ASN C 197 25.60 37.63 8.60
C ASN C 197 24.16 38.06 8.80
N SER C 198 23.45 38.22 7.71
CA SER C 198 22.10 38.75 7.75
C SER C 198 21.43 38.40 6.44
N TYR C 199 20.27 37.79 6.52
CA TYR C 199 19.62 37.26 5.32
C TYR C 199 18.19 37.75 5.24
N ALA C 200 17.81 38.15 4.04
CA ALA C 200 16.43 38.54 3.80
C ALA C 200 15.56 37.30 3.73
N GLU C 201 14.49 37.29 4.51
CA GLU C 201 13.51 36.23 4.46
C GLU C 201 12.15 36.91 4.51
N MET C 202 11.19 36.39 3.78
CA MET C 202 9.86 36.97 3.86
C MET C 202 8.88 35.82 3.83
N LYS C 203 8.31 35.55 4.99
CA LYS C 203 7.50 34.36 5.18
C LYS C 203 6.17 34.51 4.47
N PHE C 204 5.42 33.42 4.47
CA PHE C 204 4.06 33.42 3.97
C PHE C 204 3.28 32.50 4.90
N TYR C 205 2.60 33.09 5.86
CA TYR C 205 1.73 32.28 6.70
C TYR C 205 0.48 31.98 5.89
N VAL C 206 0.56 30.91 5.13
CA VAL C 206 -0.60 30.39 4.41
C VAL C 206 -1.42 29.55 5.39
N ILE C 207 -2.67 29.94 5.58
CA ILE C 207 -3.55 29.20 6.46
C ILE C 207 -4.71 28.64 5.64
N ILE C 208 -4.98 27.37 5.84
CA ILE C 208 -6.05 26.69 5.14
C ILE C 208 -6.89 25.96 6.17
N ARG C 209 -8.13 25.69 5.82
CA ARG C 209 -8.98 24.89 6.67
C ARG C 209 -9.65 23.83 5.83
N ARG C 210 -10.10 22.78 6.51
CA ARG C 210 -10.61 21.60 5.85
C ARG C 210 -12.14 21.65 5.81
N ARG C 211 -12.71 21.25 4.69
CA ARG C 211 -14.14 21.08 4.67
C ARG C 211 -14.48 19.74 5.29
N PRO C 212 -15.14 19.72 6.45
CA PRO C 212 -15.39 18.46 7.15
C PRO C 212 -16.54 17.66 6.57
N LEU C 213 -17.19 18.18 5.54
CA LEU C 213 -18.46 17.65 5.08
C LEU C 213 -18.32 16.30 4.38
N PHE C 214 -17.10 15.87 4.09
CA PHE C 214 -16.90 14.48 3.71
C PHE C 214 -16.53 13.61 4.89
N TYR C 215 -15.68 14.10 5.80
CA TYR C 215 -15.19 13.25 6.87
C TYR C 215 -16.26 12.95 7.91
N ALA C 216 -17.30 13.78 7.99
CA ALA C 216 -18.38 13.53 8.93
C ALA C 216 -19.17 12.29 8.54
N VAL C 217 -19.39 12.09 7.25
CA VAL C 217 -20.19 10.94 6.82
C VAL C 217 -19.28 9.77 6.52
N SER C 218 -17.99 9.92 6.81
CA SER C 218 -17.07 8.79 6.72
C SER C 218 -16.45 8.41 8.06
N LEU C 219 -16.52 9.27 9.06
CA LEU C 219 -15.97 8.85 10.33
C LEU C 219 -16.96 9.01 11.46
N LEU C 220 -17.79 10.05 11.46
CA LEU C 220 -18.77 10.18 12.52
C LEU C 220 -19.96 9.27 12.29
N LEU C 221 -20.33 9.05 11.04
CA LEU C 221 -21.41 8.12 10.73
C LEU C 221 -21.13 6.67 11.13
N PRO C 222 -19.91 6.11 11.04
CA PRO C 222 -19.71 4.79 11.64
C PRO C 222 -19.87 4.77 13.15
N SER C 223 -19.55 5.87 13.83
CA SER C 223 -19.52 5.83 15.28
C SER C 223 -20.92 5.81 15.89
N ILE C 224 -21.92 6.32 15.17
CA ILE C 224 -23.20 6.55 15.82
C ILE C 224 -24.04 5.28 15.85
N PHE C 225 -24.00 4.46 14.81
CA PHE C 225 -24.83 3.27 14.86
C PHE C 225 -24.17 2.17 15.65
N LEU C 226 -22.86 2.29 15.90
CA LEU C 226 -22.21 1.40 16.84
C LEU C 226 -22.77 1.55 18.24
N MET C 227 -23.30 2.73 18.58
CA MET C 227 -24.04 2.86 19.82
C MET C 227 -25.33 2.05 19.76
N VAL C 228 -26.14 2.26 18.71
CA VAL C 228 -27.52 1.81 18.75
C VAL C 228 -27.65 0.31 18.56
N VAL C 229 -26.60 -0.36 18.06
CA VAL C 229 -26.62 -1.80 18.03
C VAL C 229 -26.50 -2.36 19.44
N ASP C 230 -25.71 -1.72 20.27
CA ASP C 230 -25.64 -2.11 21.68
C ASP C 230 -26.84 -1.62 22.46
N ILE C 231 -27.39 -0.45 22.09
CA ILE C 231 -28.64 0.02 22.68
C ILE C 231 -29.74 -0.99 22.43
N VAL C 232 -29.84 -1.49 21.21
CA VAL C 232 -30.80 -2.57 20.95
C VAL C 232 -30.27 -3.90 21.46
N GLY C 233 -28.99 -3.96 21.85
CA GLY C 233 -28.46 -5.15 22.47
C GLY C 233 -29.05 -5.46 23.84
N PHE C 234 -29.45 -4.44 24.58
CA PHE C 234 -30.05 -4.69 25.88
C PHE C 234 -31.46 -5.25 25.76
N CYS C 235 -32.13 -4.97 24.63
CA CYS C 235 -33.45 -5.55 24.39
C CYS C 235 -33.41 -7.05 24.15
N LEU C 236 -32.23 -7.62 23.94
CA LEU C 236 -32.09 -9.06 24.02
C LEU C 236 -32.36 -9.52 25.45
N PRO C 237 -33.06 -10.64 25.62
CA PRO C 237 -33.22 -11.19 26.96
C PRO C 237 -31.90 -11.72 27.47
N PRO C 238 -31.65 -11.59 28.78
CA PRO C 238 -30.34 -11.98 29.33
C PRO C 238 -30.09 -13.46 29.30
N ASP C 239 -31.13 -14.28 29.46
CA ASP C 239 -30.99 -15.72 29.62
C ASP C 239 -30.58 -16.44 28.34
N SER C 240 -30.57 -15.75 27.20
CA SER C 240 -30.24 -16.38 25.92
C SER C 240 -28.79 -16.85 25.87
N GLY C 241 -27.87 -16.03 26.38
CA GLY C 241 -26.47 -16.38 26.43
C GLY C 241 -25.65 -15.83 25.28
N GLU C 242 -26.22 -15.79 24.08
CA GLU C 242 -25.53 -15.16 22.97
C GLU C 242 -25.55 -13.65 23.05
N ARG C 243 -26.37 -13.10 23.95
CA ARG C 243 -26.34 -11.68 24.28
C ARG C 243 -24.97 -11.24 24.75
N VAL C 244 -24.24 -12.13 25.42
CA VAL C 244 -22.84 -11.86 25.72
C VAL C 244 -22.01 -11.89 24.44
N SER C 245 -22.18 -12.94 23.64
CA SER C 245 -21.46 -13.07 22.38
C SER C 245 -21.87 -12.01 21.38
N PHE C 246 -23.08 -11.46 21.54
CA PHE C 246 -23.51 -10.29 20.79
C PHE C 246 -22.54 -9.14 20.97
N LYS C 247 -22.30 -8.75 22.23
CA LYS C 247 -21.52 -7.55 22.51
C LYS C 247 -20.07 -7.71 22.06
N ILE C 248 -19.51 -8.89 22.29
CA ILE C 248 -18.11 -9.14 21.99
C ILE C 248 -17.88 -9.15 20.50
N THR C 249 -18.88 -9.57 19.73
CA THR C 249 -18.84 -9.43 18.29
C THR C 249 -18.71 -7.98 17.90
N LEU C 250 -19.44 -7.10 18.58
CA LEU C 250 -19.26 -5.67 18.34
C LEU C 250 -17.99 -5.16 18.98
N LEU C 251 -17.59 -5.73 20.12
CA LEU C 251 -16.28 -5.41 20.66
C LEU C 251 -15.17 -5.88 19.73
N LEU C 252 -15.38 -7.00 19.05
CA LEU C 252 -14.51 -7.35 17.95
C LEU C 252 -14.66 -6.36 16.80
N GLY C 253 -15.91 -5.99 16.49
CA GLY C 253 -16.16 -5.10 15.37
C GLY C 253 -15.62 -3.70 15.59
N TYR C 254 -15.69 -3.21 16.83
CA TYR C 254 -15.12 -1.90 17.12
C TYR C 254 -13.60 -1.98 17.17
N SER C 255 -13.07 -3.14 17.52
CA SER C 255 -11.62 -3.34 17.51
C SER C 255 -11.07 -3.26 16.09
N VAL C 256 -11.85 -3.73 15.11
CA VAL C 256 -11.49 -3.61 13.71
C VAL C 256 -11.41 -2.14 13.32
N PHE C 257 -12.38 -1.35 13.78
CA PHE C 257 -12.54 0.01 13.28
C PHE C 257 -11.45 0.93 13.81
N LEU C 258 -11.02 0.72 15.06
CA LEU C 258 -9.99 1.56 15.64
C LEU C 258 -8.62 1.33 15.00
N ILE C 259 -8.42 0.18 14.37
CA ILE C 259 -7.20 -0.03 13.59
C ILE C 259 -7.28 0.76 12.29
N ILE C 260 -8.48 0.90 11.73
CA ILE C 260 -8.65 1.63 10.48
C ILE C 260 -8.38 3.12 10.69
N VAL C 261 -8.76 3.66 11.84
CA VAL C 261 -8.51 5.06 12.12
C VAL C 261 -7.09 5.31 12.60
N SER C 262 -6.34 4.25 12.90
CA SER C 262 -5.00 4.40 13.45
C SER C 262 -4.04 4.97 12.43
N ASP C 263 -3.92 4.31 11.27
CA ASP C 263 -2.99 4.75 10.26
C ASP C 263 -3.46 5.97 9.48
N THR C 264 -4.77 6.27 9.51
CA THR C 264 -5.30 7.42 8.79
C THR C 264 -4.84 8.72 9.43
N LEU C 265 -4.61 8.71 10.73
CA LEU C 265 -4.09 9.77 11.57
C LEU C 265 -2.56 9.69 11.62
N PRO C 266 -1.87 10.82 11.66
CA PRO C 266 -0.41 10.79 11.60
C PRO C 266 0.18 10.41 12.95
N ALA C 267 1.51 10.40 12.99
CA ALA C 267 2.26 10.04 14.18
C ALA C 267 2.73 11.26 14.95
N THR C 268 1.90 12.31 14.95
CA THR C 268 2.31 13.62 15.47
C THR C 268 2.47 13.56 16.98
N ALA C 269 3.65 13.93 17.45
CA ALA C 269 4.02 13.80 18.86
C ALA C 269 3.63 15.00 19.70
N ILE C 270 2.68 15.82 19.25
CA ILE C 270 2.11 16.84 20.12
C ILE C 270 0.98 16.29 20.96
N GLY C 271 0.63 15.03 20.79
CA GLY C 271 -0.42 14.40 21.55
C GLY C 271 -1.44 13.75 20.64
N THR C 272 -2.46 13.22 21.28
CA THR C 272 -3.56 12.59 20.56
C THR C 272 -4.36 13.64 19.81
N PRO C 273 -4.75 13.38 18.56
CA PRO C 273 -5.79 14.20 17.93
C PRO C 273 -7.08 14.09 18.72
N LEU C 274 -7.68 15.26 19.00
CA LEU C 274 -8.63 15.40 20.09
C LEU C 274 -9.89 14.58 19.89
N ILE C 275 -10.26 14.33 18.63
CA ILE C 275 -11.38 13.45 18.34
C ILE C 275 -11.07 12.00 18.69
N GLY C 276 -9.79 11.65 18.83
CA GLY C 276 -9.44 10.28 19.20
C GLY C 276 -9.85 9.93 20.61
N VAL C 277 -9.83 10.90 21.52
CA VAL C 277 -10.31 10.65 22.88
C VAL C 277 -11.81 10.44 22.88
N TYR C 278 -12.55 11.29 22.17
CA TYR C 278 -13.98 11.10 21.95
C TYR C 278 -14.24 9.79 21.22
N PHE C 279 -13.31 9.38 20.36
CA PHE C 279 -13.39 8.05 19.78
C PHE C 279 -13.08 6.97 20.81
N VAL C 280 -11.99 7.12 21.57
CA VAL C 280 -11.56 6.04 22.45
C VAL C 280 -12.40 5.96 23.71
N VAL C 281 -13.24 6.95 23.99
CA VAL C 281 -14.15 6.80 25.13
C VAL C 281 -15.23 5.77 24.82
N CYS C 282 -15.47 5.48 23.54
CA CYS C 282 -16.57 4.62 23.14
C CYS C 282 -16.34 3.17 23.55
N MET C 283 -15.09 2.69 23.45
CA MET C 283 -14.80 1.31 23.85
C MET C 283 -14.98 1.11 25.34
N ALA C 284 -14.54 2.07 26.15
CA ALA C 284 -14.72 1.96 27.59
C ALA C 284 -16.19 2.05 27.97
N LEU C 285 -16.97 2.80 27.19
CA LEU C 285 -18.42 2.73 27.30
C LEU C 285 -18.93 1.34 26.93
N LEU C 286 -18.34 0.74 25.90
CA LEU C 286 -18.73 -0.61 25.52
C LEU C 286 -18.26 -1.64 26.52
N VAL C 287 -17.11 -1.42 27.16
CA VAL C 287 -16.64 -2.34 28.18
C VAL C 287 -17.58 -2.34 29.37
N ILE C 288 -18.01 -1.17 29.81
CA ILE C 288 -18.96 -1.13 30.92
C ILE C 288 -20.34 -1.56 30.44
N SER C 289 -20.63 -1.38 29.15
CA SER C 289 -21.82 -2.01 28.59
C SER C 289 -21.68 -3.52 28.62
N LEU C 290 -20.48 -4.02 28.34
CA LEU C 290 -20.22 -5.44 28.49
C LEU C 290 -20.20 -5.84 29.95
N ALA C 291 -19.65 -4.99 30.82
CA ALA C 291 -19.57 -5.31 32.24
C ALA C 291 -20.95 -5.40 32.87
N GLU C 292 -21.92 -4.67 32.34
CA GLU C 292 -23.31 -4.89 32.73
C GLU C 292 -23.76 -6.26 32.29
N THR C 293 -23.41 -6.66 31.06
CA THR C 293 -23.93 -7.88 30.47
C THR C 293 -23.43 -9.12 31.21
N ILE C 294 -22.17 -9.08 31.65
CA ILE C 294 -21.65 -10.22 32.39
C ILE C 294 -22.25 -10.27 33.79
N PHE C 295 -22.64 -9.12 34.32
CA PHE C 295 -23.03 -9.00 35.72
C PHE C 295 -24.36 -9.70 35.96
N ILE C 296 -25.34 -9.42 35.10
CA ILE C 296 -26.66 -10.02 35.25
C ILE C 296 -26.63 -11.51 34.96
N VAL C 297 -25.77 -11.96 34.05
CA VAL C 297 -25.77 -13.38 33.77
C VAL C 297 -24.95 -14.13 34.81
N ARG C 298 -24.00 -13.46 35.46
CA ARG C 298 -23.43 -13.98 36.69
C ARG C 298 -24.48 -14.00 37.79
N LEU C 299 -25.36 -12.99 37.79
CA LEU C 299 -26.44 -12.93 38.75
C LEU C 299 -27.52 -13.95 38.43
N VAL C 300 -27.87 -14.10 37.16
CA VAL C 300 -29.02 -14.91 36.76
C VAL C 300 -28.51 -16.05 35.89
N HIS C 301 -28.54 -17.26 36.43
CA HIS C 301 -28.36 -18.52 35.73
C HIS C 301 -28.73 -19.63 36.70
N LYS C 302 -29.21 -20.75 36.16
CA LYS C 302 -29.57 -21.89 37.03
C LYS C 302 -28.31 -22.57 37.55
N GLN C 303 -27.88 -22.17 38.75
CA GLN C 303 -26.59 -22.57 39.28
C GLN C 303 -26.70 -23.24 40.64
N ASP C 304 -27.91 -23.58 41.07
CA ASP C 304 -28.24 -24.08 42.41
C ASP C 304 -27.73 -23.12 43.49
N LEU C 305 -28.30 -21.93 43.46
CA LEU C 305 -27.80 -20.82 44.26
C LEU C 305 -28.34 -20.90 45.69
N GLN C 306 -28.05 -19.86 46.45
CA GLN C 306 -28.74 -19.57 47.69
C GLN C 306 -29.94 -18.68 47.41
N ARG C 307 -30.73 -18.45 48.42
CA ARG C 307 -31.92 -17.63 48.25
C ARG C 307 -31.56 -16.16 48.19
N PRO C 308 -32.38 -15.35 47.51
CA PRO C 308 -32.21 -13.90 47.61
C PRO C 308 -32.62 -13.41 48.99
N VAL C 309 -31.77 -12.57 49.57
CA VAL C 309 -32.04 -12.02 50.90
C VAL C 309 -33.09 -10.94 50.75
N PRO C 310 -34.03 -10.81 51.71
CA PRO C 310 -35.18 -9.93 51.48
C PRO C 310 -34.84 -8.45 51.51
N ASP C 311 -33.74 -8.07 52.15
CA ASP C 311 -33.35 -6.66 52.17
C ASP C 311 -33.00 -6.16 50.78
N TRP C 312 -32.34 -7.00 49.99
CA TRP C 312 -32.19 -6.67 48.59
C TRP C 312 -33.45 -6.97 47.81
N LEU C 313 -34.27 -7.94 48.27
CA LEU C 313 -35.50 -8.25 47.56
C LEU C 313 -36.56 -7.18 47.82
N ARG C 314 -36.61 -6.62 49.03
CA ARG C 314 -37.42 -5.43 49.23
C ARG C 314 -36.82 -4.24 48.53
N HIS C 315 -35.49 -4.20 48.40
CA HIS C 315 -34.86 -3.22 47.52
C HIS C 315 -35.17 -3.53 46.07
N LEU C 316 -35.29 -4.81 45.73
CA LEU C 316 -35.83 -5.16 44.41
C LEU C 316 -37.31 -4.82 44.33
N VAL C 317 -38.04 -4.93 45.44
CA VAL C 317 -39.42 -4.48 45.45
C VAL C 317 -39.48 -2.97 45.42
N LEU C 318 -38.51 -2.30 46.02
CA LEU C 318 -38.45 -0.84 45.92
C LEU C 318 -38.06 -0.40 44.52
N ASP C 319 -37.13 -1.12 43.88
CA ASP C 319 -36.72 -0.78 42.53
C ASP C 319 -37.83 -1.10 41.53
N ARG C 320 -38.64 -2.12 41.80
CA ARG C 320 -39.82 -2.37 40.99
C ARG C 320 -40.84 -1.25 41.17
N ILE C 321 -40.95 -0.73 42.39
CA ILE C 321 -41.75 0.46 42.62
C ILE C 321 -41.05 1.71 42.11
N ALA C 322 -39.74 1.66 41.87
CA ALA C 322 -39.03 2.79 41.28
C ALA C 322 -39.01 2.73 39.76
N TRP C 323 -39.03 1.54 39.17
CA TRP C 323 -39.05 1.40 37.73
C TRP C 323 -40.45 1.20 37.16
N ILE C 324 -41.44 1.02 38.03
CA ILE C 324 -42.82 0.90 37.58
C ILE C 324 -43.74 1.52 38.61
N ARG C 392 -50.69 -50.83 55.83
CA ARG C 392 -49.89 -50.56 54.65
C ARG C 392 -49.05 -49.30 54.82
N GLY C 393 -47.75 -49.43 54.60
CA GLY C 393 -46.85 -48.30 54.69
C GLY C 393 -46.61 -47.65 53.34
N LEU C 394 -47.66 -47.54 52.53
CA LEU C 394 -47.54 -46.99 51.18
C LEU C 394 -47.32 -45.48 51.16
N LEU C 395 -47.45 -44.82 52.31
CA LEU C 395 -47.26 -43.37 52.36
C LEU C 395 -45.82 -42.98 52.08
N GLN C 396 -44.87 -43.76 52.60
CA GLN C 396 -43.46 -43.40 52.47
C GLN C 396 -42.94 -43.51 51.05
N GLU C 397 -43.62 -44.30 50.20
CA GLU C 397 -43.32 -44.22 48.78
C GLU C 397 -43.90 -42.95 48.18
N LEU C 398 -45.09 -42.57 48.61
CA LEU C 398 -45.69 -41.33 48.12
C LEU C 398 -44.97 -40.12 48.66
N SER C 399 -44.45 -40.19 49.89
CA SER C 399 -43.65 -39.08 50.40
C SER C 399 -42.29 -39.04 49.73
N SER C 400 -41.80 -40.18 49.24
CA SER C 400 -40.56 -40.17 48.48
C SER C 400 -40.74 -39.49 47.14
N ILE C 401 -41.95 -39.54 46.59
CA ILE C 401 -42.24 -38.88 45.31
C ILE C 401 -42.17 -37.37 45.47
N ARG C 402 -42.83 -36.84 46.48
CA ARG C 402 -42.78 -35.40 46.71
C ARG C 402 -41.40 -34.96 47.16
N HIS C 403 -40.69 -35.81 47.92
CA HIS C 403 -39.33 -35.47 48.35
C HIS C 403 -38.39 -35.37 47.17
N PHE C 404 -38.68 -36.11 46.11
CA PHE C 404 -37.95 -35.93 44.86
C PHE C 404 -38.31 -34.62 44.19
N LEU C 405 -39.46 -34.04 44.52
CA LEU C 405 -39.95 -32.87 43.81
C LEU C 405 -40.18 -31.65 44.67
N GLU C 406 -40.25 -31.80 46.00
CA GLU C 406 -40.43 -30.64 46.87
C GLU C 406 -39.23 -29.71 46.83
N LYS C 407 -38.05 -30.23 46.50
CA LYS C 407 -36.89 -29.41 46.27
C LYS C 407 -36.66 -29.13 44.80
N ARG C 408 -36.95 -30.11 43.94
CA ARG C 408 -36.71 -29.97 42.51
C ARG C 408 -37.58 -28.88 41.91
N ASP C 409 -38.84 -28.80 42.32
CA ASP C 409 -39.67 -27.69 41.89
C ASP C 409 -39.23 -26.41 42.58
N GLU C 410 -38.73 -26.51 43.80
CA GLU C 410 -38.34 -25.31 44.53
C GLU C 410 -37.04 -24.73 44.02
N MET C 411 -36.08 -25.59 43.66
CA MET C 411 -34.81 -25.09 43.10
C MET C 411 -35.02 -24.43 41.76
N ARG C 412 -36.05 -24.84 41.03
CA ARG C 412 -36.49 -24.09 39.87
C ARG C 412 -37.00 -22.72 40.29
N GLU C 413 -37.71 -22.65 41.41
CA GLU C 413 -38.29 -21.39 41.82
C GLU C 413 -37.29 -20.50 42.55
N VAL C 414 -36.29 -21.10 43.19
CA VAL C 414 -35.16 -20.31 43.68
C VAL C 414 -34.43 -19.68 42.50
N ALA C 415 -34.30 -20.44 41.41
CA ALA C 415 -33.79 -19.86 40.17
C ALA C 415 -34.75 -18.83 39.59
N ARG C 416 -36.06 -19.02 39.81
CA ARG C 416 -37.03 -18.03 39.37
C ARG C 416 -36.94 -16.76 40.21
N ASP C 417 -36.49 -16.88 41.47
CA ASP C 417 -36.36 -15.71 42.33
C ASP C 417 -35.23 -14.81 41.87
N TRP C 418 -34.07 -15.39 41.60
CA TRP C 418 -32.97 -14.60 41.04
C TRP C 418 -33.29 -14.14 39.63
N LEU C 419 -34.15 -14.88 38.92
CA LEU C 419 -34.61 -14.46 37.60
C LEU C 419 -35.36 -13.13 37.68
N ARG C 420 -36.13 -12.94 38.74
CA ARG C 420 -36.82 -11.67 38.96
C ARG C 420 -35.84 -10.52 39.09
N VAL C 421 -34.67 -10.78 39.67
CA VAL C 421 -33.69 -9.74 39.90
C VAL C 421 -33.09 -9.27 38.58
N GLY C 422 -33.06 -10.15 37.58
CA GLY C 422 -32.48 -9.78 36.29
C GLY C 422 -33.26 -8.71 35.56
N TYR C 423 -34.59 -8.86 35.53
CA TYR C 423 -35.39 -8.00 34.67
C TYR C 423 -35.54 -6.59 35.24
N VAL C 424 -35.59 -6.48 36.57
CA VAL C 424 -35.63 -5.15 37.16
C VAL C 424 -34.31 -4.41 36.94
N LEU C 425 -33.18 -5.13 37.03
CA LEU C 425 -31.93 -4.53 36.63
C LEU C 425 -31.86 -4.33 35.13
N ASP C 426 -32.58 -5.15 34.36
CA ASP C 426 -32.61 -4.94 32.92
C ASP C 426 -33.30 -3.63 32.57
N ARG C 427 -34.35 -3.27 33.31
CA ARG C 427 -35.03 -2.00 33.05
C ARG C 427 -34.16 -0.81 33.46
N LEU C 428 -33.67 -0.81 34.70
CA LEU C 428 -33.06 0.40 35.25
C LEU C 428 -31.69 0.65 34.65
N LEU C 429 -30.90 -0.41 34.42
CA LEU C 429 -29.62 -0.22 33.78
C LEU C 429 -29.75 0.18 32.32
N PHE C 430 -30.88 -0.14 31.70
CA PHE C 430 -31.11 0.29 30.32
C PHE C 430 -31.25 1.79 30.22
N ARG C 431 -32.03 2.39 31.13
CA ARG C 431 -32.19 3.84 31.16
C ARG C 431 -30.89 4.54 31.48
N ILE C 432 -30.22 4.09 32.55
CA ILE C 432 -28.99 4.75 32.99
C ILE C 432 -27.86 4.51 32.00
N TYR C 433 -27.93 3.44 31.20
CA TYR C 433 -27.03 3.38 30.07
C TYR C 433 -27.44 4.37 28.99
N LEU C 434 -28.74 4.44 28.71
CA LEU C 434 -29.22 5.32 27.65
C LEU C 434 -29.02 6.79 28.03
N LEU C 435 -29.33 7.14 29.28
CA LEU C 435 -29.17 8.52 29.70
C LEU C 435 -27.70 8.91 29.83
N ALA C 436 -26.81 7.94 30.07
CA ALA C 436 -25.38 8.25 30.04
C ALA C 436 -24.95 8.61 28.63
N VAL C 437 -25.44 7.88 27.64
CA VAL C 437 -25.03 8.12 26.26
C VAL C 437 -25.65 9.39 25.71
N LEU C 438 -26.95 9.57 25.96
CA LEU C 438 -27.68 10.69 25.36
C LEU C 438 -27.23 12.02 25.93
N ALA C 439 -26.94 12.06 27.24
CA ALA C 439 -26.37 13.27 27.82
C ALA C 439 -24.94 13.50 27.34
N TYR C 440 -24.21 12.42 27.06
CA TYR C 440 -22.88 12.57 26.48
C TYR C 440 -22.95 13.09 25.05
N SER C 441 -23.99 12.70 24.31
CA SER C 441 -24.11 13.06 22.89
C SER C 441 -24.37 14.56 22.72
N ILE C 442 -25.19 15.14 23.60
CA ILE C 442 -25.53 16.55 23.50
C ILE C 442 -24.33 17.44 23.81
N THR C 443 -23.31 16.89 24.49
CA THR C 443 -22.06 17.63 24.70
C THR C 443 -21.31 17.80 23.40
N LEU C 444 -21.37 16.79 22.52
CA LEU C 444 -20.60 16.82 21.29
C LEU C 444 -21.19 17.78 20.27
N VAL C 445 -22.53 17.88 20.21
CA VAL C 445 -23.13 18.79 19.24
C VAL C 445 -22.97 20.24 19.66
N THR C 446 -22.77 20.51 20.95
CA THR C 446 -22.34 21.84 21.35
C THR C 446 -20.94 22.13 20.85
N LEU C 447 -20.08 21.11 20.83
CA LEU C 447 -18.75 21.27 20.25
C LEU C 447 -18.80 21.39 18.74
N TRP C 448 -19.89 20.97 18.11
CA TRP C 448 -20.05 21.18 16.68
C TRP C 448 -20.20 22.66 16.36
N SER C 449 -21.14 23.33 17.05
CA SER C 449 -21.41 24.74 16.79
C SER C 449 -20.28 25.65 17.26
N ILE C 450 -19.44 25.18 18.20
CA ILE C 450 -18.23 25.93 18.54
C ILE C 450 -17.17 25.75 17.47
N ALA C 451 -16.99 24.51 16.98
CA ALA C 451 -16.11 24.29 15.84
C ALA C 451 -16.71 24.88 14.56
N TRP C 452 -18.03 25.00 14.51
CA TRP C 452 -18.68 25.64 13.38
C TRP C 452 -19.45 26.87 13.80
N GLN D 1 28.81 21.41 -54.71
CA GLN D 1 28.41 21.57 -53.31
C GLN D 1 27.15 20.79 -52.99
N PRO D 2 27.21 19.94 -51.96
CA PRO D 2 25.98 19.31 -51.45
C PRO D 2 25.04 20.36 -50.90
N ALA D 3 23.79 20.26 -51.28
CA ALA D 3 22.90 21.40 -51.25
C ALA D 3 22.11 21.54 -49.96
N LEU D 4 21.90 20.45 -49.23
CA LEU D 4 20.97 20.53 -48.11
C LEU D 4 21.57 21.29 -46.95
N LEU D 5 22.80 20.96 -46.58
CA LEU D 5 23.48 21.71 -45.54
C LEU D 5 23.90 23.09 -46.01
N ARG D 6 23.94 23.29 -47.32
CA ARG D 6 24.16 24.64 -47.86
C ARG D 6 23.03 25.56 -47.47
N LEU D 7 21.82 25.03 -47.36
CA LEU D 7 20.70 25.82 -46.87
C LEU D 7 20.89 26.16 -45.40
N SER D 8 21.24 25.14 -44.59
CA SER D 8 21.27 25.30 -43.14
C SER D 8 22.35 26.27 -42.71
N ASP D 9 23.49 26.25 -43.40
CA ASP D 9 24.50 27.26 -43.12
C ASP D 9 24.04 28.63 -43.56
N HIS D 10 23.34 28.71 -44.69
CA HIS D 10 22.79 29.99 -45.12
C HIS D 10 21.66 30.43 -44.23
N LEU D 11 20.94 29.49 -43.65
CA LEU D 11 19.81 29.88 -42.84
C LEU D 11 20.24 30.26 -41.43
N LEU D 12 20.95 29.38 -40.76
CA LEU D 12 21.21 29.53 -39.33
C LEU D 12 22.52 30.24 -39.04
N ALA D 13 23.02 31.03 -39.98
CA ALA D 13 24.28 31.71 -39.75
C ALA D 13 24.13 32.81 -38.71
N ASN D 14 23.02 33.53 -38.75
CA ASN D 14 22.83 34.67 -37.88
C ASN D 14 21.51 34.61 -37.15
N TYR D 15 20.90 33.43 -37.08
CA TYR D 15 19.62 33.33 -36.39
C TYR D 15 19.90 33.35 -34.90
N LYS D 16 19.85 34.53 -34.33
CA LYS D 16 20.00 34.65 -32.90
C LYS D 16 18.72 34.16 -32.25
N LYS D 17 18.77 32.99 -31.63
CA LYS D 17 17.59 32.31 -31.11
C LYS D 17 16.99 32.99 -29.91
N GLY D 18 17.60 34.04 -29.37
CA GLY D 18 17.06 34.69 -28.20
C GLY D 18 16.08 35.79 -28.50
N VAL D 19 15.41 35.70 -29.64
CA VAL D 19 14.47 36.73 -30.08
C VAL D 19 13.17 36.03 -30.42
N ARG D 20 12.07 36.53 -29.88
CA ARG D 20 10.78 36.16 -30.43
C ARG D 20 10.72 36.73 -31.83
N PRO D 21 10.78 35.93 -32.88
CA PRO D 21 11.19 36.46 -34.19
C PRO D 21 10.01 37.07 -34.94
N VAL D 22 10.22 38.29 -35.43
CA VAL D 22 9.20 39.00 -36.18
C VAL D 22 9.92 40.10 -36.96
N ARG D 23 9.28 40.58 -38.02
CA ARG D 23 9.82 41.75 -38.69
C ARG D 23 9.45 43.02 -37.96
N ASP D 24 8.20 43.13 -37.53
CA ASP D 24 7.72 44.31 -36.85
C ASP D 24 7.20 43.93 -35.48
N TRP D 25 7.69 44.62 -34.45
CA TRP D 25 7.44 44.19 -33.08
C TRP D 25 6.01 44.42 -32.62
N ARG D 26 5.23 45.23 -33.34
CA ARG D 26 3.83 45.32 -33.00
C ARG D 26 3.05 44.05 -33.35
N LYS D 27 3.53 43.29 -34.30
CA LYS D 27 2.78 42.15 -34.78
C LYS D 27 2.86 41.00 -33.80
N PRO D 28 1.74 40.41 -33.39
CA PRO D 28 1.78 39.23 -32.53
C PRO D 28 1.99 37.98 -33.37
N THR D 29 3.04 37.23 -33.07
CA THR D 29 3.33 36.01 -33.82
C THR D 29 2.39 34.92 -33.35
N THR D 30 1.41 34.59 -34.17
CA THR D 30 0.33 33.72 -33.75
C THR D 30 0.77 32.27 -33.87
N VAL D 31 0.79 31.56 -32.74
CA VAL D 31 0.98 30.12 -32.78
C VAL D 31 -0.38 29.50 -33.01
N SER D 32 -0.39 28.22 -33.37
CA SER D 32 -1.58 27.58 -33.90
C SER D 32 -1.42 26.08 -33.70
N ILE D 33 -2.34 25.50 -32.94
CA ILE D 33 -2.14 24.19 -32.34
C ILE D 33 -3.38 23.33 -32.56
N ASP D 34 -3.31 22.10 -32.07
CA ASP D 34 -4.47 21.27 -31.83
C ASP D 34 -4.09 20.27 -30.76
N VAL D 35 -4.99 19.33 -30.49
CA VAL D 35 -4.64 18.13 -29.75
C VAL D 35 -5.22 16.96 -30.52
N ILE D 36 -4.62 15.80 -30.34
CA ILE D 36 -5.16 14.54 -30.81
C ILE D 36 -5.04 13.62 -29.61
N MET D 37 -6.13 13.41 -28.89
CA MET D 37 -6.02 12.68 -27.64
C MET D 37 -5.90 11.19 -27.89
N TYR D 38 -4.86 10.59 -27.32
CA TYR D 38 -4.54 9.20 -27.59
C TYR D 38 -5.21 8.27 -26.59
N ALA D 39 -4.95 8.48 -25.31
CA ALA D 39 -5.46 7.54 -24.33
C ALA D 39 -5.61 8.23 -22.99
N ILE D 40 -6.39 7.62 -22.12
CA ILE D 40 -6.53 8.03 -20.74
C ILE D 40 -5.90 6.97 -19.89
N LEU D 41 -4.82 7.33 -19.19
CA LEU D 41 -4.02 6.30 -18.54
C LEU D 41 -4.62 5.87 -17.22
N ASN D 42 -4.87 6.82 -16.33
CA ASN D 42 -5.36 6.48 -15.01
C ASN D 42 -6.12 7.68 -14.46
N VAL D 43 -7.19 7.38 -13.74
CA VAL D 43 -7.91 8.40 -12.98
C VAL D 43 -7.90 7.91 -11.54
N ASP D 44 -6.93 8.37 -10.77
CA ASP D 44 -6.94 8.16 -9.33
C ASP D 44 -7.70 9.31 -8.71
N GLU D 45 -8.95 9.04 -8.36
CA GLU D 45 -9.86 10.06 -7.89
C GLU D 45 -9.45 10.57 -6.52
N LYS D 46 -8.80 9.73 -5.71
CA LYS D 46 -8.40 10.15 -4.38
C LYS D 46 -7.28 11.18 -4.44
N ASN D 47 -6.47 11.15 -5.48
CA ASN D 47 -5.43 12.14 -5.62
C ASN D 47 -5.88 13.37 -6.39
N GLN D 48 -7.11 13.35 -6.93
CA GLN D 48 -7.70 14.48 -7.66
C GLN D 48 -6.85 14.86 -8.87
N VAL D 49 -6.23 13.86 -9.49
CA VAL D 49 -5.29 14.09 -10.57
C VAL D 49 -5.62 13.12 -11.71
N LEU D 50 -5.12 13.43 -12.89
CA LEU D 50 -5.48 12.74 -14.12
C LEU D 50 -4.28 12.71 -15.05
N THR D 51 -3.92 11.52 -15.51
CA THR D 51 -2.81 11.35 -16.44
C THR D 51 -3.33 11.03 -17.84
N THR D 52 -2.78 11.72 -18.83
CA THR D 52 -3.33 11.71 -20.17
C THR D 52 -2.18 11.77 -21.17
N TYR D 53 -2.24 10.94 -22.21
CA TYR D 53 -1.23 10.88 -23.25
C TYR D 53 -1.79 11.55 -24.50
N ILE D 54 -1.16 12.63 -24.95
CA ILE D 54 -1.74 13.49 -25.97
C ILE D 54 -0.74 13.70 -27.07
N TRP D 55 -1.13 13.41 -28.31
CA TRP D 55 -0.31 13.83 -29.43
C TRP D 55 -0.62 15.28 -29.73
N TYR D 56 0.38 16.00 -30.22
CA TYR D 56 0.30 17.44 -30.17
C TYR D 56 1.03 18.07 -31.33
N ARG D 57 0.51 19.20 -31.83
CA ARG D 57 1.09 19.87 -32.98
C ARG D 57 1.14 21.36 -32.74
N GLN D 58 2.04 22.01 -33.46
CA GLN D 58 2.18 23.46 -33.46
C GLN D 58 2.59 23.91 -34.85
N TYR D 59 2.19 25.11 -35.24
CA TYR D 59 3.05 25.89 -36.10
C TYR D 59 2.98 27.34 -35.69
N TRP D 60 3.93 28.11 -36.20
CA TRP D 60 3.87 29.55 -36.11
C TRP D 60 4.69 30.12 -37.25
N THR D 61 4.28 31.29 -37.72
CA THR D 61 4.97 31.93 -38.82
C THR D 61 6.23 32.59 -38.28
N ASP D 62 7.38 32.16 -38.76
CA ASP D 62 8.65 32.78 -38.42
C ASP D 62 9.06 33.69 -39.56
N GLU D 63 9.33 34.95 -39.24
CA GLU D 63 9.83 35.88 -40.23
C GLU D 63 11.19 35.49 -40.76
N PHE D 64 12.10 35.07 -39.87
CA PHE D 64 13.50 35.06 -40.23
C PHE D 64 13.93 33.84 -41.01
N LEU D 65 13.14 32.77 -41.00
CA LEU D 65 13.58 31.52 -41.59
C LEU D 65 13.07 31.33 -42.99
N GLN D 66 12.80 32.41 -43.71
CA GLN D 66 12.26 32.29 -45.05
C GLN D 66 13.40 32.12 -46.05
N TRP D 67 13.17 31.28 -47.05
CA TRP D 67 14.13 31.13 -48.12
C TRP D 67 13.35 31.06 -49.43
N THR D 68 14.06 30.82 -50.52
CA THR D 68 13.41 30.53 -51.77
C THR D 68 13.72 29.10 -52.17
N PRO D 69 12.77 28.38 -52.75
CA PRO D 69 13.08 27.05 -53.29
C PRO D 69 14.06 27.08 -54.45
N GLU D 70 14.14 28.21 -55.16
CA GLU D 70 15.25 28.44 -56.07
C GLU D 70 16.55 28.53 -55.30
N ASP D 71 17.64 28.20 -55.98
CA ASP D 71 19.03 28.21 -55.52
C ASP D 71 19.29 27.17 -54.44
N PHE D 72 18.31 26.34 -54.10
CA PHE D 72 18.54 25.22 -53.20
C PHE D 72 17.80 23.99 -53.66
N ASP D 73 17.54 23.92 -54.97
CA ASP D 73 17.04 22.73 -55.65
C ASP D 73 15.67 22.31 -55.15
N ASN D 74 14.77 23.29 -55.06
CA ASN D 74 13.34 23.08 -54.84
C ASN D 74 13.04 22.39 -53.53
N VAL D 75 13.71 22.80 -52.46
CA VAL D 75 13.48 22.23 -51.15
C VAL D 75 12.51 23.11 -50.39
N THR D 76 11.37 22.55 -50.03
CA THR D 76 10.35 23.29 -49.31
C THR D 76 10.17 22.84 -47.87
N LYS D 77 10.74 21.71 -47.49
CA LYS D 77 10.61 21.21 -46.14
C LYS D 77 11.97 20.74 -45.66
N LEU D 78 12.22 20.92 -44.38
CA LEU D 78 13.58 20.76 -43.87
C LEU D 78 13.52 20.56 -42.37
N SER D 79 14.45 19.77 -41.85
CA SER D 79 14.46 19.39 -40.45
C SER D 79 15.51 20.18 -39.69
N ILE D 80 15.14 20.68 -38.52
CA ILE D 80 15.98 21.58 -37.74
C ILE D 80 16.04 21.12 -36.29
N PRO D 81 17.21 21.15 -35.65
CA PRO D 81 17.29 20.93 -34.21
C PRO D 81 16.54 21.99 -33.44
N THR D 82 15.70 21.55 -32.50
CA THR D 82 14.78 22.45 -31.81
C THR D 82 15.51 23.49 -30.98
N ASP D 83 16.57 23.10 -30.30
CA ASP D 83 17.26 24.05 -29.45
C ASP D 83 18.17 25.00 -30.21
N SER D 84 18.12 24.99 -31.53
CA SER D 84 18.86 25.94 -32.32
C SER D 84 17.99 27.06 -32.85
N ILE D 85 16.69 27.05 -32.55
CA ILE D 85 15.79 28.10 -32.98
C ILE D 85 14.95 28.56 -31.81
N TRP D 86 14.06 29.50 -32.08
CA TRP D 86 13.10 29.97 -31.12
C TRP D 86 12.05 28.89 -30.87
N VAL D 87 11.32 29.02 -29.77
CA VAL D 87 10.23 28.14 -29.44
C VAL D 87 9.27 28.99 -28.61
N PRO D 88 7.96 28.79 -28.69
CA PRO D 88 7.07 29.47 -27.75
C PRO D 88 7.08 28.78 -26.41
N ASP D 89 6.69 29.54 -25.39
CA ASP D 89 6.82 29.14 -24.00
C ASP D 89 5.60 28.44 -23.47
N ILE D 90 4.80 27.81 -24.33
CA ILE D 90 3.49 27.35 -23.89
C ILE D 90 3.62 26.12 -23.02
N LEU D 91 2.72 26.02 -22.06
CA LEU D 91 2.56 24.84 -21.22
C LEU D 91 1.17 24.89 -20.67
N ILE D 92 0.80 23.85 -19.99
CA ILE D 92 -0.55 23.73 -19.52
C ILE D 92 -0.61 24.20 -18.08
N ASN D 93 -1.73 24.80 -17.68
CA ASN D 93 -1.77 25.47 -16.40
C ASN D 93 -2.06 24.53 -15.26
N GLU D 94 -2.33 23.26 -15.55
CA GLU D 94 -2.87 22.37 -14.55
C GLU D 94 -2.01 21.14 -14.37
N PHE D 95 -0.74 21.24 -14.71
CA PHE D 95 0.16 20.10 -14.59
C PHE D 95 0.44 19.81 -13.14
N VAL D 96 0.88 18.58 -12.89
CA VAL D 96 1.53 18.23 -11.65
C VAL D 96 3.01 17.94 -11.86
N ASP D 97 3.35 17.22 -12.92
CA ASP D 97 4.76 16.95 -13.19
C ASP D 97 4.97 16.81 -14.68
N VAL D 98 5.79 17.66 -15.25
CA VAL D 98 6.22 17.45 -16.62
C VAL D 98 7.67 17.01 -16.61
N GLY D 99 7.87 15.69 -16.58
CA GLY D 99 9.20 15.16 -16.76
C GLY D 99 9.11 13.84 -17.48
N LYS D 100 7.90 13.48 -17.88
CA LYS D 100 7.66 12.20 -18.50
C LYS D 100 7.73 12.25 -20.01
N SER D 101 7.79 13.43 -20.59
CA SER D 101 7.83 13.40 -22.04
C SER D 101 9.25 13.50 -22.53
N PRO D 102 9.61 12.78 -23.58
CA PRO D 102 10.92 12.97 -24.19
C PRO D 102 10.91 14.24 -25.02
N ASN D 103 12.09 14.82 -25.17
CA ASN D 103 12.22 16.02 -25.97
C ASN D 103 12.45 15.61 -27.42
N ILE D 104 11.50 15.95 -28.27
CA ILE D 104 11.70 15.74 -29.70
C ILE D 104 12.76 16.71 -30.16
N PRO D 105 13.87 16.22 -30.72
CA PRO D 105 14.94 17.12 -31.10
C PRO D 105 14.67 17.88 -32.38
N TYR D 106 13.67 17.51 -33.17
CA TYR D 106 13.59 17.98 -34.54
C TYR D 106 12.26 18.64 -34.84
N VAL D 107 12.30 19.66 -35.68
CA VAL D 107 11.12 20.35 -36.19
C VAL D 107 11.28 20.62 -37.68
N TYR D 108 10.15 20.84 -38.34
CA TYR D 108 10.14 21.21 -39.74
C TYR D 108 10.10 22.71 -39.94
N VAL D 109 10.48 23.13 -41.15
CA VAL D 109 10.32 24.50 -41.62
C VAL D 109 9.84 24.47 -43.05
N HIS D 110 9.09 25.49 -43.44
CA HIS D 110 8.74 25.71 -44.82
C HIS D 110 9.36 27.00 -45.34
N HIS D 111 9.29 27.16 -46.66
CA HIS D 111 9.95 28.29 -47.29
C HIS D 111 9.20 29.58 -47.10
N ARG D 112 8.00 29.51 -46.55
CA ARG D 112 7.26 30.70 -46.18
C ARG D 112 7.58 31.14 -44.77
N GLY D 113 8.23 30.31 -43.99
CA GLY D 113 8.48 30.59 -42.60
C GLY D 113 7.55 29.90 -41.65
N GLU D 114 6.76 28.96 -42.12
CA GLU D 114 5.93 28.17 -41.22
C GLU D 114 6.79 27.06 -40.66
N VAL D 115 7.36 27.30 -39.50
CA VAL D 115 8.04 26.24 -38.77
C VAL D 115 7.00 25.40 -38.06
N GLN D 116 7.08 24.09 -38.27
CA GLN D 116 6.09 23.17 -37.77
C GLN D 116 6.72 22.29 -36.71
N ASN D 117 6.02 22.11 -35.60
CA ASN D 117 6.51 21.38 -34.44
C ASN D 117 5.52 20.29 -34.08
N TYR D 118 6.00 19.06 -33.98
CA TYR D 118 5.23 18.01 -33.35
C TYR D 118 5.98 17.55 -32.12
N LYS D 119 5.22 17.09 -31.13
CA LYS D 119 5.80 16.44 -29.95
C LYS D 119 4.71 15.68 -29.26
N PRO D 120 5.03 14.62 -28.54
CA PRO D 120 4.07 14.04 -27.61
C PRO D 120 4.25 14.71 -26.27
N LEU D 121 3.23 14.57 -25.44
CA LEU D 121 3.29 15.09 -24.09
C LEU D 121 2.31 14.32 -23.24
N GLN D 122 2.77 13.88 -22.08
CA GLN D 122 1.95 13.27 -21.06
C GLN D 122 1.92 14.24 -19.92
N LEU D 123 0.76 14.49 -19.37
CA LEU D 123 0.72 15.24 -18.13
C LEU D 123 -0.23 14.62 -17.13
N VAL D 124 0.31 14.34 -15.96
CA VAL D 124 -0.52 14.14 -14.79
C VAL D 124 -1.14 15.51 -14.47
N THR D 125 -2.39 15.69 -14.84
CA THR D 125 -3.01 16.99 -14.66
C THR D 125 -4.13 16.93 -13.64
N ALA D 126 -4.42 18.09 -13.06
CA ALA D 126 -5.37 18.17 -11.96
C ALA D 126 -6.55 19.00 -12.43
N CYS D 127 -7.67 18.33 -12.64
CA CYS D 127 -8.93 19.00 -12.89
C CYS D 127 -9.96 18.45 -11.92
N SER D 128 -10.92 19.29 -11.57
CA SER D 128 -11.86 18.97 -10.51
C SER D 128 -12.83 17.91 -11.02
N LEU D 129 -12.55 16.67 -10.69
CA LEU D 129 -13.38 15.58 -11.14
C LEU D 129 -14.64 15.51 -10.31
N ASP D 130 -15.73 15.06 -10.93
CA ASP D 130 -16.99 14.87 -10.25
C ASP D 130 -17.22 13.40 -9.96
N ILE D 131 -17.65 13.10 -8.75
CA ILE D 131 -17.77 11.72 -8.31
C ILE D 131 -19.20 11.41 -7.85
N TYR D 132 -20.14 12.31 -8.18
CA TYR D 132 -21.48 12.24 -7.61
C TYR D 132 -22.25 11.05 -8.15
N ASN D 133 -22.47 11.01 -9.46
CA ASN D 133 -23.07 9.85 -10.11
C ASN D 133 -21.94 8.88 -10.41
N PHE D 134 -21.63 7.99 -9.45
CA PHE D 134 -20.33 7.30 -9.49
C PHE D 134 -20.15 6.34 -10.64
N PRO D 135 -20.94 5.28 -10.82
CA PRO D 135 -20.62 4.35 -11.91
C PRO D 135 -21.04 4.87 -13.27
N PHE D 136 -21.80 5.96 -13.32
CA PHE D 136 -22.22 6.57 -14.57
C PHE D 136 -21.85 8.03 -14.45
N ASP D 137 -20.62 8.40 -14.78
CA ASP D 137 -20.18 9.76 -14.62
C ASP D 137 -19.68 10.31 -15.94
N VAL D 138 -19.70 11.64 -16.03
CA VAL D 138 -19.00 12.35 -17.09
C VAL D 138 -18.08 13.36 -16.44
N GLN D 139 -16.86 13.44 -16.95
CA GLN D 139 -15.81 14.19 -16.28
C GLN D 139 -15.46 15.39 -17.14
N ASN D 140 -16.02 16.54 -16.80
CA ASN D 140 -15.77 17.76 -17.55
C ASN D 140 -14.41 18.28 -17.15
N CYS D 141 -13.37 17.67 -17.71
CA CYS D 141 -12.01 18.03 -17.39
C CYS D 141 -11.48 19.06 -18.38
N SER D 142 -10.49 19.83 -17.94
CA SER D 142 -10.08 21.01 -18.68
C SER D 142 -8.57 21.10 -18.78
N LEU D 143 -8.10 21.33 -19.99
CA LEU D 143 -6.69 21.57 -20.28
C LEU D 143 -6.61 22.95 -20.91
N THR D 144 -5.99 23.88 -20.22
CA THR D 144 -5.97 25.28 -20.64
C THR D 144 -4.57 25.61 -21.12
N PHE D 145 -4.37 25.63 -22.43
CA PHE D 145 -3.02 25.82 -22.95
C PHE D 145 -2.72 27.30 -22.94
N THR D 146 -1.53 27.64 -22.48
CA THR D 146 -1.28 29.04 -22.14
C THR D 146 0.18 29.35 -22.40
N SER D 147 0.44 30.46 -23.05
CA SER D 147 1.76 31.07 -22.95
C SER D 147 1.97 31.47 -21.51
N TRP D 148 3.00 30.94 -20.88
CA TRP D 148 3.20 31.28 -19.49
C TRP D 148 3.66 32.72 -19.34
N LEU D 149 4.43 33.21 -20.28
CA LEU D 149 4.96 34.55 -20.13
C LEU D 149 4.33 35.56 -21.07
N HIS D 150 4.30 35.26 -22.36
CA HIS D 150 4.02 36.30 -23.34
C HIS D 150 2.56 36.69 -23.33
N THR D 151 2.30 37.91 -23.76
CA THR D 151 0.98 38.47 -23.74
C THR D 151 0.38 38.46 -25.13
N ILE D 152 -0.81 39.05 -25.25
CA ILE D 152 -1.49 39.17 -26.52
C ILE D 152 -0.70 40.04 -27.48
N GLN D 153 0.04 41.01 -26.95
CA GLN D 153 0.92 41.80 -27.79
C GLN D 153 2.01 40.96 -28.42
N ASP D 154 2.49 39.94 -27.70
CA ASP D 154 3.59 39.15 -28.22
C ASP D 154 3.11 37.99 -29.07
N ILE D 155 2.19 37.18 -28.56
CA ILE D 155 1.68 36.03 -29.30
C ILE D 155 0.20 35.91 -29.07
N ASN D 156 -0.49 35.34 -30.05
CA ASN D 156 -1.85 34.87 -29.91
C ASN D 156 -1.85 33.37 -30.15
N ILE D 157 -2.79 32.66 -29.55
CA ILE D 157 -2.87 31.22 -29.78
C ILE D 157 -4.17 30.94 -30.51
N THR D 158 -4.11 30.13 -31.55
CA THR D 158 -5.32 29.75 -32.23
C THR D 158 -5.31 28.27 -32.56
N LEU D 159 -6.33 27.81 -33.26
CA LEU D 159 -6.40 26.40 -33.59
C LEU D 159 -5.78 26.15 -34.95
N TRP D 160 -5.25 24.95 -35.12
CA TRP D 160 -4.87 24.47 -36.45
C TRP D 160 -6.09 24.41 -37.34
N ARG D 161 -7.04 23.56 -36.99
CA ARG D 161 -8.07 23.09 -37.89
C ARG D 161 -9.43 23.60 -37.42
N SER D 162 -10.47 23.14 -38.09
CA SER D 162 -11.83 23.47 -37.70
C SER D 162 -12.15 22.81 -36.36
N PRO D 163 -12.81 23.53 -35.45
CA PRO D 163 -13.12 22.96 -34.14
C PRO D 163 -14.12 21.82 -34.21
N GLU D 164 -14.88 21.73 -35.29
CA GLU D 164 -15.71 20.56 -35.50
C GLU D 164 -14.87 19.31 -35.69
N GLU D 165 -13.75 19.42 -36.41
CA GLU D 165 -12.91 18.26 -36.62
C GLU D 165 -12.19 17.85 -35.35
N VAL D 166 -11.95 18.80 -34.44
CA VAL D 166 -11.39 18.44 -33.15
C VAL D 166 -12.44 17.70 -32.34
N ARG D 167 -13.71 18.04 -32.55
CA ARG D 167 -14.78 17.62 -31.64
C ARG D 167 -15.01 16.11 -31.69
N SER D 168 -15.22 15.57 -32.88
CA SER D 168 -15.53 14.16 -33.02
C SER D 168 -14.33 13.34 -33.45
N ASP D 169 -13.14 13.72 -32.99
CA ASP D 169 -11.92 13.09 -33.46
C ASP D 169 -11.61 11.89 -32.58
N LYS D 170 -11.82 10.70 -33.12
CA LYS D 170 -11.44 9.44 -32.49
C LYS D 170 -10.59 8.65 -33.44
N SER D 171 -9.70 9.34 -34.15
CA SER D 171 -8.97 8.70 -35.25
C SER D 171 -7.98 7.68 -34.72
N ILE D 172 -7.19 8.07 -33.73
CA ILE D 172 -6.45 7.12 -32.92
C ILE D 172 -6.91 7.27 -31.49
N PHE D 173 -7.21 6.15 -30.86
CA PHE D 173 -7.63 6.14 -29.47
C PHE D 173 -7.53 4.73 -28.92
N ILE D 174 -6.97 4.59 -27.72
CA ILE D 174 -6.99 3.32 -27.04
C ILE D 174 -8.24 3.30 -26.17
N ASN D 175 -9.28 2.70 -26.69
CA ASN D 175 -10.45 2.33 -25.91
C ASN D 175 -10.18 0.97 -25.26
N GLN D 176 -11.23 0.36 -24.72
CA GLN D 176 -11.27 -0.89 -23.94
C GLN D 176 -10.35 -0.84 -22.71
N GLY D 177 -10.01 0.35 -22.23
CA GLY D 177 -9.38 0.46 -20.94
C GLY D 177 -10.49 0.58 -19.93
N GLU D 178 -10.51 1.65 -19.16
CA GLU D 178 -11.67 1.94 -18.35
C GLU D 178 -12.57 2.98 -18.98
N TRP D 179 -11.97 3.96 -19.63
CA TRP D 179 -12.67 5.18 -20.00
C TRP D 179 -12.95 5.24 -21.48
N GLU D 180 -13.77 6.22 -21.84
CA GLU D 180 -14.12 6.48 -23.23
C GLU D 180 -14.64 7.89 -23.31
N LEU D 181 -14.15 8.65 -24.27
CA LEU D 181 -14.54 10.04 -24.41
C LEU D 181 -15.65 10.17 -25.44
N LEU D 182 -16.58 11.08 -25.19
CA LEU D 182 -17.58 11.34 -26.20
C LEU D 182 -17.17 12.45 -27.15
N GLU D 183 -16.52 13.49 -26.65
CA GLU D 183 -15.99 14.53 -27.50
C GLU D 183 -14.90 15.27 -26.76
N VAL D 184 -14.21 16.13 -27.49
CA VAL D 184 -13.26 17.07 -26.94
C VAL D 184 -13.70 18.44 -27.41
N PHE D 185 -14.00 19.33 -26.48
CA PHE D 185 -14.53 20.63 -26.83
C PHE D 185 -13.45 21.69 -26.69
N PRO D 186 -12.99 22.29 -27.78
CA PRO D 186 -12.10 23.43 -27.67
C PRO D 186 -12.91 24.71 -27.56
N GLN D 187 -12.27 25.73 -27.02
CA GLN D 187 -12.85 27.06 -26.93
C GLN D 187 -11.74 28.04 -26.64
N PHE D 188 -11.68 29.11 -27.41
CA PHE D 188 -10.79 30.21 -27.07
C PHE D 188 -11.30 30.91 -25.82
N LYS D 189 -10.37 31.47 -25.07
CA LYS D 189 -10.72 32.37 -23.99
C LYS D 189 -9.70 33.49 -24.03
N GLU D 190 -10.10 34.68 -23.60
CA GLU D 190 -9.15 35.77 -23.44
C GLU D 190 -8.99 35.98 -21.95
N PHE D 191 -7.78 35.85 -21.46
CA PHE D 191 -7.54 35.84 -20.02
C PHE D 191 -6.82 37.10 -19.58
N SER D 192 -7.25 37.63 -18.45
CA SER D 192 -6.58 38.76 -17.83
C SER D 192 -6.89 38.68 -16.35
N ILE D 193 -5.89 38.32 -15.54
CA ILE D 193 -6.12 38.25 -14.11
C ILE D 193 -6.23 39.65 -13.52
N ASP D 194 -5.69 40.65 -14.19
CA ASP D 194 -5.53 41.98 -13.64
C ASP D 194 -5.70 42.99 -14.76
N ILE D 195 -5.31 44.21 -14.49
CA ILE D 195 -5.30 45.24 -15.51
C ILE D 195 -3.92 45.24 -16.15
N SER D 196 -3.84 45.79 -17.37
CA SER D 196 -2.60 46.02 -18.13
C SER D 196 -1.88 44.72 -18.47
N ASN D 197 -2.62 43.62 -18.52
CA ASN D 197 -2.09 42.32 -18.88
C ASN D 197 -3.21 41.53 -19.53
N SER D 198 -2.82 40.63 -20.42
CA SER D 198 -3.79 39.89 -21.21
C SER D 198 -3.09 38.69 -21.79
N TYR D 199 -3.65 37.51 -21.58
CA TYR D 199 -2.98 36.29 -21.94
C TYR D 199 -3.88 35.42 -22.80
N ALA D 200 -3.30 34.85 -23.83
CA ALA D 200 -4.04 33.92 -24.66
C ALA D 200 -4.15 32.59 -23.94
N GLU D 201 -5.37 32.08 -23.83
CA GLU D 201 -5.60 30.76 -23.29
C GLU D 201 -6.62 30.10 -24.18
N MET D 202 -6.48 28.81 -24.41
CA MET D 202 -7.48 28.13 -25.21
C MET D 202 -7.72 26.78 -24.57
N LYS D 203 -8.86 26.66 -23.92
CA LYS D 203 -9.15 25.52 -23.08
C LYS D 203 -9.43 24.30 -23.95
N PHE D 204 -9.57 23.17 -23.27
CA PHE D 204 -9.98 21.94 -23.92
C PHE D 204 -10.89 21.24 -22.93
N TYR D 205 -12.18 21.41 -23.10
CA TYR D 205 -13.10 20.67 -22.25
C TYR D 205 -13.14 19.24 -22.78
N VAL D 206 -12.21 18.44 -22.27
CA VAL D 206 -12.20 17.01 -22.55
C VAL D 206 -13.19 16.35 -21.61
N ILE D 207 -14.18 15.67 -22.18
CA ILE D 207 -15.16 14.96 -21.37
C ILE D 207 -15.05 13.47 -21.67
N ILE D 208 -15.01 12.68 -20.60
CA ILE D 208 -14.92 11.24 -20.71
C ILE D 208 -16.00 10.65 -19.83
N ARG D 209 -16.38 9.43 -20.15
CA ARG D 209 -17.31 8.70 -19.31
C ARG D 209 -16.76 7.32 -19.06
N ARG D 210 -17.26 6.70 -17.99
CA ARG D 210 -16.72 5.44 -17.51
C ARG D 210 -17.59 4.30 -17.99
N ARG D 211 -16.97 3.22 -18.40
CA ARG D 211 -17.74 2.02 -18.69
C ARG D 211 -18.04 1.32 -17.37
N PRO D 212 -19.31 1.27 -16.96
CA PRO D 212 -19.64 0.71 -15.64
C PRO D 212 -19.65 -0.79 -15.62
N LEU D 213 -19.38 -1.44 -16.75
CA LEU D 213 -19.63 -2.86 -16.91
C LEU D 213 -18.64 -3.72 -16.14
N PHE D 214 -17.59 -3.13 -15.58
CA PHE D 214 -16.81 -3.84 -14.60
C PHE D 214 -17.25 -3.55 -13.18
N TYR D 215 -17.58 -2.29 -12.87
CA TYR D 215 -17.88 -1.93 -11.49
C TYR D 215 -19.21 -2.48 -11.02
N ALA D 216 -20.10 -2.82 -11.96
CA ALA D 216 -21.38 -3.39 -11.59
C ALA D 216 -21.21 -4.78 -10.99
N VAL D 217 -20.30 -5.57 -11.55
CA VAL D 217 -20.13 -6.93 -11.07
C VAL D 217 -19.04 -6.96 -10.01
N SER D 218 -18.55 -5.79 -9.61
CA SER D 218 -17.64 -5.71 -8.49
C SER D 218 -18.18 -4.90 -7.32
N LEU D 219 -19.21 -4.12 -7.53
CA LEU D 219 -19.76 -3.40 -6.39
C LEU D 219 -21.24 -3.63 -6.21
N LEU D 220 -22.01 -3.73 -7.30
CA LEU D 220 -23.44 -3.98 -7.14
C LEU D 220 -23.69 -5.45 -6.85
N LEU D 221 -22.90 -6.34 -7.42
CA LEU D 221 -23.05 -7.76 -7.12
C LEU D 221 -22.78 -8.14 -5.67
N PRO D 222 -21.85 -7.53 -4.92
CA PRO D 222 -21.83 -7.82 -3.48
C PRO D 222 -23.06 -7.35 -2.74
N SER D 223 -23.70 -6.28 -3.19
CA SER D 223 -24.78 -5.70 -2.41
C SER D 223 -26.05 -6.53 -2.49
N ILE D 224 -26.23 -7.31 -3.54
CA ILE D 224 -27.54 -7.91 -3.76
C ILE D 224 -27.71 -9.19 -2.95
N PHE D 225 -26.65 -9.99 -2.81
CA PHE D 225 -26.86 -11.22 -2.05
C PHE D 225 -26.76 -10.96 -0.56
N LEU D 226 -26.22 -9.81 -0.17
CA LEU D 226 -26.31 -9.40 1.22
C LEU D 226 -27.76 -9.19 1.66
N MET D 227 -28.64 -8.85 0.73
CA MET D 227 -30.06 -8.87 1.04
C MET D 227 -30.55 -10.28 1.31
N VAL D 228 -30.27 -11.20 0.37
CA VAL D 228 -30.99 -12.47 0.37
C VAL D 228 -30.50 -13.42 1.44
N VAL D 229 -29.34 -13.17 2.02
CA VAL D 229 -28.91 -13.94 3.19
C VAL D 229 -29.77 -13.57 4.39
N ASP D 230 -30.12 -12.30 4.52
CA ASP D 230 -31.04 -11.91 5.57
C ASP D 230 -32.48 -12.25 5.24
N ILE D 231 -32.84 -12.21 3.94
CA ILE D 231 -34.14 -12.69 3.50
C ILE D 231 -34.33 -14.14 3.88
N VAL D 232 -33.30 -14.96 3.64
CA VAL D 232 -33.38 -16.34 4.11
C VAL D 232 -33.09 -16.42 5.61
N GLY D 233 -32.62 -15.33 6.21
CA GLY D 233 -32.46 -15.29 7.65
C GLY D 233 -33.76 -15.35 8.43
N PHE D 234 -34.85 -14.84 7.86
CA PHE D 234 -36.12 -14.92 8.57
C PHE D 234 -36.69 -16.32 8.55
N CYS D 235 -36.30 -17.13 7.57
CA CYS D 235 -36.73 -18.53 7.54
C CYS D 235 -36.11 -19.36 8.64
N LEU D 236 -35.11 -18.85 9.34
CA LEU D 236 -34.68 -19.45 10.58
C LEU D 236 -35.80 -19.33 11.60
N PRO D 237 -36.04 -20.36 12.41
CA PRO D 237 -37.00 -20.23 13.50
C PRO D 237 -36.47 -19.29 14.56
N PRO D 238 -37.36 -18.52 15.20
CA PRO D 238 -36.91 -17.52 16.16
C PRO D 238 -36.33 -18.09 17.43
N ASP D 239 -36.83 -19.24 17.87
CA ASP D 239 -36.47 -19.81 19.16
C ASP D 239 -35.06 -20.37 19.21
N SER D 240 -34.37 -20.46 18.07
CA SER D 240 -33.03 -21.05 18.03
C SER D 240 -32.03 -20.21 18.79
N GLY D 241 -32.11 -18.88 18.65
CA GLY D 241 -31.22 -17.98 19.34
C GLY D 241 -30.02 -17.53 18.55
N GLU D 242 -29.44 -18.42 17.75
CA GLU D 242 -28.35 -18.01 16.87
C GLU D 242 -28.86 -17.22 15.67
N ARG D 243 -30.18 -17.20 15.45
CA ARG D 243 -30.79 -16.32 14.47
C ARG D 243 -30.48 -14.86 14.74
N VAL D 244 -30.32 -14.49 16.02
CA VAL D 244 -29.80 -13.17 16.34
C VAL D 244 -28.33 -13.07 15.95
N SER D 245 -27.54 -14.06 16.35
CA SER D 245 -26.11 -14.07 16.01
C SER D 245 -25.88 -14.24 14.53
N PHE D 246 -26.86 -14.81 13.82
CA PHE D 246 -26.87 -14.83 12.37
C PHE D 246 -26.75 -13.43 11.80
N LYS D 247 -27.68 -12.55 12.18
CA LYS D 247 -27.77 -11.23 11.58
C LYS D 247 -26.54 -10.39 11.88
N ILE D 248 -26.06 -10.48 13.12
CA ILE D 248 -24.94 -9.67 13.57
C ILE D 248 -23.66 -10.08 12.88
N THR D 249 -23.56 -11.36 12.55
CA THR D 249 -22.46 -11.83 11.72
C THR D 249 -22.49 -11.14 10.37
N LEU D 250 -23.68 -10.98 9.80
CA LEU D 250 -23.79 -10.20 8.56
C LEU D 250 -23.67 -8.71 8.84
N LEU D 251 -24.15 -8.25 10.00
CA LEU D 251 -23.88 -6.87 10.38
C LEU D 251 -22.40 -6.64 10.60
N LEU D 252 -21.70 -7.66 11.12
CA LEU D 252 -20.24 -7.60 11.08
C LEU D 252 -19.74 -7.67 9.65
N GLY D 253 -20.33 -8.55 8.84
CA GLY D 253 -19.86 -8.72 7.47
C GLY D 253 -20.10 -7.50 6.60
N TYR D 254 -21.23 -6.82 6.80
CA TYR D 254 -21.47 -5.60 6.06
C TYR D 254 -20.60 -4.46 6.57
N SER D 255 -20.23 -4.51 7.84
CA SER D 255 -19.33 -3.52 8.41
C SER D 255 -17.94 -3.63 7.78
N VAL D 256 -17.53 -4.85 7.45
CA VAL D 256 -16.28 -5.06 6.73
C VAL D 256 -16.34 -4.40 5.36
N PHE D 257 -17.47 -4.55 4.67
CA PHE D 257 -17.56 -4.17 3.27
C PHE D 257 -17.59 -2.66 3.11
N LEU D 258 -18.23 -1.95 4.03
CA LEU D 258 -18.29 -0.49 3.94
C LEU D 258 -16.95 0.17 4.19
N ILE D 259 -16.03 -0.52 4.86
CA ILE D 259 -14.67 -0.01 4.97
C ILE D 259 -13.94 -0.18 3.65
N ILE D 260 -14.26 -1.24 2.91
CA ILE D 260 -13.61 -1.49 1.62
C ILE D 260 -14.02 -0.44 0.60
N VAL D 261 -15.27 0.01 0.65
CA VAL D 261 -15.72 1.04 -0.29
C VAL D 261 -15.32 2.43 0.16
N SER D 262 -14.82 2.56 1.39
CA SER D 262 -14.51 3.88 1.93
C SER D 262 -13.31 4.51 1.22
N ASP D 263 -12.19 3.79 1.19
CA ASP D 263 -10.98 4.34 0.58
C ASP D 263 -11.00 4.30 -0.94
N THR D 264 -11.87 3.46 -1.53
CA THR D 264 -11.95 3.36 -2.99
C THR D 264 -12.53 4.63 -3.60
N LEU D 265 -13.38 5.32 -2.85
CA LEU D 265 -14.01 6.59 -3.14
C LEU D 265 -13.15 7.73 -2.62
N PRO D 266 -13.07 8.85 -3.32
CA PRO D 266 -12.17 9.94 -2.91
C PRO D 266 -12.75 10.71 -1.74
N ALA D 267 -12.01 11.75 -1.34
CA ALA D 267 -12.37 12.60 -0.23
C ALA D 267 -13.02 13.89 -0.69
N THR D 268 -13.79 13.80 -1.78
CA THR D 268 -14.32 14.98 -2.46
C THR D 268 -15.36 15.68 -1.60
N ALA D 269 -15.12 16.96 -1.32
CA ALA D 269 -15.95 17.72 -0.39
C ALA D 269 -17.14 18.39 -1.05
N ILE D 270 -17.59 17.90 -2.22
CA ILE D 270 -18.87 18.33 -2.76
C ILE D 270 -20.02 17.53 -2.21
N GLY D 271 -19.74 16.55 -1.36
CA GLY D 271 -20.76 15.72 -0.77
C GLY D 271 -20.49 14.26 -0.99
N THR D 272 -21.43 13.45 -0.53
CA THR D 272 -21.36 12.01 -0.69
C THR D 272 -21.53 11.64 -2.16
N PRO D 273 -20.73 10.72 -2.69
CA PRO D 273 -21.08 10.10 -3.97
C PRO D 273 -22.41 9.38 -3.84
N LEU D 274 -23.29 9.63 -4.83
CA LEU D 274 -24.73 9.42 -4.65
C LEU D 274 -25.08 7.96 -4.44
N ILE D 275 -24.26 7.05 -4.98
CA ILE D 275 -24.46 5.62 -4.74
C ILE D 275 -24.14 5.26 -3.29
N GLY D 276 -23.41 6.11 -2.57
CA GLY D 276 -23.11 5.82 -1.18
C GLY D 276 -24.32 5.88 -0.28
N VAL D 277 -25.28 6.76 -0.60
CA VAL D 277 -26.52 6.81 0.16
C VAL D 277 -27.35 5.55 -0.09
N TYR D 278 -27.46 5.15 -1.36
CA TYR D 278 -28.08 3.87 -1.72
C TYR D 278 -27.31 2.70 -1.10
N PHE D 279 -26.00 2.87 -0.94
CA PHE D 279 -25.25 1.90 -0.18
C PHE D 279 -25.54 1.98 1.31
N VAL D 280 -25.52 3.19 1.88
CA VAL D 280 -25.65 3.32 3.33
C VAL D 280 -27.09 3.13 3.81
N VAL D 281 -28.07 3.10 2.90
CA VAL D 281 -29.41 2.80 3.34
C VAL D 281 -29.54 1.32 3.72
N CYS D 282 -28.61 0.48 3.23
CA CYS D 282 -28.72 -0.96 3.43
C CYS D 282 -28.49 -1.36 4.87
N MET D 283 -27.56 -0.70 5.56
CA MET D 283 -27.31 -1.03 6.97
C MET D 283 -28.50 -0.68 7.85
N ALA D 284 -29.13 0.47 7.59
CA ALA D 284 -30.29 0.85 8.37
C ALA D 284 -31.46 -0.07 8.08
N LEU D 285 -31.53 -0.59 6.85
CA LEU D 285 -32.45 -1.69 6.56
C LEU D 285 -32.08 -2.93 7.35
N LEU D 286 -30.78 -3.20 7.48
CA LEU D 286 -30.34 -4.34 8.27
C LEU D 286 -30.56 -4.13 9.75
N VAL D 287 -30.43 -2.88 10.22
CA VAL D 287 -30.68 -2.59 11.63
C VAL D 287 -32.14 -2.84 11.97
N ILE D 288 -33.06 -2.38 11.11
CA ILE D 288 -34.46 -2.65 11.38
C ILE D 288 -34.78 -4.11 11.09
N SER D 289 -34.02 -4.75 10.21
CA SER D 289 -34.11 -6.20 10.09
C SER D 289 -33.64 -6.85 11.38
N LEU D 290 -32.59 -6.31 11.98
CA LEU D 290 -32.16 -6.79 13.29
C LEU D 290 -33.15 -6.40 14.36
N ALA D 291 -33.72 -5.20 14.27
CA ALA D 291 -34.67 -4.74 15.28
C ALA D 291 -35.95 -5.58 15.29
N GLU D 292 -36.30 -6.16 14.14
CA GLU D 292 -37.34 -7.17 14.13
C GLU D 292 -36.90 -8.40 14.89
N THR D 293 -35.65 -8.82 14.69
CA THR D 293 -35.16 -10.08 15.23
C THR D 293 -35.08 -10.04 16.74
N ILE D 294 -34.71 -8.89 17.31
CA ILE D 294 -34.66 -8.79 18.76
C ILE D 294 -36.06 -8.72 19.34
N PHE D 295 -37.00 -8.20 18.57
CA PHE D 295 -38.33 -7.89 19.07
C PHE D 295 -39.11 -9.15 19.38
N ILE D 296 -39.10 -10.10 18.45
CA ILE D 296 -39.82 -11.35 18.63
C ILE D 296 -39.17 -12.22 19.70
N VAL D 297 -37.85 -12.16 19.84
CA VAL D 297 -37.24 -13.00 20.86
C VAL D 297 -37.35 -12.35 22.23
N ARG D 298 -37.47 -11.01 22.28
CA ARG D 298 -37.93 -10.37 23.50
C ARG D 298 -39.38 -10.74 23.77
N LEU D 299 -40.17 -10.89 22.71
CA LEU D 299 -41.56 -11.30 22.85
C LEU D 299 -41.67 -12.77 23.21
N VAL D 300 -40.86 -13.62 22.58
CA VAL D 300 -41.00 -15.07 22.71
C VAL D 300 -39.72 -15.61 23.33
N HIS D 301 -39.82 -16.04 24.58
CA HIS D 301 -38.83 -16.83 25.30
C HIS D 301 -39.48 -17.30 26.59
N LYS D 302 -39.04 -18.45 27.10
CA LYS D 302 -39.60 -18.96 28.35
C LYS D 302 -39.08 -18.15 29.53
N GLN D 303 -39.85 -17.14 29.94
CA GLN D 303 -39.39 -16.16 30.90
C GLN D 303 -40.30 -16.04 32.11
N ASP D 304 -41.25 -16.98 32.26
CA ASP D 304 -42.31 -16.95 33.26
C ASP D 304 -43.11 -15.65 33.17
N LEU D 305 -43.77 -15.48 32.03
CA LEU D 305 -44.38 -14.21 31.68
C LEU D 305 -45.76 -14.09 32.32
N GLN D 306 -46.47 -13.02 31.95
CA GLN D 306 -47.89 -12.91 32.15
C GLN D 306 -48.62 -13.49 30.93
N ARG D 307 -49.92 -13.56 31.05
CA ARG D 307 -50.71 -14.12 29.96
C ARG D 307 -50.86 -13.11 28.83
N PRO D 308 -51.04 -13.58 27.60
CA PRO D 308 -51.43 -12.67 26.52
C PRO D 308 -52.85 -12.19 26.70
N VAL D 309 -53.03 -10.88 26.56
CA VAL D 309 -54.35 -10.28 26.72
C VAL D 309 -55.14 -10.57 25.47
N PRO D 310 -56.45 -10.85 25.58
CA PRO D 310 -57.21 -11.36 24.43
C PRO D 310 -57.43 -10.33 23.34
N ASP D 311 -57.39 -9.04 23.65
CA ASP D 311 -57.57 -8.02 22.64
C ASP D 311 -56.44 -8.04 21.63
N TRP D 312 -55.22 -8.28 22.10
CA TRP D 312 -54.14 -8.56 21.16
C TRP D 312 -54.22 -9.98 20.64
N LEU D 313 -54.77 -10.91 21.44
CA LEU D 313 -54.87 -12.29 20.97
C LEU D 313 -55.98 -12.45 19.94
N ARG D 314 -57.08 -11.71 20.09
CA ARG D 314 -58.04 -11.64 18.99
C ARG D 314 -57.48 -10.85 17.84
N HIS D 315 -56.62 -9.86 18.11
CA HIS D 315 -55.85 -9.23 17.05
C HIS D 315 -54.84 -10.20 16.48
N LEU D 316 -54.29 -11.09 17.30
CA LEU D 316 -53.51 -12.20 16.77
C LEU D 316 -54.40 -13.19 16.03
N VAL D 317 -55.63 -13.36 16.48
CA VAL D 317 -56.58 -14.18 15.73
C VAL D 317 -57.01 -13.45 14.46
N LEU D 318 -57.08 -12.13 14.50
CA LEU D 318 -57.37 -11.37 13.29
C LEU D 318 -56.20 -11.41 12.33
N ASP D 319 -54.98 -11.32 12.85
CA ASP D 319 -53.80 -11.38 12.00
C ASP D 319 -53.60 -12.78 11.42
N ARG D 320 -53.99 -13.81 12.17
CA ARG D 320 -53.99 -15.16 11.62
C ARG D 320 -55.03 -15.28 10.52
N ILE D 321 -56.17 -14.62 10.69
CA ILE D 321 -57.15 -14.53 9.61
C ILE D 321 -56.70 -13.56 8.53
N ALA D 322 -55.73 -12.69 8.82
CA ALA D 322 -55.18 -11.80 7.81
C ALA D 322 -54.01 -12.41 7.07
N TRP D 323 -53.23 -13.26 7.74
CA TRP D 323 -52.09 -13.93 7.11
C TRP D 323 -52.43 -15.31 6.60
N ILE D 324 -53.61 -15.82 6.89
CA ILE D 324 -54.05 -17.11 6.39
C ILE D 324 -55.55 -17.08 6.14
N ARG D 392 -58.31 -42.45 55.47
CA ARG D 392 -57.01 -42.17 54.87
C ARG D 392 -57.01 -40.81 54.19
N GLY D 393 -56.03 -39.99 54.54
CA GLY D 393 -55.89 -38.67 53.92
C GLY D 393 -54.90 -38.70 52.78
N LEU D 394 -54.92 -39.76 51.98
CA LEU D 394 -53.97 -39.92 50.88
C LEU D 394 -54.25 -38.99 49.71
N LEU D 395 -55.38 -38.29 49.71
CA LEU D 395 -55.72 -37.39 48.62
C LEU D 395 -54.77 -36.20 48.57
N GLN D 396 -54.37 -35.68 49.73
CA GLN D 396 -53.57 -34.47 49.78
C GLN D 396 -52.15 -34.70 49.29
N GLU D 397 -51.68 -35.95 49.30
CA GLU D 397 -50.44 -36.24 48.59
C GLU D 397 -50.66 -36.27 47.10
N LEU D 398 -51.81 -36.81 46.67
CA LEU D 398 -52.12 -36.83 45.25
C LEU D 398 -52.45 -35.43 44.73
N SER D 399 -53.06 -34.59 45.57
CA SER D 399 -53.28 -33.21 45.16
C SER D 399 -51.99 -32.41 45.17
N SER D 400 -51.02 -32.84 45.98
CA SER D 400 -49.72 -32.18 45.94
C SER D 400 -48.99 -32.50 44.65
N ILE D 401 -49.26 -33.67 44.07
CA ILE D 401 -48.63 -34.06 42.80
C ILE D 401 -49.12 -33.16 41.68
N ARG D 402 -50.44 -32.98 41.57
CA ARG D 402 -50.98 -32.12 40.53
C ARG D 402 -50.63 -30.66 40.80
N HIS D 403 -50.56 -30.26 42.07
CA HIS D 403 -50.21 -28.88 42.40
C HIS D 403 -48.77 -28.58 41.99
N PHE D 404 -47.92 -29.60 41.96
CA PHE D 404 -46.61 -29.45 41.39
C PHE D 404 -46.66 -29.31 39.88
N LEU D 405 -47.74 -29.77 39.25
CA LEU D 405 -47.81 -29.83 37.80
C LEU D 405 -48.94 -29.03 37.18
N GLU D 406 -49.95 -28.62 37.96
CA GLU D 406 -51.04 -27.82 37.41
C GLU D 406 -50.57 -26.44 36.97
N LYS D 407 -49.48 -25.95 37.56
CA LYS D 407 -48.86 -24.73 37.11
C LYS D 407 -47.68 -25.00 36.19
N ARG D 408 -46.91 -26.07 36.48
CA ARG D 408 -45.73 -26.37 35.69
C ARG D 408 -46.07 -26.72 34.25
N ASP D 409 -47.15 -27.48 34.05
CA ASP D 409 -47.61 -27.70 32.70
C ASP D 409 -48.24 -26.45 32.12
N GLU D 410 -48.86 -25.63 32.96
CA GLU D 410 -49.51 -24.42 32.48
C GLU D 410 -48.51 -23.34 32.11
N MET D 411 -47.44 -23.19 32.90
CA MET D 411 -46.42 -22.19 32.57
C MET D 411 -45.69 -22.54 31.29
N ARG D 412 -45.63 -23.84 30.96
CA ARG D 412 -45.20 -24.24 29.64
C ARG D 412 -46.19 -23.75 28.59
N GLU D 413 -47.48 -23.80 28.91
CA GLU D 413 -48.49 -23.43 27.93
C GLU D 413 -48.70 -21.94 27.86
N VAL D 414 -48.44 -21.23 28.96
CA VAL D 414 -48.38 -19.77 28.88
C VAL D 414 -47.23 -19.36 27.98
N ALA D 415 -46.10 -20.08 28.06
CA ALA D 415 -45.02 -19.89 27.11
C ALA D 415 -45.42 -20.32 25.72
N ARG D 416 -46.30 -21.32 25.61
CA ARG D 416 -46.81 -21.73 24.31
C ARG D 416 -47.75 -20.67 23.73
N ASP D 417 -48.41 -19.89 24.60
CA ASP D 417 -49.32 -18.86 24.12
C ASP D 417 -48.56 -17.71 23.47
N TRP D 418 -47.51 -17.23 24.13
CA TRP D 418 -46.66 -16.22 23.52
C TRP D 418 -45.90 -16.78 22.33
N LEU D 419 -45.66 -18.10 22.33
CA LEU D 419 -45.04 -18.75 21.18
C LEU D 419 -45.88 -18.61 19.94
N ARG D 420 -47.21 -18.67 20.10
CA ARG D 420 -48.13 -18.46 18.98
C ARG D 420 -47.98 -17.07 18.40
N VAL D 421 -47.66 -16.09 19.24
CA VAL D 421 -47.55 -14.70 18.79
C VAL D 421 -46.32 -14.54 17.91
N GLY D 422 -45.29 -15.37 18.12
CA GLY D 422 -44.08 -15.25 17.31
C GLY D 422 -44.28 -15.59 15.85
N TYR D 423 -44.98 -16.68 15.58
CA TYR D 423 -45.03 -17.19 14.21
C TYR D 423 -45.95 -16.36 13.33
N VAL D 424 -47.02 -15.80 13.90
CA VAL D 424 -47.86 -14.92 13.11
C VAL D 424 -47.12 -13.63 12.77
N LEU D 425 -46.34 -13.10 13.72
CA LEU D 425 -45.46 -11.99 13.39
C LEU D 425 -44.33 -12.43 12.48
N ASP D 426 -43.93 -13.70 12.55
CA ASP D 426 -42.92 -14.20 11.63
C ASP D 426 -43.41 -14.18 10.20
N ARG D 427 -44.69 -14.50 9.98
CA ARG D 427 -45.24 -14.46 8.63
C ARG D 427 -45.37 -13.04 8.12
N LEU D 428 -46.03 -12.17 8.89
CA LEU D 428 -46.43 -10.87 8.36
C LEU D 428 -45.23 -9.93 8.24
N LEU D 429 -44.32 -9.97 9.20
CA LEU D 429 -43.12 -9.14 9.08
C LEU D 429 -42.20 -9.62 7.98
N PHE D 430 -42.30 -10.90 7.59
CA PHE D 430 -41.50 -11.40 6.49
C PHE D 430 -41.92 -10.78 5.16
N ARG D 431 -43.23 -10.70 4.93
CA ARG D 431 -43.75 -10.06 3.72
C ARG D 431 -43.42 -8.59 3.69
N ILE D 432 -43.72 -7.88 4.78
CA ILE D 432 -43.52 -6.43 4.82
C ILE D 432 -42.04 -6.09 4.83
N TYR D 433 -41.18 -7.01 5.27
CA TYR D 433 -39.77 -6.79 5.00
C TYR D 433 -39.47 -7.03 3.53
N LEU D 434 -40.03 -8.10 2.96
CA LEU D 434 -39.75 -8.42 1.56
C LEU D 434 -40.32 -7.38 0.63
N LEU D 435 -41.55 -6.93 0.89
CA LEU D 435 -42.16 -5.94 0.03
C LEU D 435 -41.52 -4.57 0.20
N ALA D 436 -40.91 -4.29 1.37
CA ALA D 436 -40.14 -3.07 1.50
C ALA D 436 -38.90 -3.10 0.61
N VAL D 437 -38.24 -4.24 0.55
CA VAL D 437 -37.00 -4.35 -0.22
C VAL D 437 -37.31 -4.39 -1.71
N LEU D 438 -38.30 -5.20 -2.11
CA LEU D 438 -38.57 -5.41 -3.52
C LEU D 438 -39.12 -4.15 -4.19
N ALA D 439 -39.96 -3.39 -3.47
CA ALA D 439 -40.39 -2.11 -4.00
C ALA D 439 -39.26 -1.10 -4.02
N TYR D 440 -38.32 -1.21 -3.08
CA TYR D 440 -37.14 -0.35 -3.12
C TYR D 440 -36.23 -0.71 -4.30
N SER D 441 -36.17 -1.99 -4.65
CA SER D 441 -35.26 -2.45 -5.70
C SER D 441 -35.70 -1.95 -7.08
N ILE D 442 -37.01 -1.93 -7.33
CA ILE D 442 -37.51 -1.49 -8.63
C ILE D 442 -37.30 -0.01 -8.84
N THR D 443 -37.07 0.76 -7.77
CA THR D 443 -36.71 2.17 -7.92
C THR D 443 -35.32 2.31 -8.50
N LEU D 444 -34.42 1.40 -8.14
CA LEU D 444 -33.02 1.51 -8.57
C LEU D 444 -32.86 1.15 -10.04
N VAL D 445 -33.61 0.17 -10.53
CA VAL D 445 -33.48 -0.21 -11.94
C VAL D 445 -34.11 0.82 -12.86
N THR D 446 -35.05 1.63 -12.36
CA THR D 446 -35.48 2.80 -13.11
C THR D 446 -34.36 3.81 -13.21
N LEU D 447 -33.55 3.93 -12.16
CA LEU D 447 -32.38 4.80 -12.20
C LEU D 447 -31.28 4.22 -13.08
N TRP D 448 -31.33 2.92 -13.37
CA TRP D 448 -30.39 2.35 -14.32
C TRP D 448 -30.65 2.87 -15.72
N SER D 449 -31.90 2.77 -16.18
CA SER D 449 -32.24 3.19 -17.54
C SER D 449 -32.20 4.71 -17.70
N ILE D 450 -32.28 5.47 -16.61
CA ILE D 450 -32.05 6.91 -16.71
C ILE D 450 -30.56 7.19 -16.81
N ALA D 451 -29.75 6.50 -16.00
CA ALA D 451 -28.31 6.61 -16.15
C ALA D 451 -27.84 5.95 -17.44
N TRP D 452 -28.61 4.99 -17.95
CA TRP D 452 -28.29 4.37 -19.23
C TRP D 452 -29.40 4.59 -20.25
N GLN E 1 52.51 11.42 -37.33
CA GLN E 1 51.17 11.75 -36.85
C GLN E 1 50.41 10.52 -36.41
N PRO E 2 49.90 10.53 -35.18
CA PRO E 2 48.98 9.48 -34.76
C PRO E 2 47.72 9.52 -35.59
N ALA E 3 47.30 8.35 -36.06
CA ALA E 3 46.43 8.29 -37.22
C ALA E 3 44.96 8.26 -36.90
N LEU E 4 44.58 7.82 -35.70
CA LEU E 4 43.15 7.59 -35.46
C LEU E 4 42.41 8.90 -35.29
N LEU E 5 42.95 9.81 -34.48
CA LEU E 5 42.34 11.13 -34.36
C LEU E 5 42.56 11.97 -35.60
N ARG E 6 43.53 11.60 -36.45
CA ARG E 6 43.69 12.25 -37.73
C ARG E 6 42.47 12.02 -38.61
N LEU E 7 41.83 10.87 -38.46
CA LEU E 7 40.58 10.63 -39.16
C LEU E 7 39.47 11.52 -38.62
N SER E 8 39.35 11.58 -37.29
CA SER E 8 38.22 12.26 -36.67
C SER E 8 38.25 13.74 -36.92
N ASP E 9 39.44 14.33 -36.94
CA ASP E 9 39.55 15.72 -37.32
C ASP E 9 39.22 15.91 -38.79
N HIS E 10 39.66 14.98 -39.63
CA HIS E 10 39.30 15.06 -41.03
C HIS E 10 37.83 14.77 -41.26
N LEU E 11 37.23 13.96 -40.40
CA LEU E 11 35.85 13.63 -40.64
C LEU E 11 34.92 14.70 -40.09
N LEU E 12 35.07 15.05 -38.82
CA LEU E 12 34.10 15.89 -38.14
C LEU E 12 34.43 17.36 -38.19
N ALA E 13 35.22 17.79 -39.17
CA ALA E 13 35.59 19.20 -39.25
C ALA E 13 34.41 20.05 -39.65
N ASN E 14 33.59 19.56 -40.57
CA ASN E 14 32.49 20.36 -41.09
C ASN E 14 31.18 19.60 -41.03
N TYR E 15 31.10 18.56 -40.23
CA TYR E 15 29.86 17.80 -40.15
C TYR E 15 28.89 18.60 -39.32
N LYS E 16 28.10 19.41 -40.00
CA LYS E 16 27.05 20.14 -39.32
C LYS E 16 25.94 19.17 -38.94
N LYS E 17 25.84 18.85 -37.66
CA LYS E 17 24.94 17.80 -37.19
C LYS E 17 23.48 18.17 -37.29
N GLY E 18 23.13 19.38 -37.68
CA GLY E 18 21.75 19.77 -37.76
C GLY E 18 21.09 19.48 -39.09
N VAL E 19 21.60 18.49 -39.80
CA VAL E 19 21.10 18.12 -41.11
C VAL E 19 20.79 16.64 -41.10
N ARG E 20 19.60 16.27 -41.52
CA ARG E 20 19.37 14.88 -41.89
C ARG E 20 20.24 14.58 -43.09
N PRO E 21 21.30 13.81 -42.95
CA PRO E 21 22.38 13.87 -43.94
C PRO E 21 22.09 13.00 -45.16
N VAL E 22 22.25 13.60 -46.34
CA VAL E 22 22.03 12.90 -47.59
C VAL E 22 22.74 13.70 -48.67
N ARG E 23 23.04 13.05 -49.79
CA ARG E 23 23.55 13.79 -50.93
C ARG E 23 22.41 14.46 -51.68
N ASP E 24 21.32 13.74 -51.92
CA ASP E 24 20.18 14.25 -52.66
C ASP E 24 18.95 14.20 -51.78
N TRP E 25 18.26 15.32 -51.67
CA TRP E 25 17.19 15.45 -50.69
C TRP E 25 15.94 14.68 -51.05
N ARG E 26 15.81 14.21 -52.30
CA ARG E 26 14.69 13.33 -52.59
C ARG E 26 14.88 11.95 -51.97
N LYS E 27 16.09 11.55 -51.70
CA LYS E 27 16.34 10.18 -51.25
C LYS E 27 15.95 10.05 -49.77
N PRO E 28 15.14 9.05 -49.41
CA PRO E 28 14.85 8.81 -48.00
C PRO E 28 15.96 7.99 -47.36
N THR E 29 16.56 8.51 -46.31
CA THR E 29 17.63 7.81 -45.62
C THR E 29 17.03 6.72 -44.77
N THR E 30 17.17 5.48 -45.21
CA THR E 30 16.47 4.36 -44.58
C THR E 30 17.23 3.91 -43.36
N VAL E 31 16.59 4.00 -42.19
CA VAL E 31 17.12 3.39 -40.99
C VAL E 31 16.67 1.94 -40.99
N SER E 32 17.30 1.13 -40.14
CA SER E 32 17.19 -0.31 -40.24
C SER E 32 17.54 -0.89 -38.89
N ILE E 33 16.59 -1.58 -38.27
CA ILE E 33 16.62 -1.88 -36.85
C ILE E 33 16.30 -3.35 -36.63
N ASP E 34 16.32 -3.74 -35.37
CA ASP E 34 15.69 -4.96 -34.90
C ASP E 34 15.37 -4.77 -33.43
N VAL E 35 14.91 -5.83 -32.78
CA VAL E 35 14.89 -5.90 -31.34
C VAL E 35 15.45 -7.24 -30.94
N ILE E 36 16.00 -7.32 -29.74
CA ILE E 36 16.38 -8.56 -29.12
C ILE E 36 15.80 -8.48 -27.73
N MET E 37 14.67 -9.14 -27.50
CA MET E 37 13.99 -8.94 -26.24
C MET E 37 14.66 -9.71 -25.12
N TYR E 38 15.01 -9.01 -24.06
CA TYR E 38 15.80 -9.58 -22.97
C TYR E 38 14.90 -10.18 -21.90
N ALA E 39 14.02 -9.38 -21.33
CA ALA E 39 13.23 -9.86 -20.21
C ALA E 39 11.94 -9.09 -20.12
N ILE E 40 10.99 -9.67 -19.40
CA ILE E 40 9.74 -9.02 -19.07
C ILE E 40 9.75 -8.74 -17.57
N LEU E 41 9.75 -7.47 -17.21
CA LEU E 41 10.01 -7.14 -15.82
C LEU E 41 8.78 -7.30 -14.96
N ASN E 42 7.68 -6.66 -15.34
CA ASN E 42 6.48 -6.68 -14.52
C ASN E 42 5.30 -6.42 -15.42
N VAL E 43 4.20 -7.11 -15.13
CA VAL E 43 2.93 -6.83 -15.76
C VAL E 43 1.97 -6.51 -14.62
N ASP E 44 1.82 -5.23 -14.32
CA ASP E 44 0.78 -4.78 -13.41
C ASP E 44 -0.47 -4.52 -14.24
N GLU E 45 -1.39 -5.48 -14.19
CA GLU E 45 -2.57 -5.45 -15.04
C GLU E 45 -3.50 -4.33 -14.63
N LYS E 46 -3.51 -3.97 -13.35
CA LYS E 46 -4.41 -2.92 -12.88
C LYS E 46 -4.00 -1.56 -13.44
N ASN E 47 -2.72 -1.36 -13.71
CA ASN E 47 -2.29 -0.11 -14.29
C ASN E 47 -2.31 -0.12 -15.80
N GLN E 48 -2.61 -1.27 -16.42
CA GLN E 48 -2.72 -1.43 -17.88
C GLN E 48 -1.40 -1.07 -18.57
N VAL E 49 -0.28 -1.35 -17.90
CA VAL E 49 1.03 -0.95 -18.38
C VAL E 49 1.97 -2.14 -18.27
N LEU E 50 3.07 -2.07 -19.00
CA LEU E 50 3.99 -3.18 -19.18
C LEU E 50 5.41 -2.66 -19.29
N THR E 51 6.31 -3.17 -18.45
CA THR E 51 7.70 -2.79 -18.48
C THR E 51 8.57 -3.89 -19.09
N THR E 52 9.44 -3.51 -20.00
CA THR E 52 10.15 -4.46 -20.84
C THR E 52 11.55 -3.95 -21.07
N TYR E 53 12.55 -4.83 -20.95
CA TYR E 53 13.95 -4.48 -21.16
C TYR E 53 14.38 -5.07 -22.49
N ILE E 54 14.80 -4.21 -23.42
CA ILE E 54 14.99 -4.61 -24.80
C ILE E 54 16.36 -4.17 -25.26
N TRP E 55 17.15 -5.10 -25.78
CA TRP E 55 18.37 -4.70 -26.46
C TRP E 55 18.01 -4.30 -27.88
N TYR E 56 18.77 -3.37 -28.43
CA TYR E 56 18.27 -2.66 -29.59
C TYR E 56 19.43 -2.24 -30.49
N ARG E 57 19.17 -2.24 -31.80
CA ARG E 57 20.20 -1.92 -32.78
C ARG E 57 19.64 -1.01 -33.84
N GLN E 58 20.53 -0.27 -34.49
CA GLN E 58 20.20 0.59 -35.61
C GLN E 58 21.38 0.59 -36.58
N TYR E 59 21.10 0.75 -37.86
CA TYR E 59 22.05 1.47 -38.70
C TYR E 59 21.28 2.33 -39.67
N TRP E 60 22.01 3.24 -40.28
CA TRP E 60 21.50 3.98 -41.42
C TRP E 60 22.70 4.44 -42.25
N THR E 61 22.48 4.56 -43.55
CA THR E 61 23.55 4.99 -44.43
C THR E 61 23.69 6.50 -44.34
N ASP E 62 24.85 6.96 -43.90
CA ASP E 62 25.15 8.38 -43.87
C ASP E 62 26.01 8.71 -45.07
N GLU E 63 25.56 9.70 -45.85
CA GLU E 63 26.35 10.17 -46.98
C GLU E 63 27.66 10.80 -46.54
N PHE E 64 27.63 11.61 -45.49
CA PHE E 64 28.73 12.53 -45.26
C PHE E 64 29.92 11.92 -44.56
N LEU E 65 29.74 10.78 -43.91
CA LEU E 65 30.79 10.23 -43.08
C LEU E 65 31.62 9.19 -43.79
N GLN E 66 31.71 9.26 -45.11
CA GLN E 66 32.46 8.27 -45.85
C GLN E 66 33.92 8.65 -45.91
N TRP E 67 34.79 7.65 -45.80
CA TRP E 67 36.21 7.87 -45.97
C TRP E 67 36.76 6.75 -46.81
N THR E 68 38.08 6.72 -46.97
CA THR E 68 38.73 5.58 -47.57
C THR E 68 39.63 4.93 -46.53
N PRO E 69 39.71 3.60 -46.51
CA PRO E 69 40.68 2.94 -45.63
C PRO E 69 42.11 3.24 -45.98
N GLU E 70 42.40 3.62 -47.22
CA GLU E 70 43.66 4.22 -47.57
C GLU E 70 43.82 5.56 -46.87
N ASP E 71 45.07 5.94 -46.65
CA ASP E 71 45.53 7.20 -46.03
C ASP E 71 45.14 7.27 -44.55
N PHE E 72 44.55 6.22 -43.99
CA PHE E 72 44.30 6.18 -42.56
C PHE E 72 44.58 4.80 -42.01
N ASP E 73 45.44 4.05 -42.70
CA ASP E 73 46.00 2.78 -42.23
C ASP E 73 44.93 1.74 -42.01
N ASN E 74 44.06 1.59 -43.02
CA ASN E 74 43.12 0.47 -43.15
C ASN E 74 42.14 0.40 -41.99
N VAL E 75 41.61 1.54 -41.59
CA VAL E 75 40.63 1.59 -40.51
C VAL E 75 39.24 1.61 -41.12
N THR E 76 38.45 0.60 -40.80
CA THR E 76 37.10 0.49 -41.32
C THR E 76 36.03 0.68 -40.27
N LYS E 77 36.38 0.68 -38.99
CA LYS E 77 35.42 0.86 -37.92
C LYS E 77 35.97 1.83 -36.92
N LEU E 78 35.09 2.63 -36.33
CA LEU E 78 35.55 3.75 -35.55
C LEU E 78 34.43 4.21 -34.64
N SER E 79 34.80 4.70 -33.47
CA SER E 79 33.84 5.07 -32.43
C SER E 79 33.66 6.58 -32.39
N ILE E 80 32.40 7.01 -32.29
CA ILE E 80 32.05 8.43 -32.38
C ILE E 80 31.11 8.80 -31.24
N PRO E 81 31.30 9.96 -30.61
CA PRO E 81 30.31 10.47 -29.66
C PRO E 81 28.98 10.76 -30.34
N THR E 82 27.90 10.26 -29.73
CA THR E 82 26.59 10.30 -30.37
C THR E 82 26.09 11.71 -30.57
N ASP E 83 26.31 12.58 -29.61
CA ASP E 83 25.80 13.94 -29.73
C ASP E 83 26.64 14.82 -30.64
N SER E 84 27.62 14.26 -31.33
CA SER E 84 28.39 15.00 -32.29
C SER E 84 27.96 14.71 -33.72
N ILE E 85 26.99 13.83 -33.93
CA ILE E 85 26.49 13.52 -35.25
C ILE E 85 24.98 13.58 -35.26
N TRP E 86 24.41 13.29 -36.42
CA TRP E 86 22.97 13.17 -36.57
C TRP E 86 22.48 11.92 -35.87
N VAL E 87 21.18 11.87 -35.62
CA VAL E 87 20.53 10.70 -35.04
C VAL E 87 19.11 10.74 -35.57
N PRO E 88 18.45 9.61 -35.82
CA PRO E 88 17.03 9.66 -36.15
C PRO E 88 16.20 9.84 -34.89
N ASP E 89 14.98 10.33 -35.10
CA ASP E 89 14.12 10.77 -34.01
C ASP E 89 13.19 9.68 -33.53
N ILE E 90 13.56 8.42 -33.69
CA ILE E 90 12.59 7.37 -33.46
C ILE E 90 12.34 7.17 -31.98
N LEU E 91 11.11 6.81 -31.67
CA LEU E 91 10.72 6.40 -30.33
C LEU E 91 9.46 5.58 -30.47
N ILE E 92 9.03 5.04 -29.39
CA ILE E 92 7.92 4.13 -29.44
C ILE E 92 6.64 4.89 -29.08
N ASN E 93 5.53 4.50 -29.69
CA ASN E 93 4.33 5.33 -29.58
C ASN E 93 3.56 5.07 -28.31
N GLU E 94 3.98 4.11 -27.52
CA GLU E 94 3.14 3.61 -26.44
C GLU E 94 3.85 3.70 -25.10
N PHE E 95 4.83 4.59 -24.99
CA PHE E 95 5.58 4.73 -23.76
C PHE E 95 4.72 5.36 -22.69
N VAL E 96 5.14 5.17 -21.45
CA VAL E 96 4.67 5.96 -20.34
C VAL E 96 5.77 6.85 -19.79
N ASP E 97 6.99 6.32 -19.66
CA ASP E 97 8.09 7.16 -19.18
C ASP E 97 9.38 6.64 -19.77
N VAL E 98 10.06 7.49 -20.53
CA VAL E 98 11.41 7.17 -20.94
C VAL E 98 12.37 8.05 -20.16
N GLY E 99 12.84 7.53 -19.03
CA GLY E 99 13.90 8.19 -18.30
C GLY E 99 14.76 7.16 -17.63
N LYS E 100 14.47 5.90 -17.90
CA LYS E 100 15.16 4.80 -17.25
C LYS E 100 16.34 4.29 -18.04
N SER E 101 16.48 4.72 -19.29
CA SER E 101 17.61 4.16 -19.99
C SER E 101 18.80 5.11 -19.92
N PRO E 102 20.00 4.59 -19.78
CA PRO E 102 21.18 5.46 -19.88
C PRO E 102 21.45 5.77 -21.32
N ASN E 103 22.09 6.91 -21.54
CA ASN E 103 22.44 7.32 -22.89
C ASN E 103 23.79 6.71 -23.24
N ILE E 104 23.79 5.83 -24.22
CA ILE E 104 25.06 5.31 -24.72
C ILE E 104 25.77 6.44 -25.45
N PRO E 105 26.97 6.81 -25.03
CA PRO E 105 27.64 7.94 -25.66
C PRO E 105 28.24 7.62 -27.01
N TYR E 106 28.36 6.36 -27.38
CA TYR E 106 29.23 6.00 -28.49
C TYR E 106 28.49 5.22 -29.56
N VAL E 107 28.88 5.45 -30.81
CA VAL E 107 28.37 4.70 -31.96
C VAL E 107 29.52 4.37 -32.90
N TYR E 108 29.31 3.38 -33.75
CA TYR E 108 30.27 3.01 -34.76
C TYR E 108 29.97 3.68 -36.09
N VAL E 109 30.99 3.71 -36.95
CA VAL E 109 30.89 4.11 -38.33
C VAL E 109 31.71 3.17 -39.19
N HIS E 110 31.27 2.97 -40.43
CA HIS E 110 32.06 2.28 -41.42
C HIS E 110 32.46 3.20 -42.55
N HIS E 111 33.38 2.73 -43.38
CA HIS E 111 33.93 3.57 -44.43
C HIS E 111 32.98 3.73 -45.60
N ARG E 112 31.88 3.00 -45.60
CA ARG E 112 30.83 3.19 -46.57
C ARG E 112 29.83 4.23 -46.12
N GLY E 113 29.85 4.60 -44.85
CA GLY E 113 28.86 5.48 -44.30
C GLY E 113 27.77 4.79 -43.52
N GLU E 114 27.93 3.50 -43.22
CA GLU E 114 26.98 2.83 -42.36
C GLU E 114 27.37 3.13 -40.93
N VAL E 115 26.76 4.15 -40.36
CA VAL E 115 26.90 4.40 -38.94
C VAL E 115 25.99 3.44 -38.18
N GLN E 116 26.55 2.75 -37.20
CA GLN E 116 25.86 1.71 -36.49
C GLN E 116 25.66 2.17 -35.05
N ASN E 117 24.45 1.98 -34.53
CA ASN E 117 24.07 2.42 -33.21
C ASN E 117 23.52 1.25 -32.42
N TYR E 118 24.06 1.02 -31.23
CA TYR E 118 23.42 0.13 -30.29
C TYR E 118 23.04 0.94 -29.07
N LYS E 119 21.98 0.53 -28.40
CA LYS E 119 21.61 1.09 -27.11
C LYS E 119 20.65 0.14 -26.45
N PRO E 120 20.60 0.11 -25.13
CA PRO E 120 19.49 -0.54 -24.46
C PRO E 120 18.38 0.46 -24.25
N LEU E 121 17.19 -0.06 -23.99
CA LEU E 121 16.05 0.79 -23.71
C LEU E 121 15.05 -0.03 -22.93
N GLN E 122 14.56 0.55 -21.84
CA GLN E 122 13.48 0.01 -21.06
C GLN E 122 12.31 0.94 -21.25
N LEU E 123 11.15 0.40 -21.52
CA LEU E 123 9.96 1.25 -21.49
C LEU E 123 8.83 0.59 -20.74
N VAL E 124 8.32 1.33 -19.76
CA VAL E 124 7.01 1.05 -19.24
C VAL E 124 6.02 1.42 -20.36
N THR E 125 5.52 0.41 -21.05
CA THR E 125 4.66 0.68 -22.18
C THR E 125 3.24 0.20 -21.93
N ALA E 126 2.30 0.81 -22.64
CA ALA E 126 0.89 0.56 -22.42
C ALA E 126 0.34 -0.10 -23.66
N CYS E 127 0.02 -1.38 -23.54
CA CYS E 127 -0.71 -2.08 -24.57
C CYS E 127 -1.90 -2.77 -23.92
N SER E 128 -2.96 -2.93 -24.70
CA SER E 128 -4.23 -3.39 -24.16
C SER E 128 -4.11 -4.87 -23.85
N LEU E 129 -3.85 -5.18 -22.59
CA LEU E 129 -3.68 -6.55 -22.17
C LEU E 129 -5.05 -7.22 -22.05
N ASP E 130 -5.07 -8.52 -22.31
CA ASP E 130 -6.27 -9.31 -22.17
C ASP E 130 -6.21 -10.13 -20.89
N ILE E 131 -7.31 -10.14 -20.15
CA ILE E 131 -7.33 -10.76 -18.85
C ILE E 131 -8.43 -11.83 -18.76
N TYR E 132 -8.97 -12.21 -19.92
CA TYR E 132 -10.17 -13.05 -19.95
C TYR E 132 -9.88 -14.46 -19.50
N ASN E 133 -8.99 -15.16 -20.20
CA ASN E 133 -8.53 -16.47 -19.76
C ASN E 133 -7.37 -16.23 -18.82
N PHE E 134 -7.68 -16.08 -17.51
CA PHE E 134 -6.70 -15.45 -16.60
C PHE E 134 -5.43 -16.28 -16.37
N PRO E 135 -5.47 -17.50 -15.82
CA PRO E 135 -4.20 -18.17 -15.54
C PRO E 135 -3.55 -18.75 -16.79
N PHE E 136 -4.25 -18.78 -17.91
CA PHE E 136 -3.72 -19.28 -19.16
C PHE E 136 -4.01 -18.19 -20.19
N ASP E 137 -3.13 -17.21 -20.30
CA ASP E 137 -3.38 -16.09 -21.20
C ASP E 137 -2.24 -15.94 -22.18
N VAL E 138 -2.54 -15.31 -23.30
CA VAL E 138 -1.54 -14.84 -24.23
C VAL E 138 -1.76 -13.35 -24.44
N GLN E 139 -0.70 -12.58 -24.43
CA GLN E 139 -0.80 -11.13 -24.38
C GLN E 139 -0.27 -10.58 -25.69
N ASN E 140 -1.20 -10.29 -26.61
CA ASN E 140 -0.82 -9.76 -27.92
C ASN E 140 -0.46 -8.29 -27.75
N CYS E 141 0.74 -8.04 -27.24
CA CYS E 141 1.19 -6.69 -26.98
C CYS E 141 1.96 -6.15 -28.17
N SER E 142 1.99 -4.83 -28.29
CA SER E 142 2.46 -4.19 -29.51
C SER E 142 3.40 -3.04 -29.21
N LEU E 143 4.55 -3.03 -29.88
CA LEU E 143 5.51 -1.95 -29.83
C LEU E 143 5.66 -1.43 -31.24
N THR E 144 5.22 -0.20 -31.46
CA THR E 144 5.17 0.37 -32.81
C THR E 144 6.26 1.42 -32.92
N PHE E 145 7.36 1.07 -33.56
CA PHE E 145 8.50 1.98 -33.59
C PHE E 145 8.26 2.98 -34.69
N THR E 146 8.50 4.25 -34.40
CA THR E 146 7.99 5.29 -35.27
C THR E 146 8.96 6.45 -35.25
N SER E 147 9.30 6.98 -36.41
CA SER E 147 9.82 8.33 -36.47
C SER E 147 8.74 9.27 -36.01
N TRP E 148 9.01 10.02 -34.95
CA TRP E 148 7.97 10.91 -34.46
C TRP E 148 7.72 12.05 -35.42
N LEU E 149 8.76 12.53 -36.08
CA LEU E 149 8.57 13.68 -36.93
C LEU E 149 8.64 13.35 -38.41
N HIS E 150 9.68 12.66 -38.85
CA HIS E 150 9.97 12.60 -40.27
C HIS E 150 9.00 11.69 -41.00
N THR E 151 8.85 11.97 -42.27
CA THR E 151 7.89 11.26 -43.10
C THR E 151 8.61 10.25 -43.98
N ILE E 152 7.84 9.62 -44.85
CA ILE E 152 8.38 8.65 -45.80
C ILE E 152 9.32 9.32 -46.76
N GLN E 153 9.09 10.59 -47.08
CA GLN E 153 10.02 11.35 -47.90
C GLN E 153 11.37 11.49 -47.22
N ASP E 154 11.38 11.61 -45.89
CA ASP E 154 12.65 11.84 -45.21
C ASP E 154 13.34 10.54 -44.85
N ILE E 155 12.64 9.62 -44.19
CA ILE E 155 13.24 8.34 -43.79
C ILE E 155 12.22 7.24 -43.99
N ASN E 156 12.72 6.04 -44.24
CA ASN E 156 11.94 4.82 -44.17
C ASN E 156 12.56 3.96 -43.08
N ILE E 157 11.75 3.10 -42.45
CA ILE E 157 12.28 2.21 -41.44
C ILE E 157 12.15 0.79 -41.96
N THR E 158 13.21 0.01 -41.81
CA THR E 158 13.12 -1.38 -42.21
C THR E 158 13.80 -2.26 -41.18
N LEU E 159 13.86 -3.55 -41.45
CA LEU E 159 14.47 -4.46 -40.50
C LEU E 159 15.93 -4.66 -40.83
N TRP E 160 16.71 -4.95 -39.79
CA TRP E 160 18.08 -5.42 -39.98
C TRP E 160 18.06 -6.74 -40.74
N ARG E 161 17.48 -7.76 -40.14
CA ARG E 161 17.69 -9.14 -40.51
C ARG E 161 16.39 -9.72 -41.06
N SER E 162 16.42 -11.02 -41.34
CA SER E 162 15.24 -11.72 -41.79
C SER E 162 14.22 -11.78 -40.66
N PRO E 163 12.94 -11.55 -40.96
CA PRO E 163 11.92 -11.58 -39.91
C PRO E 163 11.72 -12.94 -39.30
N GLU E 164 12.12 -13.99 -40.00
CA GLU E 164 12.11 -15.32 -39.41
C GLU E 164 13.10 -15.40 -38.25
N GLU E 165 14.27 -14.76 -38.40
CA GLU E 165 15.25 -14.81 -37.32
C GLU E 165 14.82 -13.97 -36.14
N VAL E 166 14.00 -12.94 -36.37
CA VAL E 166 13.45 -12.21 -35.26
C VAL E 166 12.42 -13.07 -34.54
N ARG E 167 11.74 -13.94 -35.28
CA ARG E 167 10.54 -14.61 -34.78
C ARG E 167 10.87 -15.59 -33.65
N SER E 168 11.80 -16.50 -33.89
CA SER E 168 12.12 -17.52 -32.90
C SER E 168 13.38 -17.19 -32.11
N ASP E 169 13.62 -15.92 -31.85
CA ASP E 169 14.87 -15.51 -31.24
C ASP E 169 14.72 -15.53 -29.72
N LYS E 170 15.34 -16.53 -29.10
CA LYS E 170 15.42 -16.64 -27.65
C LYS E 170 16.87 -16.77 -27.26
N SER E 171 17.74 -16.03 -27.93
CA SER E 171 19.17 -16.23 -27.77
C SER E 171 19.64 -15.79 -26.39
N ILE E 172 19.24 -14.60 -25.97
CA ILE E 172 19.32 -14.21 -24.58
C ILE E 172 17.92 -13.93 -24.09
N PHE E 173 17.57 -14.48 -22.94
CA PHE E 173 16.27 -14.27 -22.34
C PHE E 173 16.31 -14.69 -20.89
N ILE E 174 15.76 -13.88 -20.01
CA ILE E 174 15.58 -14.28 -18.63
C ILE E 174 14.20 -14.90 -18.53
N ASN E 175 14.16 -16.21 -18.60
CA ASN E 175 12.98 -16.98 -18.22
C ASN E 175 13.03 -17.22 -16.72
N GLN E 176 12.17 -18.13 -16.25
CA GLN E 176 11.91 -18.49 -14.85
C GLN E 176 11.49 -17.28 -13.99
N GLY E 177 11.00 -16.22 -14.61
CA GLY E 177 10.35 -15.18 -13.85
C GLY E 177 8.89 -15.57 -13.73
N GLU E 178 8.00 -14.72 -14.23
CA GLU E 178 6.61 -15.14 -14.36
C GLU E 178 6.28 -15.53 -15.79
N TRP E 179 6.85 -14.83 -16.75
CA TRP E 179 6.38 -14.86 -18.12
C TRP E 179 7.33 -15.64 -19.01
N GLU E 180 6.86 -15.89 -20.22
CA GLU E 180 7.64 -16.56 -21.24
C GLU E 180 6.99 -16.26 -22.58
N LEU E 181 7.80 -15.88 -23.55
CA LEU E 181 7.29 -15.51 -24.86
C LEU E 181 7.40 -16.68 -25.80
N LEU E 182 6.41 -16.82 -26.68
CA LEU E 182 6.52 -17.86 -27.69
C LEU E 182 7.17 -17.34 -28.96
N GLU E 183 6.88 -16.11 -29.36
CA GLU E 183 7.55 -15.51 -30.49
C GLU E 183 7.41 -14.00 -30.40
N VAL E 184 8.13 -13.32 -31.27
CA VAL E 184 8.00 -11.89 -31.48
C VAL E 184 7.72 -11.70 -32.96
N PHE E 185 6.60 -11.10 -33.28
CA PHE E 185 6.18 -10.98 -34.67
C PHE E 185 6.41 -9.55 -35.15
N PRO E 186 7.35 -9.32 -36.05
CA PRO E 186 7.46 -8.01 -36.67
C PRO E 186 6.54 -7.92 -37.88
N GLN E 187 6.22 -6.69 -38.24
CA GLN E 187 5.43 -6.41 -39.43
C GLN E 187 5.60 -4.95 -39.77
N PHE E 188 5.91 -4.65 -41.02
CA PHE E 188 5.87 -3.28 -41.47
C PHE E 188 4.43 -2.81 -41.55
N LYS E 189 4.23 -1.51 -41.35
CA LYS E 189 2.96 -0.88 -41.62
C LYS E 189 3.27 0.45 -42.26
N GLU E 190 2.38 0.93 -43.10
CA GLU E 190 2.52 2.28 -43.63
C GLU E 190 1.40 3.09 -42.98
N PHE E 191 1.76 4.15 -42.29
CA PHE E 191 0.82 4.88 -41.47
C PHE E 191 0.56 6.25 -42.06
N SER E 192 -0.70 6.64 -42.03
CA SER E 192 -1.10 7.99 -42.44
C SER E 192 -2.39 8.29 -41.69
N ILE E 193 -2.32 9.18 -40.71
CA ILE E 193 -3.53 9.52 -39.98
C ILE E 193 -4.44 10.40 -40.83
N ASP E 194 -3.89 11.07 -41.83
CA ASP E 194 -4.58 12.10 -42.58
C ASP E 194 -4.11 12.05 -44.02
N ILE E 195 -4.43 13.08 -44.77
CA ILE E 195 -3.93 13.22 -46.12
C ILE E 195 -2.64 14.02 -46.05
N SER E 196 -1.82 13.88 -47.10
CA SER E 196 -0.58 14.65 -47.32
C SER E 196 0.46 14.39 -46.24
N ASN E 197 0.37 13.24 -45.60
CA ASN E 197 1.32 12.83 -44.58
C ASN E 197 1.39 11.32 -44.59
N SER E 198 2.54 10.79 -44.21
CA SER E 198 2.78 9.36 -44.30
C SER E 198 3.97 9.04 -43.42
N TYR E 199 3.81 8.09 -42.52
CA TYR E 199 4.83 7.83 -41.53
C TYR E 199 5.19 6.35 -41.52
N ALA E 200 6.48 6.10 -41.43
CA ALA E 200 6.94 4.73 -41.31
C ALA E 200 6.70 4.24 -39.90
N GLU E 201 6.05 3.10 -39.78
CA GLU E 201 5.86 2.45 -38.49
C GLU E 201 6.14 0.98 -38.72
N MET E 202 6.76 0.33 -37.74
CA MET E 202 6.97 -1.10 -37.89
C MET E 202 6.72 -1.72 -36.54
N LYS E 203 5.59 -2.40 -36.43
CA LYS E 203 5.11 -2.89 -35.17
C LYS E 203 5.94 -4.07 -34.70
N PHE E 204 5.66 -4.49 -33.48
CA PHE E 204 6.25 -5.69 -32.93
C PHE E 204 5.17 -6.36 -32.11
N TYR E 205 4.49 -7.32 -32.70
CA TYR E 205 3.52 -8.08 -31.94
C TYR E 205 4.29 -9.04 -31.06
N VAL E 206 4.68 -8.55 -29.89
CA VAL E 206 5.29 -9.40 -28.88
C VAL E 206 4.18 -10.12 -28.13
N ILE E 207 4.22 -11.45 -28.15
CA ILE E 207 3.25 -12.24 -27.44
C ILE E 207 3.94 -13.04 -26.36
N ILE E 208 3.38 -13.01 -25.17
CA ILE E 208 3.92 -13.72 -24.03
C ILE E 208 2.79 -14.50 -23.41
N ARG E 209 3.15 -15.55 -22.68
CA ARG E 209 2.16 -16.30 -21.93
C ARG E 209 2.68 -16.51 -20.52
N ARG E 210 1.76 -16.77 -19.62
CA ARG E 210 2.05 -16.84 -18.20
C ARG E 210 2.23 -18.28 -17.78
N ARG E 211 3.21 -18.53 -16.93
CA ARG E 211 3.31 -19.84 -16.34
C ARG E 211 2.33 -19.93 -15.18
N PRO E 212 1.28 -20.75 -15.28
CA PRO E 212 0.24 -20.77 -14.25
C PRO E 212 0.64 -21.54 -13.01
N LEU E 213 1.84 -22.12 -13.00
CA LEU E 213 2.22 -23.11 -12.00
C LEU E 213 2.45 -22.50 -10.64
N PHE E 214 2.48 -21.18 -10.52
CA PHE E 214 2.38 -20.55 -9.22
C PHE E 214 0.95 -20.18 -8.85
N TYR E 215 0.18 -19.67 -9.81
CA TYR E 215 -1.14 -19.16 -9.47
C TYR E 215 -2.13 -20.28 -9.17
N ALA E 216 -1.84 -21.49 -9.63
CA ALA E 216 -2.72 -22.61 -9.34
C ALA E 216 -2.68 -22.97 -7.85
N VAL E 217 -1.50 -22.91 -7.25
CA VAL E 217 -1.38 -23.29 -5.85
C VAL E 217 -1.55 -22.07 -4.97
N SER E 218 -1.89 -20.93 -5.57
CA SER E 218 -2.24 -19.75 -4.81
C SER E 218 -3.67 -19.29 -5.02
N LEU E 219 -4.33 -19.76 -6.04
CA LEU E 219 -5.72 -19.35 -6.19
C LEU E 219 -6.66 -20.53 -6.34
N LEU E 220 -6.26 -21.59 -7.03
CA LEU E 220 -7.13 -22.74 -7.15
C LEU E 220 -7.10 -23.59 -5.88
N LEU E 221 -5.95 -23.66 -5.23
CA LEU E 221 -5.86 -24.39 -3.97
C LEU E 221 -6.72 -23.81 -2.85
N PRO E 222 -6.91 -22.49 -2.69
CA PRO E 222 -7.92 -22.07 -1.71
C PRO E 222 -9.32 -22.47 -2.06
N SER E 223 -9.66 -22.57 -3.33
CA SER E 223 -11.05 -22.79 -3.71
C SER E 223 -11.50 -24.21 -3.44
N ILE E 224 -10.58 -25.17 -3.40
CA ILE E 224 -11.01 -26.57 -3.40
C ILE E 224 -11.36 -27.04 -2.00
N PHE E 225 -10.64 -26.60 -0.97
CA PHE E 225 -10.99 -27.08 0.35
C PHE E 225 -12.14 -26.30 0.94
N LEU E 226 -12.44 -25.14 0.36
CA LEU E 226 -13.68 -24.45 0.72
C LEU E 226 -14.90 -25.26 0.36
N MET E 227 -14.81 -26.12 -0.64
CA MET E 227 -15.87 -27.08 -0.87
C MET E 227 -15.96 -28.08 0.28
N VAL E 228 -14.83 -28.73 0.61
CA VAL E 228 -14.89 -29.92 1.43
C VAL E 228 -15.17 -29.62 2.89
N VAL E 229 -15.00 -28.37 3.32
CA VAL E 229 -15.42 -28.00 4.66
C VAL E 229 -16.94 -27.98 4.74
N ASP E 230 -17.60 -27.55 3.68
CA ASP E 230 -19.05 -27.63 3.64
C ASP E 230 -19.54 -29.03 3.33
N ILE E 231 -18.77 -29.79 2.54
CA ILE E 231 -19.06 -31.20 2.33
C ILE E 231 -19.06 -31.95 3.65
N VAL E 232 -18.05 -31.69 4.47
CA VAL E 232 -18.07 -32.27 5.81
C VAL E 232 -19.00 -31.51 6.72
N GLY E 233 -19.50 -30.35 6.29
CA GLY E 233 -20.52 -29.64 7.05
C GLY E 233 -21.85 -30.35 7.13
N PHE E 234 -22.19 -31.14 6.11
CA PHE E 234 -23.46 -31.86 6.18
C PHE E 234 -23.39 -33.03 7.14
N CYS E 235 -22.18 -33.54 7.41
CA CYS E 235 -22.01 -34.61 8.39
C CYS E 235 -22.26 -34.13 9.81
N LEU E 236 -22.35 -32.83 10.04
CA LEU E 236 -22.88 -32.33 11.29
C LEU E 236 -24.35 -32.71 11.40
N PRO E 237 -24.81 -33.11 12.58
CA PRO E 237 -26.24 -33.34 12.76
C PRO E 237 -27.01 -32.04 12.70
N PRO E 238 -28.21 -32.08 12.15
CA PRO E 238 -28.97 -30.83 11.97
C PRO E 238 -29.44 -30.19 13.25
N ASP E 239 -29.75 -30.99 14.26
CA ASP E 239 -30.36 -30.51 15.49
C ASP E 239 -29.42 -29.70 16.37
N SER E 240 -28.12 -29.68 16.05
CA SER E 240 -27.15 -28.98 16.89
C SER E 240 -27.37 -27.48 16.88
N GLY E 241 -27.69 -26.90 15.72
CA GLY E 241 -27.96 -25.50 15.59
C GLY E 241 -26.76 -24.66 15.16
N GLU E 242 -25.56 -25.00 15.63
CA GLU E 242 -24.37 -24.31 15.16
C GLU E 242 -23.99 -24.74 13.76
N ARG E 243 -24.59 -25.82 13.26
CA ARG E 243 -24.45 -26.23 11.87
C ARG E 243 -24.88 -25.12 10.92
N VAL E 244 -25.86 -24.31 11.32
CA VAL E 244 -26.18 -23.10 10.57
C VAL E 244 -25.06 -22.09 10.69
N SER E 245 -24.61 -21.83 11.93
CA SER E 245 -23.52 -20.90 12.17
C SER E 245 -22.20 -21.40 11.61
N PHE E 246 -22.08 -22.71 11.43
CA PHE E 246 -20.98 -23.29 10.69
C PHE E 246 -20.86 -22.70 9.30
N LYS E 247 -21.95 -22.81 8.52
CA LYS E 247 -21.90 -22.43 7.11
C LYS E 247 -21.65 -20.94 6.94
N ILE E 248 -22.30 -20.13 7.80
CA ILE E 248 -22.22 -18.69 7.68
C ILE E 248 -20.82 -18.20 8.03
N THR E 249 -20.14 -18.92 8.92
CA THR E 249 -18.74 -18.65 9.19
C THR E 249 -17.92 -18.84 7.91
N LEU E 250 -18.23 -19.89 7.16
CA LEU E 250 -17.57 -20.05 5.87
C LEU E 250 -18.12 -19.09 4.84
N LEU E 251 -19.41 -18.75 4.93
CA LEU E 251 -19.94 -17.69 4.08
C LEU E 251 -19.30 -16.36 4.42
N LEU E 252 -19.01 -16.14 5.70
CA LEU E 252 -18.15 -15.03 6.06
C LEU E 252 -16.74 -15.24 5.52
N GLY E 253 -16.22 -16.46 5.65
CA GLY E 253 -14.85 -16.73 5.22
C GLY E 253 -14.67 -16.63 3.71
N TYR E 254 -15.67 -17.05 2.95
CA TYR E 254 -15.60 -16.90 1.50
C TYR E 254 -15.79 -15.45 1.10
N SER E 255 -16.54 -14.69 1.90
CA SER E 255 -16.71 -13.27 1.64
C SER E 255 -15.40 -12.52 1.80
N VAL E 256 -14.55 -12.97 2.73
CA VAL E 256 -13.22 -12.40 2.88
C VAL E 256 -12.40 -12.66 1.65
N PHE E 257 -12.49 -13.86 1.09
CA PHE E 257 -11.58 -14.28 0.04
C PHE E 257 -11.90 -13.59 -1.28
N LEU E 258 -13.18 -13.34 -1.56
CA LEU E 258 -13.55 -12.68 -2.80
C LEU E 258 -13.13 -11.21 -2.84
N ILE E 259 -12.93 -10.61 -1.67
CA ILE E 259 -12.35 -9.27 -1.63
C ILE E 259 -10.87 -9.31 -1.98
N ILE E 260 -10.19 -10.39 -1.58
CA ILE E 260 -8.77 -10.54 -1.86
C ILE E 260 -8.52 -10.70 -3.35
N VAL E 261 -9.42 -11.40 -4.05
CA VAL E 261 -9.25 -11.59 -5.49
C VAL E 261 -9.76 -10.38 -6.27
N SER E 262 -10.44 -9.45 -5.61
CA SER E 262 -11.04 -8.32 -6.31
C SER E 262 -9.97 -7.37 -6.83
N ASP E 263 -9.09 -6.89 -5.96
CA ASP E 263 -8.07 -5.94 -6.36
C ASP E 263 -6.91 -6.58 -7.11
N THR E 264 -6.74 -7.90 -7.00
CA THR E 264 -5.64 -8.57 -7.68
C THR E 264 -5.88 -8.60 -9.20
N LEU E 265 -7.13 -8.59 -9.61
CA LEU E 265 -7.63 -8.54 -10.97
C LEU E 265 -7.86 -7.08 -11.38
N PRO E 266 -7.59 -6.71 -12.62
CA PRO E 266 -7.66 -5.31 -13.02
C PRO E 266 -9.12 -4.89 -13.22
N ALA E 267 -9.28 -3.63 -13.64
CA ALA E 267 -10.58 -3.04 -13.86
C ALA E 267 -10.97 -3.05 -15.33
N THR E 268 -10.57 -4.10 -16.04
CA THR E 268 -10.69 -4.17 -17.49
C THR E 268 -12.14 -4.25 -17.90
N ALA E 269 -12.57 -3.30 -18.73
CA ALA E 269 -13.98 -3.17 -19.11
C ALA E 269 -14.36 -4.00 -20.32
N ILE E 270 -13.59 -5.04 -20.65
CA ILE E 270 -14.05 -6.01 -21.65
C ILE E 270 -14.91 -7.08 -21.03
N GLY E 271 -15.13 -7.04 -19.73
CA GLY E 271 -15.94 -8.01 -19.04
C GLY E 271 -15.20 -8.65 -17.90
N THR E 272 -15.88 -9.60 -17.27
CA THR E 272 -15.31 -10.35 -16.18
C THR E 272 -14.19 -11.25 -16.69
N PRO E 273 -13.06 -11.33 -15.99
CA PRO E 273 -12.11 -12.42 -16.24
C PRO E 273 -12.79 -13.76 -15.97
N LEU E 274 -12.63 -14.68 -16.93
CA LEU E 274 -13.54 -15.81 -17.07
C LEU E 274 -13.49 -16.75 -15.88
N ILE E 275 -12.35 -16.82 -15.19
CA ILE E 275 -12.25 -17.60 -13.97
C ILE E 275 -13.07 -16.99 -12.84
N GLY E 276 -13.43 -15.70 -12.94
CA GLY E 276 -14.23 -15.08 -11.92
C GLY E 276 -15.65 -15.62 -11.85
N VAL E 277 -16.20 -16.02 -12.99
CA VAL E 277 -17.52 -16.64 -13.00
C VAL E 277 -17.46 -18.01 -12.34
N TYR E 278 -16.45 -18.81 -12.71
CA TYR E 278 -16.18 -20.08 -12.02
C TYR E 278 -15.88 -19.86 -10.55
N PHE E 279 -15.28 -18.72 -10.23
CA PHE E 279 -15.14 -18.34 -8.83
C PHE E 279 -16.48 -17.94 -8.22
N VAL E 280 -17.24 -17.08 -8.90
CA VAL E 280 -18.45 -16.54 -8.29
C VAL E 280 -19.60 -17.54 -8.30
N VAL E 281 -19.47 -18.65 -9.03
CA VAL E 281 -20.51 -19.67 -8.94
C VAL E 281 -20.46 -20.37 -7.58
N CYS E 282 -19.32 -20.29 -6.90
CA CYS E 282 -19.11 -21.04 -5.66
C CYS E 282 -19.98 -20.51 -4.53
N MET E 283 -20.14 -19.18 -4.43
CA MET E 283 -20.97 -18.62 -3.37
C MET E 283 -22.44 -18.99 -3.54
N ALA E 284 -22.93 -18.98 -4.78
CA ALA E 284 -24.32 -19.37 -5.02
C ALA E 284 -24.51 -20.84 -4.76
N LEU E 285 -23.48 -21.65 -4.99
CA LEU E 285 -23.49 -23.03 -4.52
C LEU E 285 -23.51 -23.08 -3.00
N LEU E 286 -22.78 -22.18 -2.35
CA LEU E 286 -22.81 -22.13 -0.89
C LEU E 286 -24.13 -21.59 -0.37
N VAL E 287 -24.76 -20.67 -1.09
CA VAL E 287 -26.05 -20.15 -0.68
C VAL E 287 -27.10 -21.26 -0.71
N ILE E 288 -27.12 -22.05 -1.79
CA ILE E 288 -28.06 -23.15 -1.83
C ILE E 288 -27.62 -24.27 -0.89
N SER E 289 -26.32 -24.37 -0.61
CA SER E 289 -25.88 -25.22 0.48
C SER E 289 -26.40 -24.71 1.81
N LEU E 290 -26.40 -23.38 1.97
CA LEU E 290 -27.01 -22.80 3.16
C LEU E 290 -28.52 -22.92 3.11
N ALA E 291 -29.12 -22.78 1.93
CA ALA E 291 -30.57 -22.87 1.80
C ALA E 291 -31.08 -24.27 2.13
N GLU E 292 -30.25 -25.29 1.91
CA GLU E 292 -30.57 -26.60 2.42
C GLU E 292 -30.55 -26.60 3.94
N THR E 293 -29.56 -25.95 4.53
CA THR E 293 -29.33 -26.02 5.97
C THR E 293 -30.45 -25.34 6.73
N ILE E 294 -30.98 -24.24 6.20
CA ILE E 294 -32.07 -23.58 6.87
C ILE E 294 -33.36 -24.38 6.72
N PHE E 295 -33.47 -25.14 5.64
CA PHE E 295 -34.72 -25.79 5.27
C PHE E 295 -35.06 -26.91 6.24
N ILE E 296 -34.07 -27.76 6.52
CA ILE E 296 -34.28 -28.88 7.42
C ILE E 296 -34.48 -28.42 8.85
N VAL E 297 -33.82 -27.32 9.27
CA VAL E 297 -34.01 -26.90 10.64
C VAL E 297 -35.30 -26.11 10.78
N ARG E 298 -35.78 -25.49 9.70
CA ARG E 298 -37.17 -25.03 9.67
C ARG E 298 -38.12 -26.21 9.70
N LEU E 299 -37.73 -27.30 9.05
CA LEU E 299 -38.52 -28.52 9.05
C LEU E 299 -38.44 -29.23 10.40
N VAL E 300 -37.26 -29.30 11.00
CA VAL E 300 -37.03 -30.09 12.20
C VAL E 300 -36.61 -29.17 13.31
N HIS E 301 -37.50 -28.97 14.28
CA HIS E 301 -37.25 -28.34 15.56
C HIS E 301 -38.48 -28.58 16.42
N LYS E 302 -38.29 -28.64 17.74
CA LYS E 302 -39.43 -28.84 18.64
C LYS E 302 -40.25 -27.56 18.74
N GLN E 303 -41.29 -27.46 17.92
CA GLN E 303 -42.03 -26.21 17.75
C GLN E 303 -43.52 -26.38 18.02
N ASP E 304 -43.92 -27.52 18.58
CA ASP E 304 -45.32 -27.93 18.77
C ASP E 304 -46.08 -27.90 17.44
N LEU E 305 -45.63 -28.75 16.53
CA LEU E 305 -46.09 -28.70 15.15
C LEU E 305 -47.42 -29.43 15.00
N GLN E 306 -47.84 -29.56 13.75
CA GLN E 306 -48.86 -30.52 13.35
C GLN E 306 -48.20 -31.84 12.99
N ARG E 307 -49.02 -32.82 12.73
CA ARG E 307 -48.50 -34.13 12.40
C ARG E 307 -48.01 -34.18 10.96
N PRO E 308 -47.04 -35.05 10.65
CA PRO E 308 -46.70 -35.29 9.25
C PRO E 308 -47.81 -36.04 8.54
N VAL E 309 -48.18 -35.57 7.36
CA VAL E 309 -49.23 -36.19 6.59
C VAL E 309 -48.66 -37.45 5.96
N PRO E 310 -49.44 -38.53 5.86
CA PRO E 310 -48.85 -39.82 5.46
C PRO E 310 -48.45 -39.90 4.01
N ASP E 311 -49.03 -39.07 3.14
CA ASP E 311 -48.64 -39.07 1.73
C ASP E 311 -47.20 -38.63 1.56
N TRP E 312 -46.77 -37.64 2.34
CA TRP E 312 -45.36 -37.34 2.38
C TRP E 312 -44.61 -38.33 3.26
N LEU E 313 -45.27 -38.92 4.26
CA LEU E 313 -44.59 -39.89 5.10
C LEU E 313 -44.41 -41.22 4.39
N ARG E 314 -45.37 -41.62 3.55
CA ARG E 314 -45.12 -42.74 2.67
C ARG E 314 -44.13 -42.36 1.59
N HIS E 315 -44.12 -41.09 1.17
CA HIS E 315 -43.03 -40.60 0.34
C HIS E 315 -41.73 -40.55 1.12
N LEU E 316 -41.80 -40.28 2.41
CA LEU E 316 -40.63 -40.46 3.25
C LEU E 316 -40.30 -41.94 3.42
N VAL E 317 -41.32 -42.79 3.44
CA VAL E 317 -41.07 -44.23 3.44
C VAL E 317 -40.56 -44.68 2.09
N LEU E 318 -41.01 -44.04 1.01
CA LEU E 318 -40.46 -44.34 -0.30
C LEU E 318 -39.03 -43.85 -0.43
N ASP E 319 -38.74 -42.66 0.11
CA ASP E 319 -37.38 -42.14 0.05
C ASP E 319 -36.44 -42.93 0.96
N ARG E 320 -36.95 -43.46 2.06
CA ARG E 320 -36.15 -44.38 2.86
C ARG E 320 -35.88 -45.67 2.10
N ILE E 321 -36.87 -46.12 1.33
CA ILE E 321 -36.64 -47.25 0.42
C ILE E 321 -35.83 -46.82 -0.80
N ALA E 322 -35.73 -45.53 -1.07
CA ALA E 322 -34.89 -45.05 -2.15
C ALA E 322 -33.47 -44.75 -1.70
N TRP E 323 -33.28 -44.34 -0.45
CA TRP E 323 -31.95 -44.07 0.08
C TRP E 323 -31.37 -45.25 0.85
N ILE E 324 -32.15 -46.29 1.07
CA ILE E 324 -31.65 -47.49 1.74
C ILE E 324 -32.34 -48.71 1.16
N ARG E 392 -64.45 -44.55 46.29
CA ARG E 392 -63.32 -43.66 46.13
C ARG E 392 -63.17 -43.21 44.67
N GLY E 393 -63.11 -41.91 44.46
CA GLY E 393 -62.91 -41.36 43.13
C GLY E 393 -61.46 -41.07 42.83
N LEU E 394 -60.56 -41.96 43.28
CA LEU E 394 -59.13 -41.75 43.11
C LEU E 394 -58.65 -41.94 41.68
N LEU E 395 -59.51 -42.44 40.79
CA LEU E 395 -59.13 -42.65 39.40
C LEU E 395 -58.87 -41.33 38.68
N GLN E 396 -59.69 -40.31 38.97
CA GLN E 396 -59.57 -39.05 38.24
C GLN E 396 -58.31 -38.29 38.59
N GLU E 397 -57.69 -38.57 39.73
CA GLU E 397 -56.36 -38.06 39.97
C GLU E 397 -55.33 -38.84 39.15
N LEU E 398 -55.52 -40.14 39.04
CA LEU E 398 -54.62 -40.95 38.23
C LEU E 398 -54.81 -40.68 36.76
N SER E 399 -56.04 -40.38 36.33
CA SER E 399 -56.24 -40.00 34.93
C SER E 399 -55.71 -38.61 34.66
N SER E 400 -55.65 -37.76 35.69
CA SER E 400 -55.04 -36.45 35.52
C SER E 400 -53.54 -36.57 35.32
N ILE E 401 -52.93 -37.61 35.89
CA ILE E 401 -51.50 -37.83 35.73
C ILE E 401 -51.17 -38.17 34.28
N ARG E 402 -51.92 -39.13 33.71
CA ARG E 402 -51.67 -39.50 32.33
C ARG E 402 -52.08 -38.39 31.38
N HIS E 403 -53.12 -37.63 31.72
CA HIS E 403 -53.55 -36.50 30.88
C HIS E 403 -52.48 -35.43 30.83
N PHE E 404 -51.69 -35.32 31.90
CA PHE E 404 -50.52 -34.45 31.85
C PHE E 404 -49.44 -35.03 30.95
N LEU E 405 -49.47 -36.33 30.67
CA LEU E 405 -48.38 -36.99 29.97
C LEU E 405 -48.80 -37.67 28.68
N GLU E 406 -50.09 -37.92 28.46
CA GLU E 406 -50.54 -38.55 27.22
C GLU E 406 -50.32 -37.65 26.02
N LYS E 407 -50.26 -36.34 26.23
CA LYS E 407 -49.90 -35.41 25.19
C LYS E 407 -48.44 -35.02 25.27
N ARG E 408 -47.91 -34.87 26.49
CA ARG E 408 -46.53 -34.44 26.67
C ARG E 408 -45.54 -35.45 26.12
N ASP E 409 -45.80 -36.73 26.32
CA ASP E 409 -44.98 -37.74 25.67
C ASP E 409 -45.25 -37.79 24.19
N GLU E 410 -46.49 -37.50 23.78
CA GLU E 410 -46.84 -37.57 22.36
C GLU E 410 -46.28 -36.39 21.58
N MET E 411 -46.29 -35.19 22.17
CA MET E 411 -45.72 -34.02 21.49
C MET E 411 -44.22 -34.16 21.33
N ARG E 412 -43.58 -34.91 22.22
CA ARG E 412 -42.20 -35.31 21.98
C ARG E 412 -42.12 -36.23 20.77
N GLU E 413 -43.10 -37.11 20.61
CA GLU E 413 -43.05 -38.07 19.52
C GLU E 413 -43.54 -37.48 18.22
N VAL E 414 -44.42 -36.49 18.27
CA VAL E 414 -44.74 -35.72 17.08
C VAL E 414 -43.49 -34.98 16.61
N ALA E 415 -42.70 -34.47 17.55
CA ALA E 415 -41.39 -33.92 17.21
C ALA E 415 -40.45 -35.00 16.73
N ARG E 416 -40.60 -36.22 17.23
CA ARG E 416 -39.78 -37.33 16.74
C ARG E 416 -40.19 -37.73 15.33
N ASP E 417 -41.45 -37.48 14.97
CA ASP E 417 -41.91 -37.83 13.62
C ASP E 417 -41.29 -36.91 12.58
N TRP E 418 -41.32 -35.61 12.83
CA TRP E 418 -40.64 -34.68 11.93
C TRP E 418 -39.13 -34.87 11.99
N LEU E 419 -38.62 -35.35 13.12
CA LEU E 419 -37.20 -35.67 13.24
C LEU E 419 -36.78 -36.74 12.24
N ARG E 420 -37.67 -37.71 12.00
CA ARG E 420 -37.42 -38.74 11.00
C ARG E 420 -37.27 -38.13 9.61
N VAL E 421 -38.00 -37.06 9.33
CA VAL E 421 -37.98 -36.44 8.02
C VAL E 421 -36.63 -35.75 7.78
N GLY E 422 -35.96 -35.32 8.84
CA GLY E 422 -34.68 -34.65 8.68
C GLY E 422 -33.58 -35.55 8.15
N TYR E 423 -33.48 -36.77 8.69
CA TYR E 423 -32.32 -37.60 8.39
C TYR E 423 -32.42 -38.21 7.00
N VAL E 424 -33.63 -38.52 6.53
CA VAL E 424 -33.78 -39.01 5.17
C VAL E 424 -33.45 -37.92 4.18
N LEU E 425 -33.86 -36.68 4.46
CA LEU E 425 -33.40 -35.56 3.64
C LEU E 425 -31.92 -35.29 3.85
N ASP E 426 -31.39 -35.62 5.02
CA ASP E 426 -29.96 -35.45 5.24
C ASP E 426 -29.16 -36.40 4.34
N ARG E 427 -29.66 -37.62 4.13
CA ARG E 427 -28.95 -38.55 3.26
C ARG E 427 -29.03 -38.11 1.79
N LEU E 428 -30.26 -37.86 1.30
CA LEU E 428 -30.45 -37.70 -0.13
C LEU E 428 -29.92 -36.35 -0.62
N LEU E 429 -30.11 -35.29 0.17
CA LEU E 429 -29.56 -34.01 -0.22
C LEU E 429 -28.04 -33.98 -0.14
N PHE E 430 -27.44 -34.87 0.67
CA PHE E 430 -25.99 -34.95 0.73
C PHE E 430 -25.41 -35.47 -0.57
N ARG E 431 -26.02 -36.53 -1.13
CA ARG E 431 -25.57 -37.07 -2.41
C ARG E 431 -25.77 -36.07 -3.53
N ILE E 432 -26.98 -35.50 -3.63
CA ILE E 432 -27.30 -34.58 -4.72
C ILE E 432 -26.54 -33.27 -4.57
N TYR E 433 -26.11 -32.92 -3.36
CA TYR E 433 -25.14 -31.85 -3.26
C TYR E 433 -23.78 -32.31 -3.74
N LEU E 434 -23.37 -33.52 -3.33
CA LEU E 434 -22.05 -34.01 -3.71
C LEU E 434 -21.97 -34.28 -5.20
N LEU E 435 -23.01 -34.88 -5.77
CA LEU E 435 -23.00 -35.17 -7.20
C LEU E 435 -23.13 -33.91 -8.04
N ALA E 436 -23.73 -32.85 -7.50
CA ALA E 436 -23.73 -31.56 -8.19
C ALA E 436 -22.33 -30.99 -8.27
N VAL E 437 -21.56 -31.11 -7.18
CA VAL E 437 -20.23 -30.53 -7.15
C VAL E 437 -19.27 -31.37 -7.97
N LEU E 438 -19.32 -32.69 -7.80
CA LEU E 438 -18.34 -33.57 -8.44
C LEU E 438 -18.50 -33.59 -9.95
N ALA E 439 -19.74 -33.55 -10.43
CA ALA E 439 -19.97 -33.42 -11.87
C ALA E 439 -19.57 -32.05 -12.38
N TYR E 440 -19.70 -31.02 -11.54
CA TYR E 440 -19.22 -29.70 -11.91
C TYR E 440 -17.70 -29.66 -11.97
N SER E 441 -17.03 -30.42 -11.10
CA SER E 441 -15.57 -30.37 -11.01
C SER E 441 -14.92 -30.98 -12.24
N ILE E 442 -15.50 -32.06 -12.77
CA ILE E 442 -14.92 -32.74 -13.93
C ILE E 442 -15.05 -31.88 -15.19
N THR E 443 -15.95 -30.90 -15.18
CA THR E 443 -16.03 -29.96 -16.30
C THR E 443 -14.80 -29.05 -16.32
N LEU E 444 -14.30 -28.70 -15.13
CA LEU E 444 -13.18 -27.75 -15.05
C LEU E 444 -11.87 -28.39 -15.47
N VAL E 445 -11.66 -29.67 -15.14
CA VAL E 445 -10.40 -30.31 -15.53
C VAL E 445 -10.36 -30.62 -17.02
N THR E 446 -11.51 -30.73 -17.67
CA THR E 446 -11.51 -30.74 -19.13
C THR E 446 -11.07 -29.39 -19.69
N LEU E 447 -11.44 -28.30 -19.01
CA LEU E 447 -10.97 -26.99 -19.40
C LEU E 447 -9.50 -26.80 -19.07
N TRP E 448 -8.93 -27.62 -18.19
CA TRP E 448 -7.50 -27.57 -17.94
C TRP E 448 -6.73 -28.05 -19.16
N SER E 449 -7.08 -29.23 -19.67
CA SER E 449 -6.37 -29.81 -20.81
C SER E 449 -6.64 -29.06 -22.11
N ILE E 450 -7.73 -28.30 -22.19
CA ILE E 450 -7.93 -27.42 -23.33
C ILE E 450 -7.06 -26.17 -23.19
N ALA E 451 -7.01 -25.60 -21.99
CA ALA E 451 -6.08 -24.52 -21.74
C ALA E 451 -4.63 -25.00 -21.74
N TRP E 452 -4.43 -26.28 -21.44
CA TRP E 452 -3.10 -26.87 -21.51
C TRP E 452 -3.04 -28.00 -22.53
C1 NAG F . 44.22 16.89 8.44
C2 NAG F . 45.63 17.01 8.97
C3 NAG F . 45.71 16.55 10.42
C4 NAG F . 44.69 17.29 11.27
C5 NAG F . 43.31 17.11 10.65
C6 NAG F . 42.22 17.89 11.37
C7 NAG F . 47.22 16.80 7.13
C8 NAG F . 48.17 15.90 6.40
N2 NAG F . 46.57 16.25 8.15
O3 NAG F . 47.02 16.79 10.90
O4 NAG F . 44.69 16.79 12.60
O5 NAG F . 43.32 17.58 9.31
O6 NAG F . 40.96 17.23 11.23
O7 NAG F . 47.07 17.97 6.81
C1 NAG F . 45.24 17.79 13.46
C2 NAG F . 44.84 17.45 14.89
C3 NAG F . 45.46 18.46 15.86
C4 NAG F . 46.97 18.53 15.66
C5 NAG F . 47.30 18.81 14.20
C6 NAG F . 48.78 18.72 13.90
C7 NAG F . 42.70 16.28 14.95
C8 NAG F . 41.23 16.42 15.12
N2 NAG F . 43.41 17.42 15.04
O3 NAG F . 45.17 18.07 17.20
O4 NAG F . 47.52 19.56 16.48
O5 NAG F . 46.67 17.83 13.36
O6 NAG F . 49.04 17.75 12.90
O7 NAG F . 43.24 15.22 14.74
C1 NAG G . 28.05 6.03 18.27
C2 NAG G . 28.35 6.62 19.62
C3 NAG G . 29.78 7.15 19.65
C4 NAG G . 30.76 6.05 19.26
C5 NAG G . 30.33 5.35 17.96
C6 NAG G . 31.12 4.09 17.71
C7 NAG G . 26.89 7.77 21.19
C8 NAG G . 25.97 8.91 21.44
N2 NAG G . 27.42 7.67 19.97
O3 NAG G . 30.07 7.62 20.95
O4 NAG G . 32.03 6.64 19.01
O5 NAG G . 28.95 4.97 18.01
O6 NAG G . 31.31 3.87 16.31
O7 NAG G . 27.16 6.95 22.07
C1 NAG G . 32.96 6.29 20.04
C2 NAG G . 34.37 6.41 19.48
C3 NAG G . 35.41 6.20 20.59
C4 NAG G . 35.14 7.15 21.75
C5 NAG G . 33.69 6.98 22.23
C6 NAG G . 33.30 7.99 23.28
C7 NAG G . 34.25 5.65 17.15
C8 NAG G . 34.55 4.55 16.19
N2 NAG G . 34.59 5.44 18.41
O3 NAG G . 36.71 6.45 20.07
O4 NAG G . 36.02 6.85 22.82
O5 NAG G . 32.80 7.20 21.12
O6 NAG G . 32.17 8.75 22.86
O7 NAG G . 33.70 6.69 16.79
C1 NAG H . 41.24 -10.32 -22.57
C2 NAG H . 42.33 -11.07 -23.32
C3 NAG H . 42.43 -12.50 -22.80
C4 NAG H . 42.63 -12.51 -21.30
C5 NAG H . 41.50 -11.73 -20.63
C6 NAG H . 41.64 -11.60 -19.14
C7 NAG H . 42.59 -10.14 -25.55
C8 NAG H . 42.25 -10.28 -27.01
N2 NAG H . 42.08 -11.07 -24.74
O3 NAG H . 43.54 -13.13 -23.45
O4 NAG H . 42.64 -13.85 -20.80
O5 NAG H . 41.48 -10.40 -21.17
O6 NAG H . 40.38 -11.48 -18.52
O7 NAG H . 43.28 -9.22 -25.13
C1 NAG H . 43.97 -14.17 -20.37
C2 NAG H . 43.89 -15.39 -19.47
C3 NAG H . 45.28 -15.81 -19.03
C4 NAG H . 46.18 -16.04 -20.24
C5 NAG H . 46.16 -14.79 -21.15
C6 NAG H . 46.89 -15.01 -22.45
C7 NAG H . 41.76 -15.45 -18.28
C8 NAG H . 41.02 -15.11 -17.02
N2 NAG H . 43.05 -15.13 -18.31
O3 NAG H . 45.20 -17.01 -18.27
O4 NAG H . 47.51 -16.31 -19.83
O5 NAG H . 44.81 -14.47 -21.49
O6 NAG H . 46.03 -14.79 -23.55
O7 NAG H . 41.20 -16.00 -19.23
C1 NAG I . 26.30 -19.43 -9.56
C2 NAG I . 27.31 -20.29 -8.85
C3 NAG I . 28.55 -20.44 -9.71
C4 NAG I . 28.20 -20.97 -11.09
C5 NAG I . 27.05 -20.18 -11.71
C6 NAG I . 26.48 -20.85 -12.94
C7 NAG I . 27.75 -20.56 -6.48
C8 NAG I . 28.12 -19.90 -5.19
N2 NAG I . 27.65 -19.77 -7.54
O3 NAG I . 29.45 -21.33 -9.06
O4 NAG I . 29.32 -20.82 -11.95
O5 NAG I . 25.96 -20.03 -10.80
O6 NAG I . 26.04 -19.90 -13.89
O7 NAG I . 27.55 -21.77 -6.54
C1 NAG I . 29.91 -22.08 -12.25
C2 NAG I . 30.67 -21.96 -13.57
C3 NAG I . 31.45 -23.25 -13.84
C4 NAG I . 32.33 -23.62 -12.66
C5 NAG I . 31.49 -23.68 -11.39
C6 NAG I . 32.31 -23.90 -10.14
C7 NAG I . 29.37 -20.44 -14.98
C8 NAG I . 28.44 -20.33 -16.15
N2 NAG I . 29.77 -21.68 -14.67
O3 NAG I . 32.26 -23.07 -15.00
O4 NAG I . 32.95 -24.88 -12.89
O5 NAG I . 30.80 -22.43 -11.21
O6 NAG I . 32.10 -22.85 -9.21
O7 NAG I . 29.72 -19.46 -14.33
C1 NAG J . 14.84 45.60 3.21
C2 NAG J . 15.23 46.94 3.78
C3 NAG J . 14.30 47.33 4.92
C4 NAG J . 12.84 47.28 4.48
C5 NAG J . 12.56 45.89 3.91
C6 NAG J . 11.16 45.74 3.35
C7 NAG J . 17.62 47.33 3.45
C8 NAG J . 18.99 47.28 4.07
N2 NAG J . 16.61 46.94 4.22
O3 NAG J . 14.64 48.65 5.35
O4 NAG J . 11.98 47.55 5.57
O5 NAG J . 13.46 45.62 2.84
O6 NAG J . 10.72 44.40 3.45
O7 NAG J . 17.44 47.68 2.29
C1 NAG J . 11.36 48.83 5.36
C2 NAG J . 10.14 48.91 6.27
C3 NAG J . 9.48 50.28 6.12
C4 NAG J . 10.50 51.37 6.39
C5 NAG J . 11.73 51.20 5.50
C6 NAG J . 12.84 52.17 5.83
C7 NAG J . 9.17 46.70 6.63
C8 NAG J . 8.14 45.71 6.19
N2 NAG J . 9.20 47.85 5.96
O3 NAG J . 8.40 50.38 7.04
O4 NAG J . 9.91 52.65 6.14
O5 NAG J . 12.27 49.88 5.67
O6 NAG J . 14.03 51.46 6.17
O7 NAG J . 9.95 46.47 7.54
C1 NAG K . 0.97 31.56 12.50
C2 NAG K . -0.05 32.63 12.80
C3 NAG K . 0.62 33.99 12.80
C4 NAG K . 1.79 34.02 13.77
C5 NAG K . 2.73 32.83 13.54
C6 NAG K . 3.73 32.66 14.65
C7 NAG K . -2.43 32.73 12.29
C8 NAG K . -3.47 32.71 11.22
N2 NAG K . -1.16 32.60 11.88
O3 NAG K . -0.34 34.98 13.17
O4 NAG K . 2.56 35.19 13.51
O5 NAG K . 1.99 31.59 13.47
O6 NAG K . 4.97 32.15 14.16
O7 NAG K . -2.70 32.85 13.47
C1 NAG K . 2.42 36.13 14.58
C2 NAG K . 3.64 37.04 14.61
C3 NAG K . 3.45 38.16 15.63
C4 NAG K . 2.15 38.90 15.40
C5 NAG K . 1.00 37.90 15.36
C6 NAG K . -0.32 38.54 14.99
C7 NAG K . 5.55 35.64 13.97
C8 NAG K . 6.77 34.91 14.45
N2 NAG K . 4.85 36.28 14.90
O3 NAG K . 4.55 39.07 15.53
O4 NAG K . 1.93 39.84 16.44
O5 NAG K . 1.25 36.90 14.37
O6 NAG K . -0.88 37.90 13.85
O7 NAG K . 5.20 35.62 12.79
C1 NAG L . -6.46 36.09 -31.14
C2 NAG L . -7.04 37.31 -31.83
C3 NAG L . -8.57 37.25 -31.84
C4 NAG L . -9.05 35.95 -32.43
C5 NAG L . -8.41 34.78 -31.66
C6 NAG L . -8.76 33.43 -32.24
C7 NAG L . -5.49 39.19 -31.65
C8 NAG L . -5.15 40.45 -30.91
N2 NAG L . -6.57 38.53 -31.21
O3 NAG L . -9.06 38.35 -32.59
O4 NAG L . -10.47 35.86 -32.33
O5 NAG L . -6.99 34.91 -31.74
O6 NAG L . -8.72 32.43 -31.22
O7 NAG L . -4.81 38.78 -32.57
C1 NAG L . -11.02 35.96 -33.65
C2 NAG L . -12.44 35.43 -33.61
C3 NAG L . -13.10 35.58 -34.97
C4 NAG L . -13.01 37.02 -35.45
C5 NAG L . -11.57 37.51 -35.41
C6 NAG L . -11.45 38.99 -35.71
C7 NAG L . -12.68 33.70 -31.90
C8 NAG L . -12.69 32.24 -31.61
N2 NAG L . -12.47 34.05 -33.17
O3 NAG L . -14.46 35.17 -34.89
O4 NAG L . -13.52 37.13 -36.77
O5 NAG L . -11.03 37.32 -34.10
O6 NAG L . -10.81 39.67 -34.63
O7 NAG L . -12.86 34.55 -31.02
C1 NAG M . -17.79 22.01 -18.93
C2 NAG M . -18.90 21.90 -19.93
C3 NAG M . -18.88 23.12 -20.85
C4 NAG M . -18.94 24.41 -20.05
C5 NAG M . -17.90 24.41 -18.93
C6 NAG M . -18.12 25.54 -17.94
C7 NAG M . -19.93 19.94 -20.95
C8 NAG M . -19.72 18.72 -21.77
N2 NAG M . -18.84 20.68 -20.70
O3 NAG M . -20.00 23.04 -21.73
O4 NAG M . -18.63 25.50 -20.90
O5 NAG M . -17.94 23.20 -18.17
O6 NAG M . -16.88 26.01 -17.43
O7 NAG M . -21.03 20.27 -20.52
C1 NAG M . -19.79 26.29 -21.16
C2 NAG M . -19.34 27.70 -21.55
C3 NAG M . -20.54 28.54 -21.98
C4 NAG M . -21.32 27.83 -23.08
C5 NAG M . -21.70 26.42 -22.60
C6 NAG M . -22.35 25.60 -23.69
C7 NAG M . -17.34 28.18 -20.19
C8 NAG M . -16.81 28.92 -19.02
N2 NAG M . -18.65 28.34 -20.45
O3 NAG M . -20.08 29.79 -22.47
O4 NAG M . -22.51 28.57 -23.38
O5 NAG M . -20.51 25.71 -22.23
O6 NAG M . -21.64 24.40 -23.92
O7 NAG M . -16.64 27.44 -20.88
C1 NAG N . 9.86 1.46 -47.10
C2 NAG N . 9.71 1.38 -48.60
C3 NAG N . 8.83 0.20 -48.99
C4 NAG N . 9.36 -1.09 -48.37
C5 NAG N . 9.48 -0.90 -46.87
C6 NAG N . 10.09 -2.09 -46.15
C7 NAG N . 9.94 3.61 -49.58
C8 NAG N . 9.22 4.80 -50.12
N2 NAG N . 9.17 2.61 -49.14
O3 NAG N . 8.81 0.09 -50.41
O4 NAG N . 8.49 -2.17 -48.66
O5 NAG N . 10.34 0.22 -46.60
O6 NAG N . 9.62 -2.18 -44.81
O7 NAG N . 11.16 3.55 -49.53
C1 NAG N . 9.14 -3.06 -49.58
C2 NAG N . 8.42 -4.39 -49.54
C3 NAG N . 9.04 -5.35 -50.54
C4 NAG N . 9.05 -4.73 -51.93
C5 NAG N . 9.73 -3.36 -51.89
C6 NAG N . 9.61 -2.62 -53.20
C7 NAG N . 7.47 -4.80 -47.32
C8 NAG N . 7.65 -5.44 -45.98
N2 NAG N . 8.46 -4.96 -48.20
O3 NAG N . 8.30 -6.56 -50.56
O4 NAG N . 9.73 -5.58 -52.84
O5 NAG N . 9.09 -2.53 -50.91
O6 NAG N . 8.97 -1.36 -53.01
O7 NAG N . 6.46 -4.16 -47.60
C1 NAG O . -2.12 -9.63 -32.64
C2 NAG O . -1.99 -10.93 -33.39
C3 NAG O . -1.61 -10.66 -34.84
C4 NAG O . -2.62 -9.71 -35.48
C5 NAG O . -2.86 -8.48 -34.61
C6 NAG O . -4.05 -7.67 -35.07
C7 NAG O . -1.26 -13.11 -32.62
C8 NAG O . -0.17 -13.92 -31.98
N2 NAG O . -1.01 -11.82 -32.77
O3 NAG O . -1.57 -11.89 -35.54
O4 NAG O . -2.08 -9.25 -36.71
O5 NAG O . -3.13 -8.84 -33.25
O6 NAG O . -3.86 -6.29 -34.84
O7 NAG O . -2.32 -13.62 -32.97
C1 NAG O . -2.79 -9.81 -37.82
C2 NAG O . -2.63 -8.90 -39.03
C3 NAG O . -3.23 -9.55 -40.28
C4 NAG O . -2.66 -10.94 -40.48
C5 NAG O . -2.84 -11.77 -39.22
C6 NAG O . -2.18 -13.12 -39.29
C7 NAG O . -2.64 -6.61 -38.15
C8 NAG O . -3.42 -5.34 -38.00
N2 NAG O . -3.25 -7.60 -38.79
O3 NAG O . -2.94 -8.73 -41.40
O4 NAG O . -3.33 -11.58 -41.57
O5 NAG O . -2.24 -11.09 -38.11
O6 NAG O . -1.24 -13.28 -38.23
O7 NAG O . -1.49 -6.72 -37.71
C1 NAG P . 39.20 52.24 0.24
C2 NAG P . 38.73 53.70 0.22
C3 NAG P . 39.80 54.62 0.80
C4 NAG P . 40.22 54.14 2.18
C5 NAG P . 40.67 52.69 2.11
C6 NAG P . 40.99 52.10 3.47
C7 NAG P . 37.14 53.97 -1.62
C8 NAG P . 36.94 54.47 -3.02
N2 NAG P . 38.36 54.12 -1.11
O3 NAG P . 39.29 55.94 0.88
O4 NAG P . 41.28 54.95 2.68
O5 NAG P . 39.63 51.88 1.56
O6 NAG P . 39.87 51.39 4.00
O7 NAG P . 36.24 53.46 -0.97
OH SRO Q . 23.83 25.82 4.46
CZ3 SRO Q . 23.79 26.92 5.32
CH2 SRO Q . 24.35 26.84 6.58
CZ2 SRO Q . 24.33 27.92 7.43
CE2 SRO Q . 23.71 29.10 7.01
NE1 SRO Q . 23.55 30.28 7.65
CD1 SRO Q . 22.89 31.10 6.81
CG SRO Q . 22.65 30.43 5.66
CD2 SRO Q . 23.15 29.18 5.77
CE3 SRO Q . 23.19 28.10 4.90
CB SRO Q . 21.90 31.20 4.59
CA SRO Q . 20.42 31.04 4.92
NZ SRO Q . 19.82 32.35 5.00
OH SRO R . 34.81 3.11 -5.53
CZ3 SRO R . 35.86 3.00 -4.62
CH2 SRO R . 36.48 1.78 -4.43
CZ2 SRO R . 37.52 1.66 -3.55
CE2 SRO R . 37.94 2.78 -2.83
NE1 SRO R . 38.93 2.91 -1.91
CD1 SRO R . 38.93 4.20 -1.51
CG SRO R . 37.96 4.86 -2.20
CD2 SRO R . 37.33 3.98 -3.01
CE3 SRO R . 36.28 4.11 -3.92
CB SRO R . 37.81 6.33 -1.88
CA SRO R . 36.91 6.40 -0.66
NZ SRO R . 37.58 7.19 0.36
C1 NAG S . 62.55 16.21 -8.96
C2 NAG S . 63.36 17.11 -8.03
C3 NAG S . 64.85 16.83 -8.18
C4 NAG S . 65.14 15.35 -7.97
C5 NAG S . 64.29 14.52 -8.93
C6 NAG S . 64.43 13.03 -8.70
C7 NAG S . 62.10 19.18 -7.68
C8 NAG S . 61.96 20.62 -8.06
N2 NAG S . 63.08 18.52 -8.30
O3 NAG S . 65.58 17.60 -7.23
O4 NAG S . 66.52 15.09 -8.20
O5 NAG S . 62.90 14.84 -8.74
O6 NAG S . 63.39 12.55 -7.86
O7 NAG S . 61.36 18.64 -6.87
C1 NAG T . 8.17 56.84 -31.03
C2 NAG T . 7.49 57.22 -32.34
C3 NAG T . 7.42 58.74 -32.48
C4 NAG T . 6.75 59.37 -31.26
C5 NAG T . 7.48 58.93 -30.00
C6 NAG T . 6.80 59.40 -28.74
C7 NAG T . 7.89 55.44 -33.96
C8 NAG T . 8.69 54.98 -35.14
N2 NAG T . 8.18 56.64 -33.48
O3 NAG T . 6.69 59.08 -33.65
O4 NAG T . 6.77 60.79 -31.37
O5 NAG T . 7.51 57.49 -29.93
O6 NAG T . 5.95 58.40 -28.21
O7 NAG T . 7.00 54.74 -33.48
OH SRO U . 3.29 33.27 -11.90
CZ3 SRO U . 2.32 34.14 -12.37
CH2 SRO U . 1.71 35.02 -11.50
CZ2 SRO U . 0.75 35.90 -11.95
CE2 SRO U . 0.38 35.87 -13.29
NE1 SRO U . -0.53 36.61 -13.97
CD1 SRO U . -0.51 36.20 -15.26
CG SRO U . 0.42 35.21 -15.37
CD2 SRO U . 0.97 35.00 -14.15
CE3 SRO U . 1.96 34.11 -13.70
CB SRO U . 0.59 34.61 -16.75
CA SRO U . -0.48 33.54 -16.87
NZ SRO U . -1.25 33.79 -18.07
C1 NAG V . 12.67 23.23 -59.63
C2 NAG V . 13.17 22.38 -60.81
C3 NAG V . 12.82 23.06 -62.13
C4 NAG V . 11.33 23.35 -62.20
C5 NAG V . 10.91 24.18 -61.00
C6 NAG V . 9.42 24.40 -60.93
C7 NAG V . 15.14 21.12 -60.07
C8 NAG V . 16.63 21.03 -60.08
N2 NAG V . 14.60 22.17 -60.72
O3 NAG V . 13.19 22.21 -63.21
O4 NAG V . 11.03 24.06 -63.40
O5 NAG V . 11.27 23.50 -59.80
O6 NAG V . 8.79 23.45 -60.09
O7 NAG V . 14.44 20.29 -59.50
OH SRO W . 1.69 14.98 -32.13
CZ3 SRO W . 1.22 14.51 -33.37
CH2 SRO W . -0.04 14.84 -33.80
CZ2 SRO W . -0.50 14.38 -35.00
CE2 SRO W . 0.31 13.57 -35.78
NE1 SRO W . 0.09 12.98 -36.99
CD1 SRO W . 1.20 12.28 -37.31
CG SRO W . 2.11 12.44 -36.30
CD2 SRO W . 1.56 13.23 -35.35
CE3 SRO W . 2.04 13.69 -34.12
CB SRO W . 3.42 11.72 -36.49
CA SRO W . 3.19 10.30 -35.98
NZ SRO W . 3.58 9.38 -37.02
OH SRO X . 21.31 -3.67 -28.19
CZ3 SRO X . 22.10 -4.76 -28.57
CH2 SRO X . 21.60 -5.72 -29.41
CZ2 SRO X . 22.38 -6.78 -29.80
CE2 SRO X . 23.68 -6.89 -29.29
NE1 SRO X . 24.64 -7.83 -29.51
CD1 SRO X . 25.72 -7.47 -28.79
CG SRO X . 25.43 -6.31 -28.15
CD2 SRO X . 24.16 -5.94 -28.45
CE3 SRO X . 23.39 -4.86 -28.07
CB SRO X . 26.54 -5.76 -27.28
CA SRO X . 26.41 -6.45 -25.94
NZ SRO X . 27.70 -7.05 -25.61
C1 NAG Y . 46.34 -1.84 -45.91
C2 NAG Y . 47.76 -2.36 -45.70
C3 NAG Y . 48.37 -2.80 -47.03
C4 NAG Y . 47.48 -3.81 -47.73
C5 NAG Y . 46.08 -3.23 -47.90
C6 NAG Y . 45.09 -4.22 -48.46
C7 NAG Y . 48.70 -1.23 -43.74
C8 NAG Y . 49.61 -0.14 -43.25
N2 NAG Y . 48.59 -1.35 -45.07
O3 NAG Y . 49.65 -3.37 -46.79
O4 NAG Y . 48.01 -4.14 -49.00
O5 NAG Y . 45.56 -2.83 -46.62
O6 NAG Y . 44.35 -4.85 -47.44
O7 NAG Y . 48.09 -1.96 -42.97
#